data_8WUU
#
_entry.id   8WUU
#
_cell.length_a   1.00
_cell.length_b   1.00
_cell.length_c   1.00
_cell.angle_alpha   90.00
_cell.angle_beta   90.00
_cell.angle_gamma   90.00
#
_symmetry.space_group_name_H-M   'P 1'
#
loop_
_entity.id
_entity.type
_entity.pdbx_description
1 polymer 'CRISPR-associated endonuclease Cas9/Csn1'
2 polymer 'DNA (51-MER)'
3 polymer "DNA (5'-D(*TP*GP*AP*TP*GP*GP*CP*AP*GP*AP*GP*TP*AP*CP*TP*AP*G)-3')"
4 polymer 'RNA (137-MER)'
5 polymer 'DNA (34-MER)'
#
loop_
_entity_poly.entity_id
_entity_poly.type
_entity_poly.pdbx_seq_one_letter_code
_entity_poly.pdbx_strand_id
1 'polypeptide(L)'
;DKKYSIGLAIGTNSVGWAVITDEYKVPSKKFKVLGNTDRHSIKKNLIGALLFDSGETAEATRLKRTARRRYTRRKNRICY
LQEIFSNEMAKVDDSFFHRLEESFLVEEDKKHERHPIFGNIVDEVAYHEKYPTIYHLRKKLVDSTDKADLRLIYLALAHM
IKFRGHFLIEGDLNPDNSDVDKLFIQLVQTYNQLFEENPINASGVDAKAILSARLSKSRRLENLIAQLPGEKKNGLFGNL
IALSLGLTPNFKSNFDLAEDAKLQLSKDTYDDDLDNLLAQIGDQYADLFLAAKNLSDAILLSDILRVNTEITKAPLSASM
IKRYDEHHQDLTLLKALVRQQLPEKYKEIFFDQSKNGYAGYIDGGASQEEFYKFIKPILEKMDGTEELLVKLNREDLLRK
QRTFDNGSIPHQIHLGELHAILRRQEDFYPFLKDNREKIEKILTFRIPYYVGPLARGNSRFAWMTRKSEETITPWNFEEV
VDKGASAQSFIERMTNFDKNLPNEKVLPKHSLLYEYFTVYNELTKVKYVTEGMRKPAFLSGEQKKAIVDLLFKTNRKVTV
KQLKEDYFKKIECFDSVEISGVEDRFNASLGTYHDLLKIIKDKDFLDNEENEDILEDIVLTLTLFEDREMIEERLKTYAH
LFDDKVMKQLKRRRYTGWGRLSRKLINGIRDKQSGKTILDFLKSDGFANRNFMQLIHDDSLTFKEDIQKAQVSGQGDSLH
EHIANLAGSPAIKKGILQTVKVVDELVKVMGRHKPENIVIEMARENQTTQKGQKNSRERMKRIEEGIKELGSQILKEHPV
ENTQLQNEKLYLYYLQNGRDMYVDQELDINRLSDYDVDAIVPQSFLKDDSIDNKVLTRSDKNRGKSDNVPSEEVVKKMKN
YWRQLLNAKLITQRKFDNLTKAERGGLSELDKAGFIKRQLVETRQITKHVAQILDSRMNTKYDENDKLIREVKVITLKSK
LVSDFRKDFQFYKVREINNYHHAHDAYLNAVVGTALIKKYPKLESEFVYGDYKVYDVRKMIAKSEQEIGKATAKYFFYSN
IMNFFKTEITLANGEIRKRPLIETNGETGEIVWDKGRDFATVRKVLSMPQVNIVKKTEVQTGGFSKESILPKRNSDKLIA
RKKDWDPKKYGGFDSPTVAYSVLVVAKVEKGKSKKLKSVKELLGITIMERSSFEKNPIDFLEAKGYKEVKKDLIIKLPKY
SLFELENGRKRMLASAGELQKGNELALPSKYVNFLYLASHYEKLKGSPEDNEQKQLFVEQHKHYLDEIIEQISEFSKRVI
LADANLDKVLSAYNKHRDKPIREQAENIIHLFTLTNLGAPAAFKYFDTTIDRKRYTSTKEVLDATLIHQSITGLYETRID
LSQLGGD
;
A
2 'polydeoxyribonucleotide'
;(DC)(DT)(DA)(DG)(DT)(DA)(DC)(DT)(DC)(DT)(DG)(DC)(DC)(DA)(DT)(DC)(DA)(DG)(DA)(DG)
(DC)(DA)(DA)(DG)(DC)(DA)(DC)(DT)(DA)(DC)(DG)(DG)(DC)(DC)(DG)(DA)(DT)(DT)(DG)(DC)
(DT)(DC)(DT)(DA)(DA)(DG)(DT)(DG)(DA)(DT)(DC)
;
C
3 'polydeoxyribonucleotide' (DT)(DG)(DA)(DT)(DG)(DG)(DC)(DA)(DG)(DA)(DG)(DT)(DA)(DC)(DT)(DA)(DG) D
4 'polyribonucleotide'
;GGCCGUAGUGCUUGCUCUGAGUUUUAGAGCUAGAAAUAGCAAGUUAAAAUAAGGCUAGUCCGUUAUCAACUUGAAAAAGU
GGCACCGAGUCGGUGCAGGAGGAAGCAGUGCAACCAAACCACAGCGUGCUCAGUCUG
;
B
5 'polydeoxyribonucleotide'
;(DG)(DA)(DT)(DC)(DA)(DC)(DT)(DT)(DA)(DG)(DA)(DG)(DC)(DA)(DA)(DT)(DC)(DG)(DG)(DC)
(DC)(DC)(DA)(DG)(DA)(DC)(DT)(DG)(DA)(DG)(DC)(DA)(DC)(DG)
;
F
#
loop_
_chem_comp.id
_chem_comp.type
_chem_comp.name
_chem_comp.formula
A RNA linking ADENOSINE-5'-MONOPHOSPHATE 'C10 H14 N5 O7 P'
C RNA linking CYTIDINE-5'-MONOPHOSPHATE 'C9 H14 N3 O8 P'
DA DNA linking 2'-DEOXYADENOSINE-5'-MONOPHOSPHATE 'C10 H14 N5 O6 P'
DC DNA linking 2'-DEOXYCYTIDINE-5'-MONOPHOSPHATE 'C9 H14 N3 O7 P'
DG DNA linking 2'-DEOXYGUANOSINE-5'-MONOPHOSPHATE 'C10 H14 N5 O7 P'
DT DNA linking THYMIDINE-5'-MONOPHOSPHATE 'C10 H15 N2 O8 P'
G RNA linking GUANOSINE-5'-MONOPHOSPHATE 'C10 H14 N5 O8 P'
U RNA linking URIDINE-5'-MONOPHOSPHATE 'C9 H13 N2 O9 P'
#
# COMPACT_ATOMS: atom_id res chain seq x y z
N ASP A 1 -15.74 -21.80 41.75
CA ASP A 1 -15.61 -20.36 41.53
C ASP A 1 -14.31 -19.83 42.12
N LYS A 2 -13.56 -19.08 41.32
CA LYS A 2 -12.31 -18.50 41.77
C LYS A 2 -12.03 -17.27 40.93
N LYS A 3 -11.54 -16.22 41.58
CA LYS A 3 -11.21 -15.01 40.85
C LYS A 3 -10.00 -15.27 39.96
N TYR A 4 -10.10 -14.85 38.71
CA TYR A 4 -9.03 -15.10 37.75
C TYR A 4 -8.98 -13.94 36.77
N SER A 5 -7.87 -13.88 36.04
CA SER A 5 -7.62 -12.82 35.07
C SER A 5 -7.07 -13.44 33.80
N ILE A 6 -7.26 -12.73 32.69
CA ILE A 6 -6.81 -13.19 31.38
C ILE A 6 -5.78 -12.20 30.86
N GLY A 7 -4.62 -12.69 30.44
CA GLY A 7 -3.61 -11.87 29.82
C GLY A 7 -3.43 -12.31 28.37
N LEU A 8 -3.39 -11.34 27.46
CA LEU A 8 -3.32 -11.62 26.04
C LEU A 8 -2.22 -10.79 25.39
N ALA A 9 -1.53 -11.40 24.42
CA ALA A 9 -0.59 -10.70 23.57
C ALA A 9 -0.94 -10.97 22.13
N ILE A 10 -1.20 -9.91 21.38
CA ILE A 10 -1.72 -10.00 20.01
C ILE A 10 -0.62 -9.67 19.03
N GLY A 11 -0.40 -10.58 18.06
CA GLY A 11 0.53 -10.34 16.98
C GLY A 11 -0.18 -10.46 15.64
N THR A 12 0.56 -10.13 14.58
CA THR A 12 0.00 -10.24 13.24
C THR A 12 -0.22 -11.70 12.86
N ASN A 13 0.59 -12.61 13.38
CA ASN A 13 0.46 -14.03 13.07
C ASN A 13 0.62 -14.87 14.32
N SER A 14 0.12 -14.36 15.45
CA SER A 14 0.17 -15.11 16.70
C SER A 14 -0.68 -14.39 17.74
N VAL A 15 -1.37 -15.16 18.58
CA VAL A 15 -2.17 -14.61 19.67
C VAL A 15 -1.96 -15.46 20.91
N GLY A 16 -1.18 -14.97 21.87
CA GLY A 16 -0.98 -15.69 23.11
C GLY A 16 -2.01 -15.32 24.16
N TRP A 17 -2.31 -16.28 25.04
CA TRP A 17 -3.29 -16.11 26.09
C TRP A 17 -2.83 -16.83 27.34
N ALA A 18 -3.37 -16.41 28.47
CA ALA A 18 -2.99 -17.01 29.74
C ALA A 18 -4.07 -16.68 30.77
N VAL A 19 -4.40 -17.66 31.60
CA VAL A 19 -5.34 -17.47 32.69
C VAL A 19 -4.56 -17.60 33.99
N ILE A 20 -4.68 -16.61 34.87
CA ILE A 20 -3.96 -16.63 36.14
C ILE A 20 -4.95 -16.42 37.27
N THR A 21 -4.59 -16.94 38.43
CA THR A 21 -5.38 -16.79 39.65
C THR A 21 -4.82 -15.64 40.48
N ASP A 22 -5.29 -15.54 41.73
CA ASP A 22 -4.89 -14.42 42.58
C ASP A 22 -3.38 -14.42 42.87
N GLU A 23 -2.80 -15.59 43.13
CA GLU A 23 -1.38 -15.67 43.47
C GLU A 23 -0.49 -15.78 42.24
N TYR A 24 -0.98 -15.35 41.07
CA TYR A 24 -0.21 -15.40 39.83
C TYR A 24 0.22 -16.83 39.49
N LYS A 25 -0.66 -17.79 39.73
CA LYS A 25 -0.43 -19.19 39.39
C LYS A 25 -1.40 -19.59 38.29
N VAL A 26 -0.86 -20.16 37.22
CA VAL A 26 -1.67 -20.64 36.10
C VAL A 26 -2.36 -21.95 36.48
N PRO A 27 -3.69 -22.05 36.36
CA PRO A 27 -4.40 -23.25 36.78
C PRO A 27 -4.12 -24.45 35.89
N SER A 28 -4.75 -25.58 36.18
CA SER A 28 -4.58 -26.79 35.38
C SER A 28 -5.77 -27.71 35.63
N LYS A 29 -6.51 -28.07 34.58
CA LYS A 29 -7.70 -28.89 34.74
C LYS A 29 -7.77 -29.98 33.68
N LYS A 30 -8.41 -31.09 34.03
CA LYS A 30 -8.65 -32.19 33.11
C LYS A 30 -9.74 -31.82 32.10
N PHE A 31 -9.56 -32.25 30.86
CA PHE A 31 -10.48 -31.97 29.77
C PHE A 31 -10.92 -33.26 29.10
N LYS A 32 -12.22 -33.43 28.87
CA LYS A 32 -12.69 -34.63 28.20
C LYS A 32 -12.31 -34.62 26.73
N VAL A 33 -11.88 -35.78 26.23
CA VAL A 33 -11.50 -35.97 24.83
C VAL A 33 -12.54 -36.83 24.14
N LEU A 34 -13.08 -36.31 23.05
CA LEU A 34 -14.05 -37.05 22.26
C LEU A 34 -13.36 -37.79 21.13
N GLY A 35 -14.04 -38.76 20.57
CA GLY A 35 -13.50 -39.53 19.47
C GLY A 35 -13.65 -41.00 19.72
N ASN A 36 -13.09 -41.80 18.82
CA ASN A 36 -13.17 -43.25 18.91
C ASN A 36 -11.96 -43.89 19.57
N THR A 37 -10.98 -43.10 20.02
CA THR A 37 -9.83 -43.66 20.69
C THR A 37 -10.19 -44.03 22.13
N ASP A 38 -9.26 -44.72 22.79
CA ASP A 38 -9.44 -45.14 24.17
C ASP A 38 -9.12 -44.03 25.18
N ARG A 39 -8.49 -42.94 24.76
CA ARG A 39 -8.20 -41.82 25.65
C ARG A 39 -9.46 -40.99 25.81
N HIS A 40 -9.93 -40.82 27.05
CA HIS A 40 -11.13 -40.05 27.32
C HIS A 40 -10.90 -38.79 28.13
N SER A 41 -9.68 -38.55 28.58
CA SER A 41 -9.39 -37.34 29.35
C SER A 41 -7.91 -37.04 29.21
N ILE A 42 -7.58 -35.77 29.40
CA ILE A 42 -6.21 -35.31 29.26
C ILE A 42 -6.04 -34.06 30.12
N LYS A 43 -4.88 -33.92 30.74
CA LYS A 43 -4.61 -32.80 31.63
C LYS A 43 -3.81 -31.75 30.88
N LYS A 44 -4.28 -30.50 30.94
CA LYS A 44 -3.60 -29.41 30.26
C LYS A 44 -3.63 -28.16 31.12
N ASN A 45 -2.62 -27.31 30.95
CA ASN A 45 -2.54 -26.05 31.65
C ASN A 45 -3.23 -24.96 30.85
N LEU A 46 -3.75 -23.96 31.55
CA LEU A 46 -4.46 -22.87 30.90
C LEU A 46 -3.46 -21.76 30.51
N ILE A 47 -2.65 -22.10 29.52
CA ILE A 47 -1.61 -21.22 29.00
C ILE A 47 -1.30 -21.70 27.59
N GLY A 48 -1.21 -20.76 26.65
CA GLY A 48 -0.91 -21.17 25.29
C GLY A 48 -0.99 -20.01 24.32
N ALA A 49 -0.96 -20.36 23.03
CA ALA A 49 -1.01 -19.37 21.96
C ALA A 49 -1.56 -20.02 20.70
N LEU A 50 -2.15 -19.19 19.84
CA LEU A 50 -2.72 -19.63 18.57
C LEU A 50 -1.97 -18.94 17.44
N LEU A 51 -1.43 -19.72 16.51
CA LEU A 51 -0.65 -19.21 15.39
C LEU A 51 -1.43 -19.36 14.10
N PHE A 52 -1.36 -18.34 13.25
CA PHE A 52 -2.07 -18.37 11.99
C PHE A 52 -1.29 -17.61 10.94
N ASP A 53 -1.58 -17.90 9.68
CA ASP A 53 -0.97 -17.16 8.59
C ASP A 53 -1.51 -15.74 8.53
N SER A 54 -0.64 -14.82 8.15
CA SER A 54 -0.99 -13.40 8.14
C SER A 54 -2.05 -13.12 7.09
N GLY A 55 -2.95 -12.19 7.41
CA GLY A 55 -3.96 -11.78 6.47
C GLY A 55 -3.36 -10.95 5.36
N GLU A 56 -4.15 -10.74 4.31
CA GLU A 56 -3.69 -10.05 3.12
C GLU A 56 -4.67 -8.95 2.76
N THR A 57 -4.16 -7.97 2.03
CA THR A 57 -4.99 -6.88 1.53
C THR A 57 -5.59 -7.26 0.18
N ALA A 58 -6.66 -6.57 -0.20
CA ALA A 58 -7.36 -6.84 -1.44
C ALA A 58 -6.75 -6.12 -2.62
N GLU A 59 -5.52 -5.63 -2.48
CA GLU A 59 -4.90 -4.87 -3.57
C GLU A 59 -4.65 -5.77 -4.78
N ALA A 60 -4.08 -6.96 -4.55
CA ALA A 60 -3.80 -7.85 -5.66
C ALA A 60 -5.09 -8.28 -6.35
N THR A 61 -6.13 -8.55 -5.56
CA THR A 61 -7.42 -8.89 -6.16
C THR A 61 -7.96 -7.75 -6.99
N ARG A 62 -7.84 -6.51 -6.51
CA ARG A 62 -8.33 -5.37 -7.28
C ARG A 62 -7.56 -5.23 -8.59
N LEU A 63 -6.24 -5.41 -8.54
CA LEU A 63 -5.44 -5.31 -9.76
C LEU A 63 -5.86 -6.37 -10.76
N LYS A 64 -6.07 -7.60 -10.30
CA LYS A 64 -6.49 -8.66 -11.19
C LYS A 64 -7.85 -8.36 -11.78
N ARG A 65 -8.77 -7.84 -10.98
CA ARG A 65 -10.11 -7.54 -11.47
C ARG A 65 -10.06 -6.47 -12.56
N THR A 66 -9.28 -5.42 -12.34
CA THR A 66 -9.17 -4.38 -13.35
C THR A 66 -8.56 -4.92 -14.63
N ALA A 67 -7.54 -5.77 -14.53
CA ALA A 67 -6.94 -6.36 -15.72
C ALA A 67 -7.95 -7.20 -16.50
N ARG A 68 -8.77 -7.99 -15.79
CA ARG A 68 -9.79 -8.77 -16.45
C ARG A 68 -10.75 -7.88 -17.21
N ARG A 69 -11.20 -6.80 -16.58
CA ARG A 69 -12.12 -5.88 -17.24
C ARG A 69 -11.48 -5.26 -18.48
N ARG A 70 -10.19 -4.93 -18.38
CA ARG A 70 -9.48 -4.35 -19.52
C ARG A 70 -9.44 -5.31 -20.70
N TYR A 71 -9.14 -6.58 -20.45
CA TYR A 71 -9.10 -7.55 -21.54
C TYR A 71 -10.46 -7.72 -22.20
N THR A 72 -11.52 -7.78 -21.38
CA THR A 72 -12.85 -7.90 -21.95
C THR A 72 -13.18 -6.70 -22.85
N ARG A 73 -12.86 -5.50 -22.38
CA ARG A 73 -13.18 -4.32 -23.18
C ARG A 73 -12.36 -4.28 -24.46
N ARG A 74 -11.11 -4.72 -24.42
CA ARG A 74 -10.31 -4.74 -25.65
C ARG A 74 -10.89 -5.68 -26.69
N LYS A 75 -11.30 -6.88 -26.28
CA LYS A 75 -11.95 -7.77 -27.23
C LYS A 75 -13.22 -7.13 -27.77
N ASN A 76 -13.96 -6.41 -26.93
CA ASN A 76 -15.17 -5.76 -27.41
C ASN A 76 -14.85 -4.71 -28.48
N ARG A 77 -13.75 -3.97 -28.31
CA ARG A 77 -13.36 -3.00 -29.33
C ARG A 77 -13.07 -3.68 -30.66
N ILE A 78 -12.30 -4.76 -30.62
CA ILE A 78 -12.00 -5.47 -31.85
C ILE A 78 -13.27 -6.01 -32.49
N CYS A 79 -14.21 -6.50 -31.68
CA CYS A 79 -15.46 -6.99 -32.22
C CYS A 79 -16.25 -5.87 -32.89
N TYR A 80 -16.23 -4.68 -32.31
CA TYR A 80 -16.90 -3.55 -32.97
C TYR A 80 -16.30 -3.28 -34.33
N LEU A 81 -14.97 -3.29 -34.43
CA LEU A 81 -14.34 -3.05 -35.72
C LEU A 81 -14.70 -4.13 -36.73
N GLN A 82 -14.69 -5.39 -36.30
CA GLN A 82 -15.06 -6.47 -37.20
C GLN A 82 -16.50 -6.34 -37.66
N GLU A 83 -17.39 -5.97 -36.75
CA GLU A 83 -18.79 -5.79 -37.10
C GLU A 83 -18.94 -4.68 -38.14
N ILE A 84 -18.11 -3.64 -38.03
CA ILE A 84 -18.13 -2.60 -39.05
C ILE A 84 -17.70 -3.16 -40.40
N PHE A 85 -16.65 -3.98 -40.41
CA PHE A 85 -16.09 -4.46 -41.68
C PHE A 85 -16.83 -5.64 -42.30
N SER A 86 -17.77 -6.26 -41.56
CA SER A 86 -18.23 -7.61 -41.90
C SER A 86 -18.72 -7.73 -43.34
N ASN A 87 -19.55 -6.80 -43.80
CA ASN A 87 -20.17 -6.99 -45.12
C ASN A 87 -19.15 -6.99 -46.24
N GLU A 88 -18.28 -5.98 -46.27
CA GLU A 88 -17.29 -5.91 -47.34
C GLU A 88 -16.23 -6.99 -47.19
N MET A 89 -15.86 -7.36 -45.96
CA MET A 89 -14.92 -8.47 -45.84
C MET A 89 -15.53 -9.78 -46.30
N ALA A 90 -16.84 -9.95 -46.13
CA ALA A 90 -17.48 -11.14 -46.67
C ALA A 90 -17.50 -11.08 -48.19
N LYS A 91 -17.66 -9.90 -48.76
CA LYS A 91 -17.59 -9.80 -50.22
C LYS A 91 -16.20 -10.15 -50.74
N VAL A 92 -15.15 -9.72 -50.02
CA VAL A 92 -13.79 -9.91 -50.53
C VAL A 92 -13.27 -11.30 -50.21
N ASP A 93 -13.13 -11.61 -48.92
CA ASP A 93 -12.64 -12.92 -48.47
C ASP A 93 -13.46 -13.30 -47.24
N ASP A 94 -14.46 -14.15 -47.44
CA ASP A 94 -15.45 -14.36 -46.40
C ASP A 94 -14.89 -15.06 -45.16
N SER A 95 -13.88 -15.91 -45.33
CA SER A 95 -13.37 -16.67 -44.19
C SER A 95 -12.21 -15.96 -43.50
N PHE A 96 -12.00 -14.67 -43.77
CA PHE A 96 -10.85 -13.97 -43.22
C PHE A 96 -10.91 -13.89 -41.71
N PHE A 97 -12.06 -13.47 -41.17
CA PHE A 97 -12.16 -13.32 -39.72
C PHE A 97 -12.12 -14.68 -39.05
N HIS A 98 -12.70 -15.70 -39.69
CA HIS A 98 -12.62 -17.04 -39.15
C HIS A 98 -11.18 -17.52 -39.06
N ARG A 99 -10.38 -17.23 -40.09
CA ARG A 99 -8.96 -17.57 -40.04
C ARG A 99 -8.25 -16.81 -38.94
N LEU A 100 -8.61 -15.55 -38.75
CA LEU A 100 -7.99 -14.74 -37.70
C LEU A 100 -8.28 -15.31 -36.32
N GLU A 101 -9.51 -15.76 -36.08
CA GLU A 101 -9.88 -16.25 -34.75
C GLU A 101 -9.13 -17.52 -34.38
N GLU A 102 -8.90 -18.41 -35.35
CA GLU A 102 -8.32 -19.71 -35.06
C GLU A 102 -6.82 -19.77 -35.34
N SER A 103 -6.12 -18.64 -35.24
CA SER A 103 -4.69 -18.67 -35.49
C SER A 103 -3.97 -19.54 -34.47
N PHE A 104 -4.34 -19.43 -33.19
CA PHE A 104 -3.77 -20.28 -32.15
C PHE A 104 -4.39 -21.66 -32.28
N LEU A 105 -3.90 -22.42 -33.24
CA LEU A 105 -4.39 -23.77 -33.45
C LEU A 105 -3.36 -24.53 -34.27
N VAL A 106 -3.17 -25.81 -33.96
CA VAL A 106 -2.27 -26.63 -34.76
C VAL A 106 -2.95 -26.85 -36.10
N GLU A 107 -2.21 -27.36 -37.09
CA GLU A 107 -2.77 -27.47 -38.43
C GLU A 107 -3.99 -28.37 -38.47
N GLU A 108 -3.95 -29.49 -37.74
CA GLU A 108 -5.05 -30.44 -37.81
C GLU A 108 -6.32 -29.91 -37.15
N ASP A 109 -6.22 -28.86 -36.35
CA ASP A 109 -7.39 -28.31 -35.68
C ASP A 109 -8.06 -27.20 -36.47
N LYS A 110 -7.29 -26.49 -37.32
CA LYS A 110 -7.90 -25.46 -38.16
C LYS A 110 -8.80 -26.11 -39.18
N LYS A 111 -9.97 -25.52 -39.40
CA LYS A 111 -10.84 -25.95 -40.48
C LYS A 111 -10.61 -25.14 -41.75
N HIS A 112 -9.67 -24.21 -41.74
CA HIS A 112 -9.34 -23.42 -42.92
C HIS A 112 -7.85 -23.55 -43.24
N GLU A 113 -7.37 -22.77 -44.20
CA GLU A 113 -5.95 -22.79 -44.51
C GLU A 113 -5.15 -22.18 -43.36
N ARG A 114 -3.92 -22.66 -43.20
CA ARG A 114 -3.07 -22.24 -42.10
C ARG A 114 -2.65 -20.78 -42.23
N HIS A 115 -2.46 -20.30 -43.45
CA HIS A 115 -2.07 -18.90 -43.64
C HIS A 115 -3.26 -17.99 -43.36
N PRO A 116 -3.13 -17.03 -42.45
CA PRO A 116 -4.32 -16.33 -41.95
C PRO A 116 -4.80 -15.15 -42.76
N ILE A 117 -3.96 -14.50 -43.56
CA ILE A 117 -4.40 -13.28 -44.21
C ILE A 117 -4.97 -13.57 -45.59
N PHE A 118 -4.17 -14.12 -46.49
CA PHE A 118 -4.62 -14.36 -47.84
C PHE A 118 -5.03 -15.79 -48.09
N GLY A 119 -4.56 -16.73 -47.28
CA GLY A 119 -4.97 -18.11 -47.40
C GLY A 119 -4.19 -18.96 -48.36
N ASN A 120 -3.23 -18.39 -49.09
CA ASN A 120 -2.37 -19.17 -49.97
C ASN A 120 -0.92 -18.76 -49.77
N ILE A 121 -0.03 -19.74 -49.94
CA ILE A 121 1.36 -19.61 -49.53
C ILE A 121 2.07 -18.53 -50.34
N VAL A 122 1.79 -18.46 -51.64
CA VAL A 122 2.45 -17.46 -52.48
C VAL A 122 2.09 -16.06 -52.02
N ASP A 123 0.81 -15.80 -51.80
CA ASP A 123 0.38 -14.49 -51.38
C ASP A 123 0.93 -14.13 -50.01
N GLU A 124 0.92 -15.10 -49.07
CA GLU A 124 1.43 -14.81 -47.74
C GLU A 124 2.92 -14.48 -47.77
N VAL A 125 3.70 -15.26 -48.52
CA VAL A 125 5.14 -14.99 -48.60
C VAL A 125 5.40 -13.64 -49.23
N ALA A 126 4.67 -13.31 -50.30
CA ALA A 126 4.84 -12.01 -50.95
C ALA A 126 4.50 -10.87 -49.99
N TYR A 127 3.42 -11.02 -49.23
CA TYR A 127 3.04 -9.97 -48.29
C TYR A 127 4.13 -9.78 -47.24
N HIS A 128 4.65 -10.87 -46.69
CA HIS A 128 5.69 -10.72 -45.67
C HIS A 128 6.99 -10.18 -46.24
N GLU A 129 7.28 -10.48 -47.51
CA GLU A 129 8.45 -9.88 -48.15
C GLU A 129 8.27 -8.38 -48.32
N LYS A 130 7.08 -7.94 -48.75
CA LYS A 130 6.86 -6.52 -48.98
C LYS A 130 6.81 -5.73 -47.68
N TYR A 131 6.14 -6.26 -46.66
CA TYR A 131 6.00 -5.58 -45.37
C TYR A 131 6.57 -6.47 -44.26
N PRO A 132 7.87 -6.38 -43.97
CA PRO A 132 8.43 -7.22 -42.91
C PRO A 132 7.82 -6.98 -41.55
N THR A 133 7.39 -5.75 -41.24
CA THR A 133 6.71 -5.44 -40.00
C THR A 133 5.41 -4.72 -40.30
N ILE A 134 4.54 -4.67 -39.29
CA ILE A 134 3.26 -3.99 -39.46
C ILE A 134 3.47 -2.50 -39.68
N TYR A 135 4.58 -1.96 -39.20
CA TYR A 135 4.82 -0.53 -39.37
C TYR A 135 5.13 -0.17 -40.81
N HIS A 136 5.74 -1.08 -41.57
CA HIS A 136 5.88 -0.87 -43.00
C HIS A 136 4.52 -0.73 -43.67
N LEU A 137 3.59 -1.61 -43.30
CA LEU A 137 2.25 -1.54 -43.86
C LEU A 137 1.55 -0.26 -43.44
N ARG A 138 1.70 0.14 -42.18
CA ARG A 138 1.05 1.35 -41.72
C ARG A 138 1.55 2.58 -42.46
N LYS A 139 2.87 2.68 -42.64
CA LYS A 139 3.40 3.82 -43.38
C LYS A 139 2.98 3.79 -44.84
N LYS A 140 2.96 2.60 -45.46
CA LYS A 140 2.52 2.53 -46.85
C LYS A 140 1.08 2.98 -46.99
N LEU A 141 0.20 2.53 -46.10
CA LEU A 141 -1.20 2.93 -46.19
C LEU A 141 -1.37 4.42 -45.96
N VAL A 142 -0.60 4.99 -45.02
CA VAL A 142 -0.73 6.41 -44.73
C VAL A 142 -0.27 7.25 -45.92
N ASP A 143 0.85 6.88 -46.55
CA ASP A 143 1.45 7.75 -47.56
C ASP A 143 0.92 7.50 -48.96
N SER A 144 0.78 6.26 -49.38
CA SER A 144 0.36 5.97 -50.75
C SER A 144 -1.07 6.42 -50.98
N THR A 145 -1.39 6.72 -52.25
CA THR A 145 -2.69 7.25 -52.61
C THR A 145 -3.57 6.27 -53.38
N ASP A 146 -3.04 5.13 -53.82
CA ASP A 146 -3.79 4.19 -54.61
C ASP A 146 -4.64 3.27 -53.73
N LYS A 147 -5.44 2.43 -54.39
CA LYS A 147 -6.30 1.49 -53.69
C LYS A 147 -5.48 0.47 -52.92
N ALA A 148 -5.98 0.09 -51.75
CA ALA A 148 -5.33 -0.91 -50.91
C ALA A 148 -6.30 -2.03 -50.64
N ASP A 149 -5.74 -3.22 -50.41
CA ASP A 149 -6.59 -4.37 -50.15
C ASP A 149 -7.32 -4.20 -48.83
N LEU A 150 -8.60 -4.59 -48.82
CA LEU A 150 -9.44 -4.35 -47.66
C LEU A 150 -8.92 -5.09 -46.44
N ARG A 151 -8.37 -6.28 -46.64
CA ARG A 151 -7.78 -6.99 -45.50
C ARG A 151 -6.61 -6.21 -44.93
N LEU A 152 -5.81 -5.58 -45.79
CA LEU A 152 -4.69 -4.77 -45.31
C LEU A 152 -5.18 -3.57 -44.52
N ILE A 153 -6.21 -2.90 -45.01
CA ILE A 153 -6.76 -1.77 -44.27
C ILE A 153 -7.25 -2.22 -42.91
N TYR A 154 -7.98 -3.34 -42.86
CA TYR A 154 -8.46 -3.81 -41.58
C TYR A 154 -7.31 -4.16 -40.65
N LEU A 155 -6.26 -4.77 -41.18
CA LEU A 155 -5.15 -5.18 -40.32
C LEU A 155 -4.47 -3.97 -39.68
N ALA A 156 -4.22 -2.92 -40.47
CA ALA A 156 -3.60 -1.72 -39.91
C ALA A 156 -4.51 -1.10 -38.86
N LEU A 157 -5.80 -0.98 -39.17
CA LEU A 157 -6.73 -0.39 -38.21
C LEU A 157 -6.81 -1.22 -36.94
N ALA A 158 -6.82 -2.54 -37.07
CA ALA A 158 -6.92 -3.39 -35.90
C ALA A 158 -5.68 -3.27 -35.02
N HIS A 159 -4.49 -3.20 -35.61
CA HIS A 159 -3.31 -2.98 -34.80
C HIS A 159 -3.40 -1.67 -34.04
N MET A 160 -3.81 -0.61 -34.73
CA MET A 160 -3.92 0.70 -34.08
C MET A 160 -4.93 0.69 -32.95
N ILE A 161 -6.09 0.07 -33.17
CA ILE A 161 -7.15 0.08 -32.16
C ILE A 161 -6.80 -0.83 -30.99
N LYS A 162 -6.19 -1.99 -31.26
CA LYS A 162 -5.82 -2.89 -30.18
C LYS A 162 -4.76 -2.29 -29.28
N PHE A 163 -3.77 -1.61 -29.85
CA PHE A 163 -2.72 -0.97 -29.06
C PHE A 163 -2.80 0.54 -29.24
N ARG A 164 -3.55 1.20 -28.37
CA ARG A 164 -3.84 2.63 -28.53
C ARG A 164 -2.69 3.50 -28.04
N GLY A 165 -2.36 3.42 -26.76
CA GLY A 165 -1.40 4.32 -26.16
C GLY A 165 -1.99 5.01 -24.94
N HIS A 166 -1.10 5.67 -24.20
CA HIS A 166 -1.50 6.28 -22.95
C HIS A 166 -2.36 7.51 -23.18
N PHE A 167 -3.28 7.76 -22.25
CA PHE A 167 -4.19 8.89 -22.31
C PHE A 167 -3.78 10.01 -21.36
N LEU A 168 -2.49 10.14 -21.06
CA LEU A 168 -2.06 11.16 -20.10
C LEU A 168 -2.30 12.57 -20.65
N ILE A 169 -2.01 12.79 -21.92
CA ILE A 169 -2.13 14.12 -22.50
C ILE A 169 -3.50 14.27 -23.12
N GLU A 170 -4.24 15.28 -22.70
CA GLU A 170 -5.55 15.57 -23.24
C GLU A 170 -5.49 16.72 -24.22
N GLY A 171 -6.52 16.80 -25.07
CA GLY A 171 -6.56 17.81 -26.10
C GLY A 171 -6.17 17.24 -27.45
N ASP A 172 -5.38 17.97 -28.22
CA ASP A 172 -4.97 17.52 -29.54
C ASP A 172 -3.48 17.71 -29.70
N LEU A 173 -2.87 16.82 -30.48
CA LEU A 173 -1.43 16.86 -30.76
C LEU A 173 -1.22 16.95 -32.26
N ASN A 174 -0.35 17.86 -32.67
CA ASN A 174 0.02 17.98 -34.08
C ASN A 174 1.43 17.45 -34.24
N PRO A 175 1.62 16.29 -34.88
CA PRO A 175 2.97 15.74 -34.98
C PRO A 175 3.92 16.57 -35.83
N ASP A 176 3.41 17.50 -36.63
CA ASP A 176 4.28 18.29 -37.49
C ASP A 176 5.24 19.15 -36.68
N ASN A 177 4.82 19.60 -35.49
CA ASN A 177 5.69 20.36 -34.61
C ASN A 177 6.71 19.40 -34.00
N SER A 178 7.88 19.34 -34.59
CA SER A 178 8.95 18.46 -34.12
C SER A 178 10.23 19.21 -33.80
N ASP A 179 10.56 20.24 -34.57
CA ASP A 179 11.76 21.02 -34.29
C ASP A 179 11.57 21.87 -33.04
N VAL A 180 12.54 21.82 -32.15
CA VAL A 180 12.48 22.59 -30.92
C VAL A 180 13.04 23.99 -31.13
N ASP A 181 14.19 24.09 -31.79
CA ASP A 181 14.83 25.38 -31.99
C ASP A 181 13.98 26.31 -32.85
N LYS A 182 13.38 25.78 -33.92
CA LYS A 182 12.58 26.63 -34.81
C LYS A 182 11.38 27.21 -34.07
N LEU A 183 10.70 26.39 -33.27
CA LEU A 183 9.55 26.88 -32.54
C LEU A 183 9.96 27.82 -31.43
N PHE A 184 11.11 27.57 -30.80
CA PHE A 184 11.63 28.50 -29.81
C PHE A 184 11.91 29.86 -30.44
N ILE A 185 12.49 29.86 -31.63
CA ILE A 185 12.77 31.10 -32.34
C ILE A 185 11.47 31.80 -32.71
N GLN A 186 10.46 31.04 -33.15
CA GLN A 186 9.18 31.65 -33.49
C GLN A 186 8.53 32.27 -32.26
N LEU A 187 8.60 31.59 -31.12
CA LEU A 187 8.03 32.12 -29.88
C LEU A 187 8.75 33.40 -29.48
N VAL A 188 10.07 33.41 -29.57
CA VAL A 188 10.82 34.63 -29.22
C VAL A 188 10.46 35.76 -30.18
N GLN A 189 10.28 35.43 -31.46
CA GLN A 189 9.89 36.44 -32.44
C GLN A 189 8.54 37.05 -32.11
N THR A 190 7.57 36.20 -31.77
CA THR A 190 6.25 36.72 -31.38
C THR A 190 6.33 37.56 -30.11
N TYR A 191 7.11 37.11 -29.14
CA TYR A 191 7.27 37.87 -27.90
C TYR A 191 7.88 39.24 -28.18
N ASN A 192 8.89 39.30 -29.04
CA ASN A 192 9.50 40.57 -29.38
C ASN A 192 8.53 41.46 -30.15
N GLN A 193 7.75 40.86 -31.06
CA GLN A 193 6.79 41.64 -31.84
C GLN A 193 5.71 42.24 -30.95
N LEU A 194 5.20 41.48 -29.98
CA LEU A 194 4.19 42.02 -29.09
C LEU A 194 4.80 42.98 -28.08
N PHE A 195 5.71 42.48 -27.25
CA PHE A 195 6.37 43.28 -26.22
C PHE A 195 7.53 44.02 -26.88
N GLU A 196 7.19 45.13 -27.54
CA GLU A 196 8.19 45.90 -28.27
C GLU A 196 9.06 46.73 -27.33
N GLU A 197 8.50 47.22 -26.23
CA GLU A 197 9.25 48.11 -25.35
C GLU A 197 10.45 47.40 -24.74
N ASN A 198 10.29 46.14 -24.36
CA ASN A 198 11.35 45.36 -23.74
C ASN A 198 11.51 44.06 -24.52
N PRO A 199 12.19 44.11 -25.66
CA PRO A 199 12.39 42.88 -26.43
C PRO A 199 13.33 41.92 -25.71
N ILE A 200 13.20 40.65 -26.07
CA ILE A 200 13.98 39.57 -25.45
C ILE A 200 14.89 38.97 -26.51
N ASN A 201 16.16 38.82 -26.16
CA ASN A 201 17.15 38.22 -27.04
C ASN A 201 17.55 36.86 -26.48
N ALA A 202 17.55 35.85 -27.35
CA ALA A 202 17.87 34.48 -26.95
C ALA A 202 18.87 33.84 -27.91
N SER A 203 19.55 34.64 -28.73
CA SER A 203 20.51 34.10 -29.67
C SER A 203 21.72 33.53 -28.93
N GLY A 204 22.31 32.49 -29.52
CA GLY A 204 23.46 31.87 -28.90
C GLY A 204 23.16 31.00 -27.71
N VAL A 205 21.91 30.55 -27.58
CA VAL A 205 21.48 29.70 -26.47
C VAL A 205 21.03 28.36 -27.04
N ASP A 206 21.58 27.28 -26.47
CA ASP A 206 21.23 25.93 -26.92
C ASP A 206 19.85 25.57 -26.37
N ALA A 207 18.82 26.10 -27.02
CA ALA A 207 17.46 25.90 -26.57
C ALA A 207 17.07 24.43 -26.62
N LYS A 208 17.46 23.73 -27.70
CA LYS A 208 17.11 22.31 -27.82
C LYS A 208 17.70 21.50 -26.68
N ALA A 209 19.00 21.66 -26.42
CA ALA A 209 19.63 20.90 -25.35
C ALA A 209 19.06 21.28 -23.99
N ILE A 210 18.79 22.57 -23.78
CA ILE A 210 18.30 23.03 -22.48
C ILE A 210 16.91 22.46 -22.22
N LEU A 211 16.01 22.57 -23.20
CA LEU A 211 14.63 22.16 -23.01
C LEU A 211 14.48 20.65 -23.04
N SER A 212 15.27 19.96 -23.85
CA SER A 212 15.20 18.51 -23.98
C SER A 212 16.17 17.80 -23.05
N ALA A 213 16.57 18.46 -21.96
CA ALA A 213 17.48 17.82 -21.01
C ALA A 213 16.77 16.71 -20.25
N ARG A 214 17.57 15.77 -19.74
CA ARG A 214 17.03 14.65 -18.98
C ARG A 214 16.76 15.00 -17.53
N LEU A 215 17.08 16.22 -17.11
CA LEU A 215 16.84 16.66 -15.75
C LEU A 215 15.35 16.90 -15.52
N SER A 216 15.02 17.38 -14.33
CA SER A 216 13.63 17.67 -14.01
C SER A 216 13.15 18.88 -14.81
N LYS A 217 11.83 18.99 -14.92
CA LYS A 217 11.24 20.12 -15.63
C LYS A 217 11.59 21.44 -14.95
N SER A 218 11.52 21.47 -13.61
CA SER A 218 11.90 22.67 -12.87
C SER A 218 13.36 23.01 -13.08
N ARG A 219 14.23 22.00 -13.08
CA ARG A 219 15.65 22.24 -13.32
C ARG A 219 15.89 22.78 -14.71
N ARG A 220 15.19 22.24 -15.71
CA ARG A 220 15.32 22.74 -17.07
C ARG A 220 14.86 24.19 -17.18
N LEU A 221 13.73 24.51 -16.53
CA LEU A 221 13.26 25.89 -16.53
C LEU A 221 14.26 26.82 -15.86
N GLU A 222 14.84 26.38 -14.74
CA GLU A 222 15.84 27.20 -14.06
C GLU A 222 17.06 27.42 -14.93
N ASN A 223 17.52 26.37 -15.60
CA ASN A 223 18.68 26.50 -16.49
C ASN A 223 18.39 27.47 -17.63
N LEU A 224 17.21 27.35 -18.25
CA LEU A 224 16.87 28.24 -19.33
C LEU A 224 16.76 29.68 -18.86
N ILE A 225 16.19 29.88 -17.66
CA ILE A 225 16.09 31.23 -17.10
C ILE A 225 17.48 31.80 -16.86
N ALA A 226 18.39 30.98 -16.31
CA ALA A 226 19.74 31.44 -16.05
C ALA A 226 20.45 31.82 -17.34
N GLN A 227 20.26 31.01 -18.40
CA GLN A 227 20.90 31.26 -19.69
C GLN A 227 20.10 32.21 -20.57
N LEU A 228 19.18 32.99 -19.99
CA LEU A 228 18.38 33.93 -20.75
C LEU A 228 18.39 35.28 -20.03
N PRO A 229 18.86 36.35 -20.67
CA PRO A 229 18.85 37.67 -20.03
C PRO A 229 17.57 38.44 -20.29
N GLY A 230 17.33 39.44 -19.44
CA GLY A 230 16.18 40.29 -19.56
C GLY A 230 14.94 39.82 -18.84
N GLU A 231 14.94 38.61 -18.30
CA GLU A 231 13.80 38.07 -17.60
C GLU A 231 14.27 36.97 -16.66
N LYS A 232 13.40 36.64 -15.69
CA LYS A 232 13.68 35.55 -14.77
C LYS A 232 12.39 34.80 -14.52
N LYS A 233 12.40 33.94 -13.49
CA LYS A 233 11.21 33.19 -13.13
C LYS A 233 10.11 34.15 -12.68
N ASN A 234 8.87 33.72 -12.88
CA ASN A 234 7.64 34.45 -12.56
C ASN A 234 7.43 35.65 -13.45
N GLY A 235 8.32 35.91 -14.40
CA GLY A 235 8.08 36.92 -15.42
C GLY A 235 7.16 36.37 -16.49
N LEU A 236 6.84 37.24 -17.45
CA LEU A 236 5.96 36.82 -18.53
C LEU A 236 6.62 35.72 -19.37
N PHE A 237 7.86 35.95 -19.79
CA PHE A 237 8.56 34.95 -20.59
C PHE A 237 8.85 33.69 -19.80
N GLY A 238 9.21 33.83 -18.52
CA GLY A 238 9.44 32.67 -17.70
C GLY A 238 8.19 31.83 -17.53
N ASN A 239 7.05 32.49 -17.32
CA ASN A 239 5.78 31.77 -17.23
C ASN A 239 5.44 31.08 -18.54
N LEU A 240 5.69 31.76 -19.67
CA LEU A 240 5.44 31.13 -20.96
C LEU A 240 6.29 29.88 -21.15
N ILE A 241 7.57 29.96 -20.78
CA ILE A 241 8.45 28.80 -20.91
C ILE A 241 7.99 27.68 -19.99
N ALA A 242 7.61 28.02 -18.75
CA ALA A 242 7.14 27.00 -17.83
C ALA A 242 5.86 26.34 -18.34
N LEU A 243 4.95 27.13 -18.89
CA LEU A 243 3.71 26.60 -19.45
C LEU A 243 4.00 25.67 -20.61
N SER A 244 4.94 26.05 -21.48
CA SER A 244 5.29 25.18 -22.59
C SER A 244 5.94 23.89 -22.12
N LEU A 245 6.85 23.97 -21.16
CA LEU A 245 7.54 22.75 -20.73
C LEU A 245 6.74 21.91 -19.76
N GLY A 246 5.58 22.39 -19.30
CA GLY A 246 4.64 21.59 -18.54
C GLY A 246 4.31 22.09 -17.15
N LEU A 247 5.13 22.97 -16.57
CA LEU A 247 4.78 23.49 -15.26
C LEU A 247 3.55 24.40 -15.35
N THR A 248 2.87 24.57 -14.22
CA THR A 248 1.67 25.38 -14.19
C THR A 248 1.99 26.76 -13.65
N PRO A 249 2.02 27.79 -14.49
CA PRO A 249 2.34 29.14 -14.02
C PRO A 249 1.09 29.94 -13.68
N ASN A 250 1.29 30.93 -12.82
CA ASN A 250 0.25 31.89 -12.47
C ASN A 250 0.52 33.19 -13.22
N PHE A 251 -0.34 33.50 -14.18
CA PHE A 251 -0.18 34.69 -15.00
C PHE A 251 -0.72 35.95 -14.34
N LYS A 252 -1.06 35.88 -13.04
CA LYS A 252 -1.62 37.03 -12.35
C LYS A 252 -0.63 38.20 -12.32
N SER A 253 0.63 37.91 -11.99
CA SER A 253 1.61 38.97 -11.85
C SER A 253 1.99 39.61 -13.17
N ASN A 254 1.86 38.87 -14.27
CA ASN A 254 2.28 39.40 -15.57
C ASN A 254 1.41 40.57 -16.00
N PHE A 255 0.09 40.49 -15.77
CA PHE A 255 -0.83 41.55 -16.17
C PHE A 255 -1.58 42.14 -14.98
N ASP A 256 -1.16 41.84 -13.75
CA ASP A 256 -1.81 42.37 -12.54
C ASP A 256 -3.30 42.08 -12.54
N LEU A 257 -3.64 40.82 -12.82
CA LEU A 257 -5.03 40.41 -12.97
C LEU A 257 -5.76 40.30 -11.63
N ALA A 258 -5.02 40.15 -10.53
CA ALA A 258 -5.53 39.95 -9.17
C ALA A 258 -6.24 38.61 -9.00
N GLU A 259 -6.30 37.78 -10.03
CA GLU A 259 -6.83 36.42 -9.93
C GLU A 259 -5.79 35.45 -10.50
N ASP A 260 -5.83 34.22 -10.00
CA ASP A 260 -4.77 33.26 -10.31
C ASP A 260 -4.67 33.01 -11.81
N ALA A 261 -5.79 32.65 -12.44
CA ALA A 261 -5.84 32.42 -13.89
C ALA A 261 -4.76 31.44 -14.33
N LYS A 262 -4.56 30.38 -13.55
CA LYS A 262 -3.54 29.40 -13.86
C LYS A 262 -3.95 28.56 -15.07
N LEU A 263 -2.98 28.29 -15.94
CA LEU A 263 -3.19 27.50 -17.15
C LEU A 263 -2.26 26.31 -17.14
N GLN A 264 -2.82 25.12 -17.32
CA GLN A 264 -2.06 23.89 -17.52
C GLN A 264 -2.29 23.38 -18.93
N LEU A 265 -1.20 23.10 -19.65
CA LEU A 265 -1.32 22.78 -21.07
C LEU A 265 -1.90 21.40 -21.31
N SER A 266 -1.62 20.44 -20.43
CA SER A 266 -2.12 19.09 -20.61
C SER A 266 -3.53 18.90 -20.07
N LYS A 267 -4.05 19.85 -19.30
CA LYS A 267 -5.38 19.70 -18.76
C LYS A 267 -6.44 19.96 -19.82
N ASP A 268 -7.61 19.35 -19.62
CA ASP A 268 -8.70 19.53 -20.58
C ASP A 268 -9.25 20.94 -20.52
N THR A 269 -9.27 21.55 -19.34
CA THR A 269 -9.85 22.88 -19.16
C THR A 269 -8.94 24.00 -19.64
N TYR A 270 -7.88 23.67 -20.37
CA TYR A 270 -6.95 24.70 -20.82
C TYR A 270 -7.62 25.66 -21.79
N ASP A 271 -8.46 25.15 -22.68
CA ASP A 271 -9.11 26.04 -23.65
C ASP A 271 -10.01 27.05 -22.95
N ASP A 272 -10.80 26.60 -21.98
CA ASP A 272 -11.66 27.52 -21.24
C ASP A 272 -10.83 28.51 -20.43
N ASP A 273 -9.78 28.03 -19.77
CA ASP A 273 -8.94 28.93 -18.99
C ASP A 273 -8.29 29.99 -19.87
N LEU A 274 -7.81 29.58 -21.05
CA LEU A 274 -7.21 30.53 -21.98
C LEU A 274 -8.24 31.53 -22.48
N ASP A 275 -9.47 31.06 -22.75
CA ASP A 275 -10.52 31.97 -23.17
C ASP A 275 -10.79 33.01 -22.08
N ASN A 276 -10.84 32.56 -20.82
CA ASN A 276 -11.06 33.50 -19.73
C ASN A 276 -9.92 34.50 -19.62
N LEU A 277 -8.67 34.02 -19.72
CA LEU A 277 -7.54 34.92 -19.63
C LEU A 277 -7.53 35.93 -20.77
N LEU A 278 -7.84 35.48 -21.98
CA LEU A 278 -7.87 36.38 -23.13
C LEU A 278 -8.97 37.42 -22.97
N ALA A 279 -10.15 37.01 -22.49
CA ALA A 279 -11.19 37.99 -22.20
C ALA A 279 -10.76 38.95 -21.12
N GLN A 280 -9.91 38.51 -20.18
CA GLN A 280 -9.46 39.39 -19.12
C GLN A 280 -8.49 40.44 -19.63
N ILE A 281 -7.52 40.04 -20.45
CA ILE A 281 -6.46 40.96 -20.83
C ILE A 281 -6.71 41.52 -22.23
N GLY A 282 -6.77 40.65 -23.23
CA GLY A 282 -6.91 41.09 -24.60
C GLY A 282 -6.69 39.94 -25.55
N ASP A 283 -6.89 40.24 -26.83
CA ASP A 283 -6.80 39.24 -27.89
C ASP A 283 -5.44 39.22 -28.58
N GLN A 284 -4.49 40.04 -28.13
CA GLN A 284 -3.20 40.12 -28.79
C GLN A 284 -2.18 39.09 -28.31
N TYR A 285 -2.49 38.35 -27.24
CA TYR A 285 -1.60 37.32 -26.74
C TYR A 285 -1.93 35.93 -27.25
N ALA A 286 -2.96 35.81 -28.10
CA ALA A 286 -3.33 34.50 -28.63
C ALA A 286 -2.21 33.91 -29.45
N ASP A 287 -1.50 34.74 -30.22
CA ASP A 287 -0.38 34.25 -31.01
C ASP A 287 0.71 33.69 -30.12
N LEU A 288 1.04 34.40 -29.03
CA LEU A 288 2.07 33.91 -28.11
C LEU A 288 1.65 32.60 -27.46
N PHE A 289 0.39 32.51 -27.03
CA PHE A 289 -0.07 31.28 -26.38
C PHE A 289 -0.07 30.11 -27.36
N LEU A 290 -0.46 30.36 -28.61
CA LEU A 290 -0.41 29.31 -29.61
C LEU A 290 1.01 28.87 -29.89
N ALA A 291 1.95 29.82 -29.92
CA ALA A 291 3.36 29.48 -30.09
C ALA A 291 3.85 28.64 -28.92
N ALA A 292 3.42 28.97 -27.70
CA ALA A 292 3.79 28.19 -26.54
C ALA A 292 3.24 26.77 -26.63
N LYS A 293 2.00 26.63 -27.10
CA LYS A 293 1.42 25.30 -27.27
C LYS A 293 2.20 24.49 -28.30
N ASN A 294 2.56 25.11 -29.42
CA ASN A 294 3.33 24.39 -30.43
C ASN A 294 4.69 23.98 -29.89
N LEU A 295 5.33 24.86 -29.10
CA LEU A 295 6.59 24.50 -28.48
C LEU A 295 6.41 23.32 -27.53
N SER A 296 5.31 23.30 -26.80
CA SER A 296 5.04 22.17 -25.90
C SER A 296 4.89 20.87 -26.68
N ASP A 297 4.14 20.91 -27.77
CA ASP A 297 3.97 19.72 -28.59
C ASP A 297 5.31 19.23 -29.11
N ALA A 298 6.14 20.14 -29.63
CA ALA A 298 7.44 19.76 -30.12
C ALA A 298 8.32 19.19 -29.01
N ILE A 299 8.27 19.81 -27.83
CA ILE A 299 9.10 19.39 -26.71
C ILE A 299 8.77 17.96 -26.32
N LEU A 300 7.47 17.67 -26.20
CA LEU A 300 7.08 16.33 -25.77
C LEU A 300 7.23 15.30 -26.87
N LEU A 301 7.14 15.70 -28.14
CA LEU A 301 7.20 14.72 -29.21
C LEU A 301 8.64 14.38 -29.59
N SER A 302 9.54 15.37 -29.55
CA SER A 302 10.90 15.13 -30.04
C SER A 302 11.59 14.05 -29.23
N ASP A 303 11.17 13.85 -27.98
CA ASP A 303 11.72 12.78 -27.17
C ASP A 303 11.24 11.40 -27.58
N ILE A 304 10.23 11.33 -28.46
CA ILE A 304 9.59 10.07 -28.82
C ILE A 304 9.80 9.75 -30.29
N LEU A 305 9.40 10.66 -31.18
CA LEU A 305 9.45 10.37 -32.60
C LEU A 305 10.89 10.22 -33.10
N ARG A 306 11.74 11.20 -32.81
CA ARG A 306 13.15 11.17 -33.20
C ARG A 306 13.32 10.89 -34.69
N VAL A 307 12.50 11.55 -35.52
CA VAL A 307 12.57 11.41 -36.96
C VAL A 307 12.04 12.69 -37.58
N ASN A 308 12.39 12.92 -38.85
CA ASN A 308 11.91 14.07 -39.58
C ASN A 308 10.50 13.79 -40.08
N THR A 309 9.55 14.65 -39.70
CA THR A 309 8.14 14.46 -40.02
C THR A 309 7.66 15.35 -41.17
N GLU A 310 8.57 16.01 -41.88
CA GLU A 310 8.19 16.90 -42.97
C GLU A 310 7.89 16.16 -44.27
N ILE A 311 8.23 14.89 -44.38
CA ILE A 311 8.03 14.14 -45.61
C ILE A 311 7.00 13.03 -45.48
N THR A 312 6.55 12.70 -44.27
CA THR A 312 5.61 11.63 -44.06
C THR A 312 4.57 12.04 -43.03
N LYS A 313 3.37 11.48 -43.16
CA LYS A 313 2.30 11.70 -42.20
C LYS A 313 2.27 10.64 -41.11
N ALA A 314 3.24 9.73 -41.07
CA ALA A 314 3.31 8.69 -40.06
C ALA A 314 4.67 8.74 -39.40
N PRO A 315 4.90 9.72 -38.52
CA PRO A 315 6.23 9.83 -37.90
C PRO A 315 6.60 8.66 -37.01
N LEU A 316 5.65 8.10 -36.25
CA LEU A 316 5.99 6.96 -35.41
C LEU A 316 6.33 5.74 -36.25
N SER A 317 5.54 5.50 -37.30
CA SER A 317 5.82 4.39 -38.19
C SER A 317 7.17 4.57 -38.86
N ALA A 318 7.50 5.80 -39.25
CA ALA A 318 8.81 6.06 -39.84
C ALA A 318 9.92 5.78 -38.84
N SER A 319 9.71 6.14 -37.58
CA SER A 319 10.72 5.86 -36.57
C SER A 319 10.92 4.37 -36.39
N MET A 320 9.83 3.60 -36.36
CA MET A 320 9.95 2.15 -36.22
C MET A 320 10.64 1.54 -37.43
N ILE A 321 10.36 2.05 -38.62
CA ILE A 321 11.02 1.53 -39.82
C ILE A 321 12.51 1.80 -39.77
N LYS A 322 12.91 3.01 -39.36
CA LYS A 322 14.34 3.28 -39.27
C LYS A 322 14.99 2.46 -38.16
N ARG A 323 14.25 2.18 -37.08
CA ARG A 323 14.77 1.29 -36.05
C ARG A 323 15.02 -0.10 -36.61
N TYR A 324 14.09 -0.61 -37.42
CA TYR A 324 14.26 -1.88 -38.11
C TYR A 324 15.48 -1.87 -39.01
N ASP A 325 15.64 -0.82 -39.82
CA ASP A 325 16.77 -0.77 -40.74
C ASP A 325 18.10 -0.70 -40.00
N GLU A 326 18.17 0.10 -38.94
CA GLU A 326 19.41 0.15 -38.17
C GLU A 326 19.69 -1.20 -37.52
N HIS A 327 18.65 -1.88 -37.04
CA HIS A 327 18.82 -3.23 -36.52
C HIS A 327 19.42 -4.14 -37.57
N HIS A 328 18.89 -4.07 -38.81
CA HIS A 328 19.36 -4.92 -39.89
C HIS A 328 20.83 -4.64 -40.22
N GLN A 329 21.18 -3.37 -40.38
CA GLN A 329 22.55 -3.03 -40.73
C GLN A 329 23.52 -3.40 -39.62
N ASP A 330 23.16 -3.12 -38.38
CA ASP A 330 24.04 -3.47 -37.27
C ASP A 330 24.20 -4.98 -37.17
N LEU A 331 23.14 -5.75 -37.41
CA LEU A 331 23.27 -7.19 -37.37
C LEU A 331 24.24 -7.69 -38.43
N THR A 332 24.12 -7.16 -39.66
CA THR A 332 25.06 -7.59 -40.70
C THR A 332 26.48 -7.22 -40.36
N LEU A 333 26.70 -6.00 -39.88
CA LEU A 333 28.04 -5.55 -39.53
C LEU A 333 28.62 -6.38 -38.39
N LEU A 334 27.80 -6.68 -37.38
CA LEU A 334 28.24 -7.48 -36.25
C LEU A 334 28.58 -8.89 -36.69
N LYS A 335 27.78 -9.48 -37.58
CA LYS A 335 28.07 -10.81 -38.09
C LYS A 335 29.41 -10.82 -38.78
N ALA A 336 29.66 -9.81 -39.62
CA ALA A 336 30.94 -9.75 -40.33
C ALA A 336 32.10 -9.59 -39.37
N LEU A 337 31.96 -8.71 -38.36
CA LEU A 337 33.04 -8.49 -37.42
C LEU A 337 33.36 -9.73 -36.62
N VAL A 338 32.32 -10.43 -36.14
CA VAL A 338 32.53 -11.66 -35.38
C VAL A 338 33.20 -12.70 -36.25
N ARG A 339 32.75 -12.82 -37.50
CA ARG A 339 33.33 -13.80 -38.41
C ARG A 339 34.81 -13.52 -38.63
N GLN A 340 35.17 -12.24 -38.78
CA GLN A 340 36.56 -11.89 -39.08
C GLN A 340 37.46 -12.06 -37.86
N GLN A 341 36.99 -11.66 -36.68
CA GLN A 341 37.87 -11.55 -35.52
C GLN A 341 37.76 -12.73 -34.55
N LEU A 342 36.55 -13.14 -34.20
CA LEU A 342 36.33 -14.21 -33.22
C LEU A 342 35.43 -15.27 -33.86
N PRO A 343 35.97 -16.09 -34.76
CA PRO A 343 35.14 -17.10 -35.42
C PRO A 343 34.65 -18.18 -34.49
N GLU A 344 35.33 -18.42 -33.38
CA GLU A 344 34.97 -19.52 -32.49
C GLU A 344 33.77 -19.22 -31.61
N LYS A 345 33.44 -17.95 -31.38
CA LYS A 345 32.28 -17.60 -30.57
C LYS A 345 31.05 -17.33 -31.40
N TYR A 346 31.14 -17.46 -32.72
CA TYR A 346 29.98 -17.21 -33.58
C TYR A 346 28.83 -18.14 -33.25
N LYS A 347 29.13 -19.42 -33.00
CA LYS A 347 28.08 -20.37 -32.68
C LYS A 347 27.36 -19.96 -31.39
N GLU A 348 28.11 -19.71 -30.33
CA GLU A 348 27.49 -19.38 -29.07
C GLU A 348 26.82 -18.01 -29.08
N ILE A 349 27.15 -17.14 -30.03
CA ILE A 349 26.51 -15.83 -30.08
C ILE A 349 25.22 -15.89 -30.88
N PHE A 350 25.25 -16.44 -32.10
CA PHE A 350 24.08 -16.40 -32.99
C PHE A 350 23.34 -17.72 -33.10
N PHE A 351 23.64 -18.71 -32.27
CA PHE A 351 22.93 -19.98 -32.36
C PHE A 351 22.47 -20.57 -31.03
N ASP A 352 23.09 -20.22 -29.91
CA ASP A 352 22.78 -20.87 -28.64
C ASP A 352 21.73 -20.05 -27.91
N GLN A 353 20.54 -20.62 -27.76
CA GLN A 353 19.43 -19.92 -27.13
C GLN A 353 19.56 -19.82 -25.62
N SER A 354 20.31 -20.72 -25.00
CA SER A 354 20.44 -20.69 -23.54
C SER A 354 21.22 -19.47 -23.09
N LYS A 355 22.47 -19.36 -23.55
CA LYS A 355 23.30 -18.22 -23.18
C LYS A 355 22.77 -16.95 -23.83
N ASN A 356 22.99 -15.83 -23.17
CA ASN A 356 22.58 -14.56 -23.75
C ASN A 356 23.44 -14.24 -24.97
N GLY A 357 22.96 -13.30 -25.76
CA GLY A 357 23.55 -13.00 -27.04
C GLY A 357 22.44 -12.74 -28.03
N TYR A 358 22.72 -12.89 -29.32
CA TYR A 358 21.65 -12.64 -30.29
C TYR A 358 20.63 -13.76 -30.29
N ALA A 359 21.09 -15.02 -30.20
CA ALA A 359 20.14 -16.13 -30.20
C ALA A 359 19.21 -16.06 -29.00
N GLY A 360 19.77 -15.81 -27.82
CA GLY A 360 18.93 -15.64 -26.64
C GLY A 360 18.16 -14.35 -26.62
N TYR A 361 18.61 -13.36 -27.39
CA TYR A 361 17.88 -12.10 -27.48
C TYR A 361 16.62 -12.26 -28.31
N ILE A 362 16.72 -12.97 -29.42
CA ILE A 362 15.59 -13.11 -30.33
C ILE A 362 14.74 -14.31 -29.95
N ASP A 363 15.31 -15.51 -30.02
CA ASP A 363 14.52 -16.71 -29.77
C ASP A 363 14.24 -16.90 -28.29
N GLY A 364 15.22 -16.64 -27.43
CA GLY A 364 15.04 -16.83 -26.01
C GLY A 364 14.29 -15.66 -25.40
N GLY A 365 14.20 -15.68 -24.08
CA GLY A 365 13.50 -14.63 -23.37
C GLY A 365 14.37 -13.49 -22.88
N ALA A 366 15.64 -13.46 -23.24
CA ALA A 366 16.54 -12.44 -22.70
C ALA A 366 16.11 -11.05 -23.15
N SER A 367 16.17 -10.10 -22.22
CA SER A 367 15.74 -8.73 -22.50
C SER A 367 16.91 -7.91 -23.04
N GLN A 368 16.62 -6.64 -23.33
CA GLN A 368 17.62 -5.76 -23.90
C GLN A 368 18.78 -5.52 -22.95
N GLU A 369 18.49 -5.34 -21.66
CA GLU A 369 19.57 -5.10 -20.70
C GLU A 369 20.51 -6.30 -20.62
N GLU A 370 19.94 -7.51 -20.56
CA GLU A 370 20.76 -8.71 -20.50
C GLU A 370 21.58 -8.89 -21.77
N PHE A 371 20.96 -8.63 -22.93
CA PHE A 371 21.70 -8.74 -24.17
C PHE A 371 22.87 -7.77 -24.19
N TYR A 372 22.64 -6.53 -23.75
CA TYR A 372 23.72 -5.55 -23.74
C TYR A 372 24.82 -5.97 -22.78
N LYS A 373 24.45 -6.50 -21.62
CA LYS A 373 25.45 -6.95 -20.66
C LYS A 373 26.30 -8.07 -21.25
N PHE A 374 25.68 -8.98 -21.99
CA PHE A 374 26.47 -10.04 -22.63
C PHE A 374 27.34 -9.50 -23.76
N ILE A 375 26.80 -8.60 -24.58
CA ILE A 375 27.48 -8.24 -25.83
C ILE A 375 28.42 -7.06 -25.70
N LYS A 376 28.41 -6.33 -24.59
CA LYS A 376 29.35 -5.22 -24.43
C LYS A 376 30.80 -5.68 -24.38
N PRO A 377 31.20 -6.67 -23.57
CA PRO A 377 32.62 -7.07 -23.57
C PRO A 377 33.12 -7.60 -24.89
N ILE A 378 32.28 -8.34 -25.63
CA ILE A 378 32.72 -8.87 -26.93
C ILE A 378 32.97 -7.73 -27.89
N LEU A 379 32.09 -6.73 -27.90
CA LEU A 379 32.30 -5.57 -28.77
C LEU A 379 33.53 -4.79 -28.34
N GLU A 380 33.77 -4.70 -27.03
CA GLU A 380 34.94 -3.99 -26.54
C GLU A 380 36.23 -4.67 -26.98
N LYS A 381 36.26 -6.00 -26.93
CA LYS A 381 37.47 -6.74 -27.32
C LYS A 381 37.51 -6.99 -28.83
N MET A 382 37.23 -5.95 -29.61
CA MET A 382 37.24 -6.03 -31.06
C MET A 382 37.52 -4.65 -31.62
N ASP A 383 37.93 -4.60 -32.88
CA ASP A 383 38.21 -3.35 -33.57
C ASP A 383 37.12 -3.06 -34.58
N GLY A 384 36.92 -1.78 -34.87
CA GLY A 384 35.88 -1.34 -35.77
C GLY A 384 34.49 -1.33 -35.19
N THR A 385 34.37 -1.39 -33.87
CA THR A 385 33.08 -1.42 -33.19
C THR A 385 32.81 -0.16 -32.39
N GLU A 386 33.44 0.95 -32.75
CA GLU A 386 33.27 2.18 -31.97
C GLU A 386 31.85 2.70 -32.07
N GLU A 387 31.28 2.74 -33.27
CA GLU A 387 29.93 3.27 -33.40
C GLU A 387 28.90 2.30 -32.80
N LEU A 388 29.16 1.00 -32.91
CA LEU A 388 28.28 0.03 -32.25
C LEU A 388 28.33 0.23 -30.74
N LEU A 389 29.52 0.46 -30.19
CA LEU A 389 29.63 0.71 -28.76
C LEU A 389 28.93 1.99 -28.36
N VAL A 390 28.99 3.02 -29.21
CA VAL A 390 28.28 4.26 -28.91
C VAL A 390 26.79 3.99 -28.84
N LYS A 391 26.26 3.26 -29.82
CA LYS A 391 24.84 2.93 -29.80
C LYS A 391 24.49 2.10 -28.58
N LEU A 392 25.38 1.19 -28.20
CA LEU A 392 25.17 0.41 -26.99
C LEU A 392 25.11 1.29 -25.76
N ASN A 393 26.01 2.27 -25.68
CA ASN A 393 26.07 3.15 -24.51
C ASN A 393 24.80 3.98 -24.40
N ARG A 394 24.28 4.44 -25.54
CA ARG A 394 23.04 5.18 -25.54
C ARG A 394 21.82 4.27 -25.64
N GLU A 395 22.03 2.96 -25.49
CA GLU A 395 20.94 1.98 -25.42
C GLU A 395 20.12 1.97 -26.71
N ASP A 396 20.82 1.93 -27.85
CA ASP A 396 20.14 1.96 -29.14
C ASP A 396 20.78 1.01 -30.13
N LEU A 397 21.16 -0.19 -29.69
CA LEU A 397 21.79 -1.16 -30.57
C LEU A 397 20.89 -2.37 -30.67
N LEU A 398 20.50 -2.74 -31.89
CA LEU A 398 19.69 -3.92 -32.16
C LEU A 398 18.41 -3.91 -31.34
N ARG A 399 17.55 -2.95 -31.64
CA ARG A 399 16.32 -2.72 -30.88
C ARG A 399 15.13 -3.33 -31.59
N LYS A 400 14.31 -4.05 -30.84
CA LYS A 400 13.05 -4.52 -31.41
C LYS A 400 12.04 -3.38 -31.40
N GLN A 401 11.05 -3.51 -32.29
CA GLN A 401 10.03 -2.49 -32.42
C GLN A 401 9.07 -2.48 -31.24
N ARG A 402 8.68 -3.64 -30.74
CA ARG A 402 7.82 -3.74 -29.57
C ARG A 402 8.70 -3.92 -28.34
N THR A 403 8.87 -2.85 -27.57
CA THR A 403 9.71 -2.88 -26.38
C THR A 403 9.00 -2.21 -25.21
N PHE A 404 9.64 -2.29 -24.05
CA PHE A 404 9.05 -1.75 -22.82
C PHE A 404 8.94 -0.24 -22.84
N ASP A 405 9.87 0.46 -23.51
CA ASP A 405 9.85 1.91 -23.49
C ASP A 405 8.77 2.49 -24.40
N ASN A 406 8.07 1.68 -25.16
CA ASN A 406 7.02 2.18 -26.04
C ASN A 406 5.82 2.65 -25.28
N GLY A 407 5.87 2.72 -23.96
CA GLY A 407 4.77 3.17 -23.17
C GLY A 407 4.59 4.66 -23.08
N SER A 408 5.46 5.43 -23.73
CA SER A 408 5.38 6.88 -23.70
C SER A 408 4.80 7.44 -24.99
N ILE A 409 4.15 6.60 -25.79
CA ILE A 409 3.55 7.02 -27.05
C ILE A 409 2.10 7.42 -26.78
N PRO A 410 1.72 8.67 -26.94
CA PRO A 410 0.32 9.05 -26.72
C PRO A 410 -0.56 8.39 -27.76
N HIS A 411 -1.82 8.16 -27.39
CA HIS A 411 -2.75 7.60 -28.35
C HIS A 411 -3.05 8.57 -29.48
N GLN A 412 -2.69 9.83 -29.34
CA GLN A 412 -2.96 10.79 -30.41
C GLN A 412 -2.14 10.51 -31.65
N ILE A 413 -0.95 9.92 -31.50
CA ILE A 413 -0.16 9.54 -32.67
C ILE A 413 -0.89 8.46 -33.47
N HIS A 414 -1.36 7.43 -32.79
CA HIS A 414 -2.10 6.38 -33.46
C HIS A 414 -3.38 6.91 -34.06
N LEU A 415 -4.05 7.82 -33.36
CA LEU A 415 -5.27 8.40 -33.90
C LEU A 415 -4.98 9.19 -35.16
N GLY A 416 -3.88 9.93 -35.19
CA GLY A 416 -3.54 10.66 -36.40
C GLY A 416 -3.25 9.73 -37.56
N GLU A 417 -2.54 8.63 -37.30
CA GLU A 417 -2.26 7.67 -38.36
C GLU A 417 -3.55 7.04 -38.88
N LEU A 418 -4.45 6.67 -37.97
CA LEU A 418 -5.70 6.05 -38.39
C LEU A 418 -6.56 7.02 -39.18
N HIS A 419 -6.61 8.27 -38.76
CA HIS A 419 -7.36 9.26 -39.51
C HIS A 419 -6.79 9.46 -40.90
N ALA A 420 -5.45 9.47 -41.02
CA ALA A 420 -4.85 9.63 -42.34
C ALA A 420 -5.20 8.45 -43.24
N ILE A 421 -5.17 7.23 -42.70
CA ILE A 421 -5.52 6.06 -43.51
C ILE A 421 -6.95 6.18 -44.01
N LEU A 422 -7.87 6.55 -43.11
CA LEU A 422 -9.27 6.67 -43.48
C LEU A 422 -9.49 7.76 -44.52
N ARG A 423 -8.79 8.88 -44.38
CA ARG A 423 -8.90 9.94 -45.38
C ARG A 423 -8.41 9.48 -46.73
N ARG A 424 -7.31 8.72 -46.77
CA ARG A 424 -6.79 8.24 -48.04
C ARG A 424 -7.75 7.28 -48.72
N GLN A 425 -8.37 6.37 -47.95
CA GLN A 425 -9.10 5.26 -48.53
C GLN A 425 -10.62 5.47 -48.59
N GLU A 426 -11.13 6.66 -48.31
CA GLU A 426 -12.58 6.80 -48.31
C GLU A 426 -13.16 7.03 -49.69
N ASP A 427 -12.36 7.42 -50.68
CA ASP A 427 -12.90 7.58 -52.03
C ASP A 427 -13.26 6.22 -52.64
N PHE A 428 -12.42 5.21 -52.41
CA PHE A 428 -12.67 3.89 -52.99
C PHE A 428 -13.62 3.04 -52.16
N TYR A 429 -13.79 3.33 -50.87
CA TYR A 429 -14.68 2.57 -50.00
C TYR A 429 -15.72 3.48 -49.37
N PRO A 430 -16.93 3.55 -49.92
CA PRO A 430 -17.96 4.40 -49.31
C PRO A 430 -18.28 4.02 -47.88
N PHE A 431 -18.20 2.74 -47.54
CA PHE A 431 -18.42 2.36 -46.16
C PHE A 431 -17.32 2.89 -45.26
N LEU A 432 -16.09 2.99 -45.76
CA LEU A 432 -15.06 3.65 -44.99
C LEU A 432 -15.34 5.14 -44.86
N LYS A 433 -15.93 5.74 -45.90
CA LYS A 433 -16.31 7.14 -45.79
C LYS A 433 -17.36 7.34 -44.70
N ASP A 434 -18.32 6.43 -44.61
CA ASP A 434 -19.44 6.64 -43.71
C ASP A 434 -19.06 6.44 -42.25
N ASN A 435 -18.25 5.43 -41.95
CA ASN A 435 -17.98 5.01 -40.58
C ASN A 435 -16.69 5.61 -40.01
N ARG A 436 -16.21 6.73 -40.57
CA ARG A 436 -14.99 7.34 -40.07
C ARG A 436 -15.15 7.82 -38.64
N GLU A 437 -16.25 8.53 -38.35
CA GLU A 437 -16.44 9.07 -37.01
C GLU A 437 -16.52 7.95 -35.99
N LYS A 438 -17.25 6.89 -36.31
CA LYS A 438 -17.44 5.82 -35.34
C LYS A 438 -16.19 4.97 -35.17
N ILE A 439 -15.38 4.83 -36.22
CA ILE A 439 -14.11 4.13 -36.04
C ILE A 439 -13.18 4.92 -35.13
N GLU A 440 -13.10 6.24 -35.34
CA GLU A 440 -12.26 7.06 -34.47
C GLU A 440 -12.79 7.04 -33.05
N LYS A 441 -14.11 7.00 -32.88
CA LYS A 441 -14.69 6.90 -31.55
C LYS A 441 -14.28 5.60 -30.88
N ILE A 442 -14.25 4.51 -31.65
CA ILE A 442 -13.78 3.22 -31.13
C ILE A 442 -12.37 3.34 -30.60
N LEU A 443 -11.49 4.00 -31.37
CA LEU A 443 -10.11 4.12 -30.91
C LEU A 443 -10.00 4.98 -29.65
N THR A 444 -10.68 6.11 -29.61
CA THR A 444 -10.39 7.10 -28.57
C THR A 444 -11.34 7.06 -27.38
N PHE A 445 -12.27 6.10 -27.32
CA PHE A 445 -13.22 6.08 -26.23
C PHE A 445 -12.68 5.31 -25.02
N ARG A 446 -12.91 5.87 -23.84
CA ARG A 446 -12.63 5.17 -22.59
C ARG A 446 -13.69 5.57 -21.57
N ILE A 447 -14.15 4.61 -20.81
CA ILE A 447 -15.20 4.85 -19.80
C ILE A 447 -14.66 5.80 -18.75
N PRO A 448 -15.40 6.84 -18.37
CA PRO A 448 -14.90 7.75 -17.34
C PRO A 448 -14.65 7.02 -16.05
N TYR A 449 -13.66 7.48 -15.30
CA TYR A 449 -13.31 6.80 -14.06
C TYR A 449 -14.45 6.85 -13.05
N TYR A 450 -15.30 7.88 -13.10
CA TYR A 450 -16.41 7.99 -12.17
C TYR A 450 -17.64 7.19 -12.56
N VAL A 451 -17.76 6.79 -13.83
CA VAL A 451 -18.92 6.00 -14.23
C VAL A 451 -18.84 4.58 -13.68
N GLY A 452 -17.66 3.97 -13.76
CA GLY A 452 -17.49 2.65 -13.21
C GLY A 452 -17.98 1.57 -14.15
N PRO A 453 -18.02 0.32 -13.68
CA PRO A 453 -18.47 -0.77 -14.56
C PRO A 453 -19.91 -0.58 -14.98
N LEU A 454 -20.21 -1.01 -16.20
CA LEU A 454 -21.55 -0.83 -16.78
C LEU A 454 -22.43 -2.05 -16.51
N ALA A 455 -22.67 -2.31 -15.24
CA ALA A 455 -23.43 -3.49 -14.85
C ALA A 455 -24.93 -3.23 -15.00
N ARG A 456 -25.72 -4.24 -14.69
CA ARG A 456 -27.17 -4.17 -14.75
C ARG A 456 -27.78 -4.82 -13.52
N GLY A 457 -27.20 -4.54 -12.36
CA GLY A 457 -27.77 -5.00 -11.11
C GLY A 457 -27.20 -6.28 -10.57
N ASN A 458 -26.08 -6.77 -11.09
CA ASN A 458 -25.47 -7.99 -10.59
C ASN A 458 -24.01 -7.79 -10.26
N SER A 459 -23.62 -6.58 -9.86
CA SER A 459 -22.24 -6.31 -9.51
C SER A 459 -22.20 -5.51 -8.22
N ARG A 460 -21.38 -5.96 -7.28
CA ARG A 460 -21.23 -5.26 -6.00
C ARG A 460 -20.42 -3.98 -6.13
N PHE A 461 -19.56 -3.89 -7.14
CA PHE A 461 -18.72 -2.72 -7.33
C PHE A 461 -19.39 -1.61 -8.12
N ALA A 462 -20.39 -1.94 -8.93
CA ALA A 462 -20.98 -0.97 -9.84
C ALA A 462 -21.88 0.01 -9.13
N TRP A 463 -22.00 1.21 -9.72
CA TRP A 463 -22.93 2.22 -9.23
C TRP A 463 -23.62 2.98 -10.36
N MET A 464 -23.37 2.63 -11.61
CA MET A 464 -23.85 3.42 -12.74
C MET A 464 -25.37 3.29 -12.88
N THR A 465 -26.00 4.37 -13.33
CA THR A 465 -27.44 4.39 -13.57
C THR A 465 -27.71 4.66 -15.04
N ARG A 466 -28.58 3.86 -15.63
CA ARG A 466 -28.92 3.96 -17.05
C ARG A 466 -30.27 4.65 -17.21
N LYS A 467 -30.30 5.71 -18.01
CA LYS A 467 -31.58 6.34 -18.28
C LYS A 467 -32.44 5.56 -19.28
N SER A 468 -31.84 4.69 -20.08
CA SER A 468 -32.56 3.85 -21.02
C SER A 468 -32.01 2.43 -20.97
N GLU A 469 -32.88 1.45 -21.12
CA GLU A 469 -32.50 0.03 -21.04
C GLU A 469 -32.14 -0.49 -22.42
N GLU A 470 -30.87 -0.35 -22.79
CA GLU A 470 -30.37 -0.95 -24.02
C GLU A 470 -28.86 -1.09 -23.92
N THR A 471 -28.30 -1.87 -24.83
CA THR A 471 -26.87 -2.14 -24.80
C THR A 471 -26.09 -0.85 -25.00
N ILE A 472 -25.07 -0.66 -24.17
CA ILE A 472 -24.25 0.54 -24.22
C ILE A 472 -23.05 0.27 -25.13
N THR A 473 -22.94 1.03 -26.20
CA THR A 473 -21.80 1.03 -27.09
C THR A 473 -21.13 2.39 -26.99
N PRO A 474 -19.88 2.52 -27.44
CA PRO A 474 -19.22 3.82 -27.36
C PRO A 474 -19.94 4.93 -28.12
N TRP A 475 -20.88 4.60 -29.00
CA TRP A 475 -21.52 5.63 -29.80
C TRP A 475 -22.78 6.21 -29.15
N ASN A 476 -23.50 5.46 -28.33
CA ASN A 476 -24.63 6.02 -27.59
C ASN A 476 -24.39 6.04 -26.09
N PHE A 477 -23.12 6.07 -25.67
CA PHE A 477 -22.80 6.08 -24.25
C PHE A 477 -23.39 7.30 -23.57
N GLU A 478 -23.27 8.47 -24.19
CA GLU A 478 -23.82 9.68 -23.59
C GLU A 478 -25.34 9.61 -23.49
N GLU A 479 -26.00 9.08 -24.52
CA GLU A 479 -27.45 9.06 -24.56
C GLU A 479 -28.07 7.93 -23.75
N VAL A 480 -27.27 6.97 -23.27
CA VAL A 480 -27.77 5.88 -22.44
C VAL A 480 -27.39 6.06 -20.97
N VAL A 481 -26.15 6.42 -20.70
CA VAL A 481 -25.68 6.53 -19.32
C VAL A 481 -26.02 7.91 -18.78
N ASP A 482 -26.60 7.94 -17.58
CA ASP A 482 -26.85 9.18 -16.84
C ASP A 482 -25.57 9.57 -16.11
N LYS A 483 -24.78 10.40 -16.78
CA LYS A 483 -23.44 10.72 -16.28
C LYS A 483 -23.48 11.52 -14.99
N GLY A 484 -24.39 12.49 -14.88
CA GLY A 484 -24.43 13.31 -13.69
C GLY A 484 -24.78 12.52 -12.45
N ALA A 485 -25.83 11.69 -12.54
CA ALA A 485 -26.20 10.85 -11.43
C ALA A 485 -25.11 9.83 -11.12
N SER A 486 -24.45 9.30 -12.15
CA SER A 486 -23.38 8.34 -11.92
C SER A 486 -22.23 8.99 -11.15
N ALA A 487 -21.85 10.21 -11.51
CA ALA A 487 -20.78 10.88 -10.79
C ALA A 487 -21.17 11.23 -9.36
N GLN A 488 -22.41 11.70 -9.16
CA GLN A 488 -22.84 12.01 -7.81
C GLN A 488 -22.83 10.76 -6.94
N SER A 489 -23.32 9.65 -7.46
CA SER A 489 -23.28 8.40 -6.71
C SER A 489 -21.85 7.94 -6.47
N PHE A 490 -20.96 8.16 -7.44
CA PHE A 490 -19.57 7.77 -7.25
C PHE A 490 -18.96 8.48 -6.07
N ILE A 491 -19.25 9.79 -5.93
CA ILE A 491 -18.72 10.54 -4.80
C ILE A 491 -19.42 10.13 -3.51
N GLU A 492 -20.76 10.00 -3.54
CA GLU A 492 -21.51 9.80 -2.31
C GLU A 492 -21.37 8.41 -1.74
N ARG A 493 -21.05 7.40 -2.56
CA ARG A 493 -20.90 6.06 -2.00
C ARG A 493 -19.68 5.95 -1.12
N MET A 494 -18.77 6.92 -1.13
CA MET A 494 -17.57 6.86 -0.32
C MET A 494 -17.53 7.88 0.80
N THR A 495 -18.33 8.94 0.72
CA THR A 495 -18.30 9.94 1.77
C THR A 495 -18.91 9.41 3.05
N ASN A 496 -18.48 9.98 4.17
CA ASN A 496 -18.84 9.49 5.49
C ASN A 496 -20.23 9.95 5.90
N PHE A 497 -20.78 9.26 6.89
CA PHE A 497 -21.98 9.72 7.57
C PHE A 497 -21.59 10.48 8.83
N ASP A 498 -22.53 11.28 9.32
CA ASP A 498 -22.32 11.97 10.57
C ASP A 498 -22.30 10.98 11.73
N LYS A 499 -21.34 11.13 12.63
CA LYS A 499 -21.28 10.22 13.76
C LYS A 499 -22.40 10.45 14.76
N ASN A 500 -22.86 11.70 14.88
CA ASN A 500 -23.96 11.99 15.79
C ASN A 500 -25.30 11.51 15.24
N LEU A 501 -25.46 11.54 13.93
CA LEU A 501 -26.66 11.05 13.26
C LEU A 501 -26.20 10.04 12.22
N PRO A 502 -26.08 8.77 12.59
CA PRO A 502 -25.41 7.80 11.71
C PRO A 502 -26.09 7.59 10.37
N ASN A 503 -27.36 7.98 10.23
CA ASN A 503 -28.07 7.82 8.98
C ASN A 503 -28.08 9.10 8.15
N GLU A 504 -27.25 10.08 8.51
CA GLU A 504 -27.21 11.37 7.83
C GLU A 504 -25.88 11.57 7.13
N LYS A 505 -25.93 11.99 5.88
CA LYS A 505 -24.72 12.30 5.12
C LYS A 505 -24.12 13.62 5.59
N VAL A 506 -22.82 13.75 5.40
CA VAL A 506 -22.08 14.93 5.86
C VAL A 506 -22.23 16.05 4.84
N LEU A 507 -22.03 17.27 5.32
CA LEU A 507 -22.07 18.46 4.48
C LEU A 507 -20.77 18.67 3.73
N PRO A 508 -20.81 19.40 2.61
CA PRO A 508 -19.56 19.81 1.98
C PRO A 508 -18.80 20.75 2.90
N LYS A 509 -17.47 20.71 2.80
CA LYS A 509 -16.67 21.52 3.72
C LYS A 509 -16.93 23.01 3.53
N HIS A 510 -17.09 23.46 2.28
CA HIS A 510 -17.33 24.86 2.00
C HIS A 510 -18.80 25.22 1.95
N SER A 511 -19.66 24.45 2.61
CA SER A 511 -21.07 24.82 2.64
C SER A 511 -21.27 26.09 3.46
N LEU A 512 -22.25 26.89 3.06
CA LEU A 512 -22.48 28.16 3.74
C LEU A 512 -22.89 27.96 5.19
N LEU A 513 -23.75 26.98 5.47
CA LEU A 513 -24.13 26.70 6.85
C LEU A 513 -22.91 26.29 7.67
N TYR A 514 -22.04 25.47 7.07
CA TYR A 514 -20.80 25.09 7.76
C TYR A 514 -19.96 26.32 8.07
N GLU A 515 -19.83 27.24 7.12
CA GLU A 515 -19.03 28.43 7.36
C GLU A 515 -19.64 29.28 8.48
N TYR A 516 -20.95 29.46 8.47
CA TYR A 516 -21.58 30.19 9.56
C TYR A 516 -21.35 29.50 10.89
N PHE A 517 -21.45 28.17 10.93
CA PHE A 517 -21.25 27.43 12.17
C PHE A 517 -19.86 27.64 12.72
N THR A 518 -18.84 27.50 11.87
CA THR A 518 -17.46 27.68 12.35
C THR A 518 -17.22 29.11 12.81
N VAL A 519 -17.71 30.09 12.05
CA VAL A 519 -17.49 31.48 12.42
C VAL A 519 -18.19 31.79 13.75
N TYR A 520 -19.40 31.27 13.94
CA TYR A 520 -20.10 31.51 15.20
C TYR A 520 -19.40 30.84 16.38
N ASN A 521 -18.89 29.62 16.20
CA ASN A 521 -18.13 29.01 17.28
C ASN A 521 -16.90 29.84 17.64
N GLU A 522 -16.17 30.32 16.63
CA GLU A 522 -15.00 31.13 16.92
C GLU A 522 -15.39 32.45 17.58
N LEU A 523 -16.48 33.06 17.15
CA LEU A 523 -16.87 34.37 17.67
C LEU A 523 -17.35 34.29 19.12
N THR A 524 -18.12 33.24 19.45
CA THR A 524 -18.68 33.16 20.79
C THR A 524 -17.63 32.92 21.87
N LYS A 525 -16.41 32.55 21.51
CA LYS A 525 -15.37 32.28 22.49
C LYS A 525 -14.36 33.41 22.62
N VAL A 526 -14.63 34.57 22.02
CA VAL A 526 -13.78 35.74 22.14
C VAL A 526 -14.42 36.70 23.12
N LYS A 527 -13.74 36.96 24.23
CA LYS A 527 -14.24 37.82 25.29
C LYS A 527 -13.56 39.19 25.17
N TYR A 528 -14.36 40.20 24.83
CA TYR A 528 -13.83 41.54 24.65
C TYR A 528 -13.61 42.23 25.99
N VAL A 529 -12.54 43.01 26.07
CA VAL A 529 -12.21 43.78 27.26
C VAL A 529 -11.92 45.21 26.84
N THR A 530 -12.64 46.16 27.45
CA THR A 530 -12.45 47.58 27.16
C THR A 530 -12.69 48.37 28.43
N GLU A 531 -12.53 49.69 28.32
CA GLU A 531 -12.71 50.57 29.47
C GLU A 531 -14.16 50.59 29.92
N GLY A 532 -14.36 50.80 31.22
CA GLY A 532 -15.68 50.84 31.80
C GLY A 532 -16.31 49.50 32.07
N MET A 533 -15.53 48.42 32.03
CA MET A 533 -16.03 47.07 32.27
C MET A 533 -15.46 46.58 33.60
N ARG A 534 -16.35 46.21 34.52
CA ARG A 534 -15.91 45.65 35.80
C ARG A 534 -15.27 44.28 35.59
N LYS A 535 -15.92 43.42 34.83
CA LYS A 535 -15.44 42.08 34.52
C LYS A 535 -15.60 41.84 33.02
N PRO A 536 -14.78 40.95 32.45
CA PRO A 536 -14.94 40.62 31.02
C PRO A 536 -16.32 40.06 30.73
N ALA A 537 -16.87 40.46 29.58
CA ALA A 537 -18.22 40.08 29.19
C ALA A 537 -18.19 39.44 27.81
N PHE A 538 -19.20 38.62 27.54
CA PHE A 538 -19.33 37.93 26.27
C PHE A 538 -20.28 38.70 25.35
N LEU A 539 -20.09 38.52 24.05
CA LEU A 539 -20.90 39.22 23.07
C LEU A 539 -22.33 38.70 23.08
N SER A 540 -23.29 39.61 22.89
CA SER A 540 -24.69 39.23 22.82
C SER A 540 -25.06 38.82 21.39
N GLY A 541 -26.28 38.34 21.23
CA GLY A 541 -26.72 37.88 19.92
C GLY A 541 -26.76 39.00 18.89
N GLU A 542 -27.34 40.14 19.28
CA GLU A 542 -27.43 41.27 18.36
C GLU A 542 -26.05 41.83 18.04
N GLN A 543 -25.17 41.89 19.04
CA GLN A 543 -23.80 42.35 18.80
C GLN A 543 -23.08 41.42 17.84
N LYS A 544 -23.24 40.10 18.02
CA LYS A 544 -22.62 39.15 17.09
C LYS A 544 -23.18 39.29 15.69
N LYS A 545 -24.50 39.48 15.57
CA LYS A 545 -25.10 39.69 14.26
C LYS A 545 -24.51 40.92 13.58
N ALA A 546 -24.42 42.03 14.32
CA ALA A 546 -23.86 43.25 13.75
C ALA A 546 -22.41 43.06 13.35
N ILE A 547 -21.62 42.38 14.18
CA ILE A 547 -20.22 42.15 13.88
C ILE A 547 -20.07 41.31 12.63
N VAL A 548 -20.87 40.24 12.52
CA VAL A 548 -20.80 39.37 11.35
C VAL A 548 -21.18 40.14 10.10
N ASP A 549 -22.25 40.93 10.16
CA ASP A 549 -22.70 41.65 8.98
C ASP A 549 -21.70 42.73 8.56
N LEU A 550 -21.06 43.37 9.53
CA LEU A 550 -20.18 44.49 9.24
C LEU A 550 -18.77 44.05 8.86
N LEU A 551 -18.29 42.94 9.40
CA LEU A 551 -16.91 42.48 9.18
C LEU A 551 -16.86 41.23 8.33
N PHE A 552 -17.55 40.17 8.74
CA PHE A 552 -17.45 38.90 8.03
C PHE A 552 -18.10 38.98 6.65
N LYS A 553 -19.25 39.65 6.56
CA LYS A 553 -19.94 39.80 5.29
C LYS A 553 -19.32 40.88 4.41
N THR A 554 -18.21 41.48 4.84
CA THR A 554 -17.53 42.52 4.08
C THR A 554 -16.10 42.16 3.71
N ASN A 555 -15.31 41.69 4.67
CA ASN A 555 -13.92 41.35 4.42
C ASN A 555 -13.68 39.87 4.72
N ARG A 556 -12.74 39.29 3.98
CA ARG A 556 -12.48 37.85 4.08
C ARG A 556 -11.91 37.49 5.44
N LYS A 557 -10.90 38.22 5.89
CA LYS A 557 -10.21 37.92 7.14
C LYS A 557 -10.56 38.98 8.17
N VAL A 558 -11.05 38.56 9.33
CA VAL A 558 -11.44 39.46 10.40
C VAL A 558 -10.41 39.36 11.51
N THR A 559 -9.88 40.50 11.94
CA THR A 559 -8.90 40.57 13.00
C THR A 559 -9.43 41.40 14.17
N VAL A 560 -8.70 41.32 15.29
CA VAL A 560 -9.14 41.97 16.52
C VAL A 560 -9.15 43.49 16.36
N LYS A 561 -8.12 44.04 15.73
CA LYS A 561 -8.07 45.48 15.52
C LYS A 561 -9.19 45.94 14.62
N GLN A 562 -9.50 45.17 13.58
CA GLN A 562 -10.63 45.51 12.72
C GLN A 562 -11.94 45.47 13.49
N LEU A 563 -12.12 44.45 14.34
CA LEU A 563 -13.32 44.38 15.17
C LEU A 563 -13.43 45.58 16.08
N LYS A 564 -12.32 46.00 16.69
CA LYS A 564 -12.34 47.14 17.60
C LYS A 564 -12.63 48.44 16.87
N GLU A 565 -12.06 48.60 15.67
CA GLU A 565 -12.18 49.87 14.96
C GLU A 565 -13.52 50.02 14.25
N ASP A 566 -13.87 49.03 13.42
CA ASP A 566 -15.07 49.15 12.60
C ASP A 566 -16.36 49.01 13.40
N TYR A 567 -16.32 48.35 14.55
CA TYR A 567 -17.51 48.17 15.37
C TYR A 567 -17.38 48.80 16.75
N PHE A 568 -16.32 48.47 17.49
CA PHE A 568 -16.22 48.96 18.86
C PHE A 568 -15.83 50.44 18.90
N LYS A 569 -15.16 50.93 17.86
CA LYS A 569 -14.80 52.34 17.76
C LYS A 569 -15.73 53.13 16.86
N LYS A 570 -16.09 52.57 15.70
CA LYS A 570 -16.98 53.29 14.79
C LYS A 570 -18.39 53.37 15.32
N ILE A 571 -18.88 52.28 15.93
CA ILE A 571 -20.26 52.24 16.42
C ILE A 571 -20.27 52.38 17.93
N GLU A 572 -19.62 51.46 18.63
CA GLU A 572 -19.61 51.45 20.08
C GLU A 572 -18.72 52.57 20.63
N THR A 592 -16.24 31.65 1.65
CA THR A 592 -17.22 31.17 0.67
C THR A 592 -18.23 32.24 0.34
N TYR A 593 -18.66 33.00 1.35
CA TYR A 593 -19.60 34.08 1.12
C TYR A 593 -19.01 35.13 0.20
N HIS A 594 -17.73 35.43 0.36
CA HIS A 594 -17.10 36.45 -0.46
C HIS A 594 -16.82 35.94 -1.87
N ASP A 595 -16.48 34.65 -2.01
CA ASP A 595 -16.25 34.10 -3.34
C ASP A 595 -17.52 34.16 -4.18
N LEU A 596 -18.65 33.81 -3.58
CA LEU A 596 -19.91 33.89 -4.31
C LEU A 596 -20.40 35.32 -4.46
N LEU A 597 -19.92 36.24 -3.62
CA LEU A 597 -20.32 37.64 -3.77
C LEU A 597 -19.64 38.28 -4.97
N LYS A 598 -18.37 37.95 -5.23
CA LYS A 598 -17.68 38.50 -6.37
C LYS A 598 -18.01 37.76 -7.67
N ILE A 599 -18.74 36.66 -7.59
CA ILE A 599 -19.12 35.89 -8.78
C ILE A 599 -20.52 36.30 -9.20
N ILE A 600 -21.48 36.20 -8.28
CA ILE A 600 -22.85 36.54 -8.64
C ILE A 600 -23.12 38.04 -8.53
N LYS A 601 -22.28 38.77 -7.80
CA LYS A 601 -22.41 40.22 -7.66
C LYS A 601 -23.81 40.63 -7.18
N ASP A 602 -24.35 39.88 -6.22
CA ASP A 602 -25.67 40.16 -5.68
C ASP A 602 -25.62 39.99 -4.17
N LYS A 603 -25.86 41.08 -3.44
CA LYS A 603 -25.82 41.03 -1.98
C LYS A 603 -27.17 40.65 -1.38
N ASP A 604 -28.27 41.18 -1.93
CA ASP A 604 -29.58 40.86 -1.38
C ASP A 604 -29.92 39.39 -1.59
N PHE A 605 -29.55 38.84 -2.76
CA PHE A 605 -29.79 37.43 -3.01
C PHE A 605 -28.98 36.55 -2.07
N LEU A 606 -27.72 36.89 -1.84
CA LEU A 606 -26.88 36.07 -0.96
C LEU A 606 -27.29 36.22 0.49
N ASP A 607 -27.82 37.37 0.89
CA ASP A 607 -28.28 37.59 2.25
C ASP A 607 -29.71 37.16 2.47
N ASN A 608 -30.43 36.80 1.42
CA ASN A 608 -31.81 36.36 1.57
C ASN A 608 -31.85 35.00 2.25
N GLU A 609 -33.01 34.66 2.82
CA GLU A 609 -33.17 33.44 3.57
C GLU A 609 -33.99 32.38 2.86
N GLU A 610 -34.64 32.72 1.74
CA GLU A 610 -35.43 31.73 1.01
C GLU A 610 -34.66 31.07 -0.12
N ASN A 611 -33.41 31.47 -0.36
CA ASN A 611 -32.56 30.85 -1.37
C ASN A 611 -31.38 30.09 -0.77
N GLU A 612 -31.43 29.82 0.54
CA GLU A 612 -30.35 29.08 1.17
C GLU A 612 -30.28 27.66 0.62
N ASP A 613 -31.43 27.09 0.25
CA ASP A 613 -31.42 25.79 -0.39
C ASP A 613 -30.71 25.85 -1.73
N ILE A 614 -30.95 26.93 -2.49
CA ILE A 614 -30.27 27.10 -3.77
C ILE A 614 -28.77 27.21 -3.57
N LEU A 615 -28.34 27.98 -2.58
CA LEU A 615 -26.91 28.12 -2.32
C LEU A 615 -26.29 26.80 -1.89
N GLU A 616 -27.00 26.04 -1.07
CA GLU A 616 -26.51 24.71 -0.68
C GLU A 616 -26.39 23.83 -1.90
N ASP A 617 -27.37 23.88 -2.80
CA ASP A 617 -27.28 23.09 -4.03
C ASP A 617 -26.09 23.51 -4.87
N ILE A 618 -25.83 24.81 -4.95
CA ILE A 618 -24.73 25.31 -5.77
C ILE A 618 -23.40 24.79 -5.24
N VAL A 619 -23.18 24.96 -3.93
CA VAL A 619 -21.91 24.50 -3.37
C VAL A 619 -21.81 22.99 -3.44
N LEU A 620 -22.94 22.29 -3.31
CA LEU A 620 -22.92 20.85 -3.45
C LEU A 620 -22.49 20.42 -4.84
N THR A 621 -23.01 21.08 -5.87
CA THR A 621 -22.63 20.75 -7.24
C THR A 621 -21.16 21.00 -7.46
N LEU A 622 -20.68 22.18 -7.02
CA LEU A 622 -19.28 22.53 -7.23
C LEU A 622 -18.36 21.59 -6.50
N THR A 623 -18.77 21.10 -5.32
CA THR A 623 -17.94 20.14 -4.60
C THR A 623 -17.97 18.78 -5.28
N LEU A 624 -19.14 18.33 -5.73
CA LEU A 624 -19.29 16.98 -6.25
C LEU A 624 -18.55 16.80 -7.57
N PHE A 625 -18.81 17.69 -8.54
CA PHE A 625 -18.36 17.47 -9.91
C PHE A 625 -17.07 18.24 -10.19
N GLU A 626 -16.10 17.58 -10.79
CA GLU A 626 -14.88 18.26 -11.20
C GLU A 626 -14.83 18.57 -12.69
N ASP A 627 -15.80 18.09 -13.46
CA ASP A 627 -15.83 18.33 -14.90
C ASP A 627 -16.76 19.50 -15.21
N ARG A 628 -16.27 20.41 -16.06
CA ARG A 628 -17.03 21.62 -16.35
C ARG A 628 -18.34 21.31 -17.07
N GLU A 629 -18.33 20.34 -17.96
CA GLU A 629 -19.57 20.02 -18.67
C GLU A 629 -20.63 19.52 -17.70
N MET A 630 -20.24 18.65 -16.76
CA MET A 630 -21.19 18.17 -15.77
C MET A 630 -21.67 19.30 -14.87
N ILE A 631 -20.77 20.17 -14.46
CA ILE A 631 -21.17 21.29 -13.59
C ILE A 631 -22.18 22.17 -14.31
N GLU A 632 -21.90 22.50 -15.57
CA GLU A 632 -22.78 23.39 -16.31
C GLU A 632 -24.11 22.74 -16.64
N GLU A 633 -24.12 21.42 -16.87
CA GLU A 633 -25.39 20.75 -17.15
C GLU A 633 -26.21 20.58 -15.87
N ARG A 634 -25.55 20.47 -14.72
CA ARG A 634 -26.26 20.43 -13.45
C ARG A 634 -26.79 21.80 -13.06
N LEU A 635 -26.08 22.87 -13.40
CA LEU A 635 -26.47 24.21 -13.03
C LEU A 635 -27.47 24.81 -14.01
N LYS A 636 -27.85 24.08 -15.06
CA LYS A 636 -28.78 24.62 -16.04
C LYS A 636 -30.13 24.91 -15.42
N THR A 637 -30.48 24.23 -14.33
CA THR A 637 -31.75 24.50 -13.66
C THR A 637 -31.79 25.90 -13.07
N TYR A 638 -30.63 26.45 -12.70
CA TYR A 638 -30.54 27.77 -12.13
C TYR A 638 -30.08 28.82 -13.14
N ALA A 639 -30.08 28.48 -14.43
CA ALA A 639 -29.58 29.42 -15.43
C ALA A 639 -30.47 30.64 -15.56
N HIS A 640 -31.77 30.49 -15.33
CA HIS A 640 -32.68 31.62 -15.42
C HIS A 640 -32.47 32.62 -14.29
N LEU A 641 -31.98 32.16 -13.14
CA LEU A 641 -31.78 33.06 -12.01
C LEU A 641 -30.68 34.08 -12.30
N PHE A 642 -29.59 33.65 -12.92
CA PHE A 642 -28.44 34.50 -13.18
C PHE A 642 -28.30 34.74 -14.68
N ASP A 643 -27.21 35.37 -15.06
CA ASP A 643 -26.91 35.64 -16.46
C ASP A 643 -25.89 34.64 -16.99
N ASP A 644 -25.58 34.76 -18.28
CA ASP A 644 -24.65 33.82 -18.90
C ASP A 644 -23.25 33.97 -18.33
N LYS A 645 -22.80 35.20 -18.12
CA LYS A 645 -21.47 35.41 -17.55
C LYS A 645 -21.41 34.93 -16.12
N VAL A 646 -22.48 35.11 -15.35
CA VAL A 646 -22.52 34.60 -13.99
C VAL A 646 -22.45 33.07 -13.99
N MET A 647 -23.19 32.45 -14.91
CA MET A 647 -23.14 30.99 -15.03
C MET A 647 -21.73 30.53 -15.36
N LYS A 648 -21.07 31.23 -16.28
CA LYS A 648 -19.71 30.87 -16.64
C LYS A 648 -18.77 30.99 -15.45
N GLN A 649 -18.90 32.06 -14.67
CA GLN A 649 -18.06 32.22 -13.49
C GLN A 649 -18.33 31.10 -12.48
N LEU A 650 -19.60 30.75 -12.30
CA LEU A 650 -19.94 29.69 -11.36
C LEU A 650 -19.32 28.37 -11.80
N LYS A 651 -19.36 28.09 -13.10
CA LYS A 651 -18.68 26.90 -13.61
C LYS A 651 -17.19 26.97 -13.33
N ARG A 652 -16.61 28.17 -13.45
CA ARG A 652 -15.17 28.32 -13.23
C ARG A 652 -14.78 27.97 -11.80
N ARG A 653 -15.56 28.43 -10.82
CA ARG A 653 -15.22 28.21 -9.42
C ARG A 653 -15.48 26.76 -9.02
N ARG A 654 -14.53 26.15 -8.30
CA ARG A 654 -14.73 24.79 -7.81
C ARG A 654 -14.11 24.61 -6.44
N TYR A 655 -14.84 23.96 -5.53
CA TYR A 655 -14.42 23.69 -4.17
C TYR A 655 -14.03 22.23 -4.00
N THR A 656 -13.23 21.95 -2.98
CA THR A 656 -12.86 20.59 -2.63
C THR A 656 -12.87 20.41 -1.12
N GLY A 657 -13.48 19.34 -0.65
CA GLY A 657 -13.48 19.03 0.78
C GLY A 657 -14.85 18.72 1.35
N TRP A 658 -14.89 17.83 2.33
CA TRP A 658 -16.13 17.44 2.98
C TRP A 658 -16.02 17.62 4.49
N GLY A 659 -17.06 18.16 5.09
CA GLY A 659 -17.08 18.41 6.52
C GLY A 659 -17.35 17.15 7.32
N ARG A 660 -17.35 17.30 8.65
CA ARG A 660 -17.63 16.19 9.55
C ARG A 660 -18.98 16.30 10.24
N LEU A 661 -19.82 17.26 9.86
CA LEU A 661 -21.10 17.49 10.51
C LEU A 661 -22.23 17.49 9.48
N SER A 662 -23.36 16.91 9.87
CA SER A 662 -24.52 16.84 8.98
C SER A 662 -25.42 18.05 9.11
N ARG A 663 -26.14 18.34 8.03
CA ARG A 663 -27.04 19.49 8.01
C ARG A 663 -28.17 19.30 9.00
N LYS A 664 -28.68 18.08 9.13
CA LYS A 664 -29.74 17.83 10.10
C LYS A 664 -29.25 18.10 11.51
N LEU A 665 -28.04 17.67 11.84
CA LEU A 665 -27.49 17.95 13.17
C LEU A 665 -27.32 19.45 13.39
N ILE A 666 -26.81 20.18 12.38
CA ILE A 666 -26.51 21.59 12.60
C ILE A 666 -27.79 22.41 12.71
N ASN A 667 -28.77 22.17 11.83
CA ASN A 667 -29.92 23.06 11.74
C ASN A 667 -31.28 22.38 11.73
N GLY A 668 -31.37 21.08 11.50
CA GLY A 668 -32.67 20.44 11.43
C GLY A 668 -33.28 20.13 12.78
N ILE A 669 -32.52 19.50 13.67
CA ILE A 669 -33.05 19.15 14.98
C ILE A 669 -33.22 20.42 15.81
N ARG A 670 -34.25 20.41 16.66
CA ARG A 670 -34.58 21.54 17.51
C ARG A 670 -34.76 21.04 18.94
N ASP A 671 -34.48 21.93 19.89
CA ASP A 671 -34.68 21.59 21.30
C ASP A 671 -36.16 21.43 21.60
N LYS A 672 -36.49 20.42 22.41
CA LYS A 672 -37.87 20.19 22.78
C LYS A 672 -38.40 21.35 23.64
N GLN A 673 -37.56 21.89 24.51
CA GLN A 673 -38.01 22.92 25.44
C GLN A 673 -38.23 24.26 24.74
N SER A 674 -37.30 24.66 23.86
CA SER A 674 -37.33 25.97 23.26
C SER A 674 -37.64 25.99 21.77
N GLY A 675 -37.54 24.85 21.08
CA GLY A 675 -37.76 24.83 19.65
C GLY A 675 -36.73 25.61 18.87
N LYS A 676 -35.47 25.56 19.29
CA LYS A 676 -34.38 26.26 18.63
C LYS A 676 -33.27 25.28 18.27
N THR A 677 -32.72 25.44 17.08
CA THR A 677 -31.66 24.55 16.60
C THR A 677 -30.33 24.95 17.21
N ILE A 678 -29.28 24.18 16.90
CA ILE A 678 -27.95 24.51 17.39
C ILE A 678 -27.49 25.85 16.85
N LEU A 679 -27.73 26.10 15.55
CA LEU A 679 -27.38 27.39 14.99
C LEU A 679 -28.18 28.50 15.64
N ASP A 680 -29.46 28.26 15.93
CA ASP A 680 -30.27 29.27 16.59
C ASP A 680 -29.71 29.62 17.96
N PHE A 681 -29.33 28.60 18.74
CA PHE A 681 -28.75 28.85 20.05
C PHE A 681 -27.42 29.58 19.93
N LEU A 682 -26.59 29.18 18.97
CA LEU A 682 -25.30 29.82 18.78
C LEU A 682 -25.47 31.29 18.42
N LYS A 683 -26.45 31.60 17.57
CA LYS A 683 -26.75 32.99 17.25
C LYS A 683 -27.24 33.73 18.48
N SER A 684 -28.09 33.08 19.29
CA SER A 684 -28.72 33.70 20.45
C SER A 684 -28.06 33.26 21.75
N ASP A 685 -26.73 33.11 21.74
CA ASP A 685 -26.02 32.70 22.95
C ASP A 685 -26.17 33.73 24.06
N GLY A 686 -26.07 35.02 23.71
CA GLY A 686 -26.18 36.03 24.74
C GLY A 686 -24.95 36.02 25.63
N PHE A 687 -25.18 36.27 26.92
CA PHE A 687 -24.09 36.34 27.88
C PHE A 687 -23.44 34.96 28.09
N ALA A 688 -24.21 33.88 27.97
CA ALA A 688 -23.66 32.55 28.21
C ALA A 688 -22.58 32.20 27.20
N ASN A 689 -22.83 32.46 25.91
CA ASN A 689 -21.87 32.18 24.85
C ASN A 689 -21.45 30.70 24.86
N ARG A 690 -22.42 29.82 25.08
CA ARG A 690 -22.17 28.39 25.11
C ARG A 690 -21.94 27.87 23.70
N ASN A 691 -20.87 27.10 23.53
CA ASN A 691 -20.43 26.68 22.20
C ASN A 691 -21.11 25.37 21.81
N PHE A 692 -20.59 24.71 20.77
CA PHE A 692 -21.13 23.46 20.26
C PHE A 692 -21.04 22.35 21.29
N MET A 693 -19.81 21.96 21.63
CA MET A 693 -19.54 20.92 22.63
C MET A 693 -20.43 21.08 23.85
N GLN A 694 -20.61 22.32 24.28
CA GLN A 694 -21.43 22.56 25.47
C GLN A 694 -22.90 22.28 25.16
N LEU A 695 -23.44 22.96 24.15
CA LEU A 695 -24.79 22.68 23.67
C LEU A 695 -25.11 21.19 23.62
N ILE A 696 -24.16 20.41 23.09
CA ILE A 696 -24.42 18.99 22.87
C ILE A 696 -24.16 18.13 24.10
N HIS A 697 -23.42 18.64 25.09
CA HIS A 697 -23.18 17.88 26.30
C HIS A 697 -24.01 18.37 27.49
N ASP A 698 -24.86 19.37 27.29
CA ASP A 698 -25.72 19.85 28.36
C ASP A 698 -26.75 18.79 28.71
N ASP A 699 -26.93 18.56 30.01
CA ASP A 699 -27.91 17.56 30.45
C ASP A 699 -29.33 18.09 30.31
N SER A 700 -29.55 19.35 30.66
CA SER A 700 -30.89 19.93 30.58
C SER A 700 -31.37 20.00 29.15
N LEU A 701 -30.49 20.36 28.22
CA LEU A 701 -30.88 20.48 26.82
C LEU A 701 -31.16 19.11 26.23
N THR A 702 -32.15 19.06 25.34
CA THR A 702 -32.59 17.80 24.75
C THR A 702 -31.73 17.37 23.57
N PHE A 703 -30.73 18.16 23.18
CA PHE A 703 -29.88 17.80 22.06
C PHE A 703 -29.13 16.50 22.33
N LYS A 704 -28.59 16.36 23.54
CA LYS A 704 -27.89 15.13 23.89
C LYS A 704 -28.83 13.93 23.84
N GLU A 705 -30.05 14.09 24.36
CA GLU A 705 -31.01 12.99 24.34
C GLU A 705 -31.36 12.58 22.92
N ASP A 706 -31.60 13.56 22.05
CA ASP A 706 -31.95 13.25 20.67
C ASP A 706 -30.78 12.60 19.93
N ILE A 707 -29.57 13.06 20.19
CA ILE A 707 -28.40 12.44 19.57
C ILE A 707 -28.24 11.01 20.04
N GLN A 708 -28.44 10.76 21.33
CA GLN A 708 -28.37 9.40 21.85
C GLN A 708 -29.44 8.52 21.22
N LYS A 709 -30.63 9.07 21.03
CA LYS A 709 -31.72 8.29 20.42
C LYS A 709 -31.36 7.87 19.01
N ALA A 710 -30.75 8.77 18.24
CA ALA A 710 -30.37 8.45 16.87
C ALA A 710 -29.29 7.37 16.82
N GLN A 711 -28.29 7.47 17.69
CA GLN A 711 -27.21 6.48 17.68
C GLN A 711 -27.70 5.10 18.08
N VAL A 712 -28.80 5.02 18.85
CA VAL A 712 -29.33 3.72 19.24
C VAL A 712 -29.81 2.96 18.01
N SER A 713 -30.46 3.65 17.09
CA SER A 713 -30.96 3.01 15.87
C SER A 713 -29.82 2.38 15.11
N GLY A 714 -30.03 1.14 14.65
CA GLY A 714 -29.01 0.37 13.98
C GLY A 714 -28.21 -0.51 14.92
N GLN A 715 -27.94 -0.04 16.13
CA GLN A 715 -27.22 -0.79 17.17
C GLN A 715 -25.87 -1.22 16.61
N GLY A 716 -25.51 -2.50 16.69
CA GLY A 716 -24.24 -2.96 16.16
C GLY A 716 -24.42 -4.20 15.32
N ASP A 717 -23.53 -4.33 14.33
CA ASP A 717 -23.54 -5.48 13.44
C ASP A 717 -22.86 -6.66 14.12
N SER A 718 -22.59 -7.71 13.35
CA SER A 718 -21.91 -8.86 13.90
C SER A 718 -20.48 -8.49 14.28
N LEU A 719 -19.84 -9.36 15.07
CA LEU A 719 -18.47 -9.10 15.49
C LEU A 719 -17.53 -9.06 14.30
N HIS A 720 -17.69 -9.99 13.37
CA HIS A 720 -16.84 -10.01 12.18
C HIS A 720 -17.07 -8.76 11.33
N GLU A 721 -18.32 -8.33 11.19
CA GLU A 721 -18.61 -7.12 10.43
C GLU A 721 -17.98 -5.90 11.09
N HIS A 722 -18.08 -5.80 12.41
CA HIS A 722 -17.50 -4.67 13.12
C HIS A 722 -15.99 -4.65 12.98
N ILE A 723 -15.35 -5.80 13.12
CA ILE A 723 -13.89 -5.86 12.99
C ILE A 723 -13.48 -5.48 11.58
N ALA A 724 -14.22 -5.93 10.57
CA ALA A 724 -13.92 -5.54 9.20
C ALA A 724 -14.08 -4.04 9.01
N ASN A 725 -15.13 -3.46 9.61
CA ASN A 725 -15.35 -2.03 9.50
C ASN A 725 -14.29 -1.21 10.22
N LEU A 726 -13.58 -1.80 11.18
CA LEU A 726 -12.47 -1.07 11.79
C LEU A 726 -11.45 -0.69 10.73
N ALA A 727 -10.65 0.32 11.04
CA ALA A 727 -9.63 0.81 10.14
C ALA A 727 -8.26 0.36 10.63
N GLY A 728 -7.49 -0.26 9.76
CA GLY A 728 -6.18 -0.76 10.12
C GLY A 728 -5.74 -1.84 9.16
N SER A 729 -4.72 -2.57 9.58
CA SER A 729 -4.21 -3.62 8.71
C SER A 729 -5.11 -4.86 8.79
N PRO A 730 -5.33 -5.54 7.67
CA PRO A 730 -6.11 -6.78 7.71
C PRO A 730 -5.49 -7.84 8.59
N ALA A 731 -4.16 -7.91 8.66
CA ALA A 731 -3.52 -8.87 9.57
C ALA A 731 -3.86 -8.55 11.02
N ILE A 732 -3.84 -7.26 11.37
CA ILE A 732 -4.21 -6.85 12.73
C ILE A 732 -5.67 -7.19 13.00
N LYS A 733 -6.54 -6.98 12.02
CA LYS A 733 -7.95 -7.30 12.23
C LYS A 733 -8.16 -8.80 12.43
N LYS A 734 -7.44 -9.62 11.67
CA LYS A 734 -7.50 -11.06 11.86
C LYS A 734 -7.04 -11.45 13.26
N GLY A 735 -5.93 -10.87 13.73
CA GLY A 735 -5.49 -11.15 15.08
C GLY A 735 -6.50 -10.74 16.13
N ILE A 736 -7.18 -9.61 15.92
CA ILE A 736 -8.20 -9.16 16.86
C ILE A 736 -9.34 -10.15 16.94
N LEU A 737 -9.82 -10.61 15.78
CA LEU A 737 -10.92 -11.58 15.80
C LEU A 737 -10.52 -12.85 16.52
N GLN A 738 -9.31 -13.35 16.27
CA GLN A 738 -8.87 -14.56 16.95
C GLN A 738 -8.80 -14.33 18.47
N THR A 739 -8.34 -13.15 18.88
CA THR A 739 -8.28 -12.85 20.32
C THR A 739 -9.66 -12.84 20.95
N VAL A 740 -10.65 -12.26 20.27
CA VAL A 740 -12.01 -12.27 20.82
C VAL A 740 -12.50 -13.70 20.98
N LYS A 741 -12.26 -14.53 19.97
CA LYS A 741 -12.73 -15.92 20.04
C LYS A 741 -12.05 -16.69 21.16
N VAL A 742 -10.73 -16.50 21.35
CA VAL A 742 -10.06 -17.24 22.43
C VAL A 742 -10.50 -16.74 23.79
N VAL A 743 -10.82 -15.45 23.92
CA VAL A 743 -11.35 -14.97 25.20
C VAL A 743 -12.67 -15.63 25.50
N ASP A 744 -13.57 -15.70 24.51
CA ASP A 744 -14.85 -16.37 24.73
C ASP A 744 -14.65 -17.84 25.08
N GLU A 745 -13.73 -18.51 24.40
CA GLU A 745 -13.48 -19.92 24.71
C GLU A 745 -12.99 -20.09 26.14
N LEU A 746 -12.09 -19.22 26.59
CA LEU A 746 -11.61 -19.33 27.96
C LEU A 746 -12.70 -19.05 28.98
N VAL A 747 -13.58 -18.08 28.68
CA VAL A 747 -14.70 -17.80 29.59
C VAL A 747 -15.60 -19.02 29.69
N LYS A 748 -15.87 -19.67 28.57
CA LYS A 748 -16.67 -20.90 28.63
C LYS A 748 -15.95 -21.99 29.39
N VAL A 749 -14.62 -22.07 29.23
CA VAL A 749 -13.84 -23.12 29.89
C VAL A 749 -13.88 -22.94 31.40
N MET A 750 -13.77 -21.70 31.87
CA MET A 750 -13.70 -21.43 33.30
C MET A 750 -15.06 -21.42 33.98
N GLY A 751 -16.10 -21.98 33.35
CA GLY A 751 -17.40 -22.09 33.99
C GLY A 751 -18.34 -20.93 33.78
N ARG A 752 -18.20 -20.19 32.70
CA ARG A 752 -19.03 -19.02 32.37
C ARG A 752 -18.90 -17.90 33.40
N HIS A 753 -17.81 -17.84 34.13
CA HIS A 753 -17.58 -16.74 35.07
C HIS A 753 -16.62 -15.74 34.42
N LYS A 754 -17.06 -14.50 34.29
CA LYS A 754 -16.23 -13.51 33.63
C LYS A 754 -15.08 -13.08 34.53
N PRO A 755 -13.90 -12.83 33.96
CA PRO A 755 -12.73 -12.51 34.79
C PRO A 755 -12.81 -11.10 35.36
N GLU A 756 -12.00 -10.85 36.39
CA GLU A 756 -11.90 -9.51 36.94
C GLU A 756 -11.21 -8.56 35.98
N ASN A 757 -10.10 -9.00 35.36
CA ASN A 757 -9.34 -8.14 34.48
C ASN A 757 -8.96 -8.87 33.21
N ILE A 758 -8.79 -8.11 32.14
CA ILE A 758 -8.31 -8.62 30.86
C ILE A 758 -7.16 -7.72 30.45
N VAL A 759 -5.92 -8.19 30.61
CA VAL A 759 -4.74 -7.41 30.29
C VAL A 759 -4.30 -7.74 28.87
N ILE A 760 -4.28 -6.74 27.99
CA ILE A 760 -3.94 -6.98 26.60
C ILE A 760 -2.77 -6.09 26.20
N GLU A 761 -2.10 -6.50 25.13
CA GLU A 761 -1.04 -5.71 24.50
C GLU A 761 -1.01 -6.03 23.02
N MET A 762 -0.54 -5.08 22.22
CA MET A 762 -0.44 -5.27 20.78
C MET A 762 0.93 -4.83 20.30
N ALA A 763 1.55 -5.64 19.45
CA ALA A 763 2.84 -5.29 18.88
C ALA A 763 2.69 -4.12 17.91
N ARG A 764 3.77 -3.34 17.78
CA ARG A 764 3.73 -2.16 16.91
C ARG A 764 3.53 -2.56 15.45
N GLU A 765 4.24 -3.59 15.00
CA GLU A 765 4.13 -4.04 13.61
C GLU A 765 4.29 -5.54 13.50
N LYS A 774 7.97 -3.26 -4.11
CA LYS A 774 9.28 -3.53 -3.52
C LYS A 774 9.86 -2.30 -2.85
N ASN A 775 10.29 -2.46 -1.60
CA ASN A 775 10.85 -1.34 -0.86
C ASN A 775 12.13 -0.83 -1.49
N SER A 776 12.97 -1.75 -2.00
CA SER A 776 14.20 -1.33 -2.66
C SER A 776 13.90 -0.52 -3.91
N ARG A 777 12.88 -0.92 -4.67
CA ARG A 777 12.48 -0.14 -5.85
C ARG A 777 12.01 1.25 -5.45
N GLU A 778 11.24 1.35 -4.37
CA GLU A 778 10.80 2.66 -3.90
C GLU A 778 11.98 3.52 -3.50
N ARG A 779 12.96 2.93 -2.80
CA ARG A 779 14.15 3.69 -2.44
C ARG A 779 14.91 4.16 -3.67
N MET A 780 15.04 3.28 -4.67
CA MET A 780 15.74 3.66 -5.89
C MET A 780 15.04 4.81 -6.61
N LYS A 781 13.72 4.74 -6.72
CA LYS A 781 13.00 5.82 -7.39
C LYS A 781 13.09 7.12 -6.58
N ARG A 782 13.05 7.01 -5.25
CA ARG A 782 13.15 8.21 -4.42
C ARG A 782 14.50 8.87 -4.56
N ILE A 783 15.58 8.08 -4.52
CA ILE A 783 16.91 8.68 -4.65
C ILE A 783 17.11 9.24 -6.05
N GLU A 784 16.58 8.57 -7.08
CA GLU A 784 16.70 9.08 -8.44
C GLU A 784 15.99 10.42 -8.57
N GLU A 785 14.76 10.51 -8.05
CA GLU A 785 14.02 11.76 -8.11
C GLU A 785 14.73 12.87 -7.34
N GLY A 786 15.25 12.54 -6.16
CA GLY A 786 15.96 13.55 -5.39
C GLY A 786 17.21 14.04 -6.08
N ILE A 787 17.97 13.12 -6.68
CA ILE A 787 19.19 13.52 -7.39
C ILE A 787 18.84 14.38 -8.59
N LYS A 788 17.80 14.01 -9.34
CA LYS A 788 17.39 14.83 -10.48
C LYS A 788 16.95 16.22 -10.04
N GLU A 789 16.19 16.31 -8.94
CA GLU A 789 15.76 17.61 -8.45
C GLU A 789 16.94 18.45 -8.00
N LEU A 790 17.91 17.84 -7.30
CA LEU A 790 19.05 18.58 -6.79
C LEU A 790 20.05 18.94 -7.88
N GLY A 791 20.03 18.25 -9.02
CA GLY A 791 20.96 18.52 -10.08
C GLY A 791 22.33 17.91 -9.90
N SER A 792 22.55 17.14 -8.84
CA SER A 792 23.84 16.51 -8.61
C SER A 792 23.98 15.26 -9.46
N GLN A 793 25.14 14.63 -9.38
CA GLN A 793 25.44 13.44 -10.17
C GLN A 793 26.11 12.38 -9.30
N ILE A 794 25.64 12.24 -8.06
CA ILE A 794 26.21 11.24 -7.16
C ILE A 794 25.95 9.83 -7.71
N LEU A 795 24.73 9.58 -8.19
CA LEU A 795 24.43 8.29 -8.78
C LEU A 795 25.29 8.04 -10.01
N LYS A 796 25.50 9.08 -10.82
CA LYS A 796 26.35 8.95 -11.99
C LYS A 796 27.80 8.71 -11.61
N GLU A 797 28.23 9.21 -10.45
CA GLU A 797 29.60 8.98 -10.00
C GLU A 797 29.84 7.49 -9.76
N HIS A 798 28.91 6.82 -9.11
CA HIS A 798 29.01 5.38 -8.84
C HIS A 798 27.60 4.83 -8.66
N PRO A 799 27.05 4.18 -9.69
CA PRO A 799 25.68 3.68 -9.58
C PRO A 799 25.56 2.61 -8.50
N VAL A 800 24.38 2.58 -7.88
CA VAL A 800 24.08 1.65 -6.80
C VAL A 800 22.82 0.88 -7.16
N GLU A 801 22.87 -0.44 -7.02
CA GLU A 801 21.70 -1.27 -7.28
C GLU A 801 20.74 -1.24 -6.09
N ASN A 802 19.51 -1.70 -6.35
CA ASN A 802 18.48 -1.66 -5.31
C ASN A 802 18.85 -2.55 -4.13
N THR A 803 19.41 -3.73 -4.39
CA THR A 803 19.83 -4.61 -3.30
C THR A 803 20.90 -3.94 -2.46
N GLN A 804 21.86 -3.28 -3.10
CA GLN A 804 22.85 -2.51 -2.36
C GLN A 804 22.21 -1.34 -1.64
N LEU A 805 21.23 -0.68 -2.28
CA LEU A 805 20.55 0.44 -1.67
C LEU A 805 19.73 0.03 -0.46
N GLN A 806 19.43 -1.26 -0.32
CA GLN A 806 18.70 -1.73 0.85
C GLN A 806 19.50 -1.55 2.14
N ASN A 807 20.82 -1.39 2.05
CA ASN A 807 21.64 -1.18 3.23
C ASN A 807 21.32 0.18 3.86
N GLU A 808 21.25 0.19 5.19
CA GLU A 808 20.89 1.42 5.90
C GLU A 808 21.95 2.49 5.76
N LYS A 809 23.21 2.12 5.97
CA LYS A 809 24.29 3.10 5.88
C LYS A 809 24.41 3.67 4.47
N LEU A 810 24.36 2.79 3.46
CA LEU A 810 24.43 3.26 2.08
C LEU A 810 23.24 4.14 1.72
N TYR A 811 22.05 3.76 2.18
CA TYR A 811 20.87 4.56 1.90
C TYR A 811 20.99 5.94 2.54
N LEU A 812 21.46 6.01 3.78
CA LEU A 812 21.64 7.30 4.43
C LEU A 812 22.70 8.14 3.72
N TYR A 813 23.82 7.51 3.33
CA TYR A 813 24.87 8.25 2.64
C TYR A 813 24.37 8.82 1.33
N TYR A 814 23.58 8.04 0.59
CA TYR A 814 23.05 8.52 -0.68
C TYR A 814 21.97 9.57 -0.47
N LEU A 815 21.17 9.45 0.59
CA LEU A 815 20.14 10.44 0.86
C LEU A 815 20.75 11.77 1.27
N GLN A 816 21.87 11.74 1.98
CA GLN A 816 22.54 12.96 2.41
C GLN A 816 23.42 13.57 1.32
N ASN A 817 23.28 13.12 0.07
CA ASN A 817 24.05 13.61 -1.06
C ASN A 817 25.56 13.42 -0.84
N GLY A 818 25.93 12.41 -0.05
CA GLY A 818 27.32 12.11 0.16
C GLY A 818 28.08 13.06 1.06
N ARG A 819 27.39 13.95 1.76
CA ARG A 819 28.02 14.93 2.62
C ARG A 819 27.52 14.77 4.05
N ASP A 820 28.37 15.19 4.99
CA ASP A 820 28.00 15.11 6.40
C ASP A 820 26.80 16.01 6.69
N MET A 821 25.96 15.56 7.62
CA MET A 821 24.73 16.27 7.94
C MET A 821 24.87 17.20 9.14
N TYR A 822 25.82 16.94 10.02
CA TYR A 822 26.03 17.77 11.20
C TYR A 822 27.09 18.85 10.99
N VAL A 823 28.10 18.58 10.16
CA VAL A 823 29.13 19.55 9.83
C VAL A 823 29.32 19.55 8.32
N ASP A 824 29.94 20.62 7.84
CA ASP A 824 30.13 20.82 6.40
C ASP A 824 31.40 20.10 5.97
N GLN A 825 31.25 18.86 5.54
CA GLN A 825 32.35 18.10 4.99
C GLN A 825 31.78 16.99 4.12
N GLU A 826 32.68 16.27 3.44
CA GLU A 826 32.31 15.24 2.47
C GLU A 826 32.60 13.87 3.04
N LEU A 827 31.63 12.96 2.91
CA LEU A 827 31.79 11.57 3.30
C LEU A 827 32.21 10.73 2.11
N ASP A 828 32.84 9.59 2.42
CA ASP A 828 33.34 8.67 1.39
C ASP A 828 32.56 7.37 1.43
N ILE A 829 32.06 6.95 0.27
CA ILE A 829 31.33 5.69 0.17
C ILE A 829 32.26 4.52 0.48
N ASN A 830 33.49 4.57 -0.05
CA ASN A 830 34.46 3.51 0.22
C ASN A 830 34.89 3.48 1.68
N ARG A 831 34.66 4.55 2.43
CA ARG A 831 34.98 4.61 3.85
C ARG A 831 33.79 4.30 4.74
N LEU A 832 32.70 3.78 4.17
CA LEU A 832 31.52 3.45 4.96
C LEU A 832 31.82 2.27 5.88
N SER A 833 30.80 1.86 6.64
CA SER A 833 30.92 0.86 7.69
C SER A 833 31.92 1.27 8.76
N ASP A 834 32.23 2.56 8.82
CA ASP A 834 33.14 3.10 9.81
C ASP A 834 32.60 4.33 10.53
N TYR A 835 31.61 5.01 9.98
CA TYR A 835 30.99 6.17 10.62
C TYR A 835 29.96 5.69 11.64
N ASP A 836 29.19 6.63 12.17
CA ASP A 836 28.17 6.33 13.17
C ASP A 836 26.84 6.94 12.74
N VAL A 837 25.76 6.19 12.94
CA VAL A 837 24.42 6.66 12.64
C VAL A 837 23.84 7.27 13.91
N ASP A 838 23.49 8.55 13.85
CA ASP A 838 22.98 9.28 15.00
C ASP A 838 21.55 9.72 14.75
N ALA A 839 20.68 9.43 15.71
CA ALA A 839 19.29 9.85 15.62
C ALA A 839 19.15 11.30 16.08
N ILE A 840 18.33 12.06 15.37
CA ILE A 840 18.16 13.46 15.70
C ILE A 840 17.56 13.59 17.11
N VAL A 841 16.51 12.85 17.39
CA VAL A 841 15.97 12.74 18.74
C VAL A 841 16.67 11.58 19.43
N PRO A 842 17.22 11.77 20.63
CA PRO A 842 17.96 10.69 21.28
C PRO A 842 17.07 9.47 21.51
N GLN A 843 17.68 8.30 21.40
CA GLN A 843 16.92 7.05 21.49
C GLN A 843 16.24 6.89 22.84
N SER A 844 16.80 7.47 23.89
CA SER A 844 16.20 7.34 25.22
C SER A 844 14.82 7.98 25.28
N PHE A 845 14.67 9.17 24.70
CA PHE A 845 13.38 9.85 24.76
C PHE A 845 12.37 9.18 23.85
N LEU A 846 12.77 8.85 22.63
CA LEU A 846 11.89 8.20 21.66
C LEU A 846 12.67 7.08 20.98
N LYS A 847 12.07 5.89 20.93
CA LYS A 847 12.71 4.75 20.28
C LYS A 847 12.14 4.61 18.87
N ASP A 848 12.66 5.44 17.97
CA ASP A 848 12.29 5.42 16.56
C ASP A 848 13.55 5.16 15.75
N ASP A 849 13.59 4.01 15.07
CA ASP A 849 14.75 3.60 14.29
C ASP A 849 14.57 3.84 12.80
N SER A 850 13.56 4.60 12.41
CA SER A 850 13.31 4.81 10.99
C SER A 850 14.32 5.79 10.40
N ILE A 851 14.38 5.82 9.07
CA ILE A 851 15.24 6.76 8.37
C ILE A 851 14.78 8.19 8.62
N ASP A 852 13.50 8.37 8.93
CA ASP A 852 12.99 9.69 9.25
C ASP A 852 13.62 10.26 10.51
N ASN A 853 14.23 9.41 11.33
CA ASN A 853 14.91 9.86 12.54
C ASN A 853 16.39 9.57 12.55
N LYS A 854 16.88 8.69 11.70
CA LYS A 854 18.29 8.34 11.66
C LYS A 854 19.06 9.28 10.73
N VAL A 855 20.28 9.62 11.13
CA VAL A 855 21.15 10.49 10.35
C VAL A 855 22.56 9.93 10.41
N LEU A 856 23.23 9.88 9.26
CA LEU A 856 24.58 9.36 9.16
C LEU A 856 25.57 10.52 9.14
N THR A 857 26.50 10.52 10.09
CA THR A 857 27.51 11.57 10.17
C THR A 857 28.85 10.95 10.52
N ARG A 858 29.92 11.70 10.26
CA ARG A 858 31.27 11.20 10.52
C ARG A 858 31.48 10.93 12.01
N SER A 859 31.03 11.84 12.86
CA SER A 859 31.17 11.67 14.31
C SER A 859 29.91 12.16 14.99
N ASP A 860 29.37 11.33 15.89
CA ASP A 860 28.18 11.71 16.63
C ASP A 860 28.42 12.85 17.58
N LYS A 861 29.68 13.10 17.98
CA LYS A 861 29.99 14.17 18.90
C LYS A 861 29.78 15.55 18.30
N ASN A 862 29.63 15.65 16.98
CA ASN A 862 29.43 16.95 16.36
C ASN A 862 28.07 17.55 16.72
N ARG A 863 27.09 16.71 17.05
CA ARG A 863 25.76 17.20 17.38
C ARG A 863 25.75 18.01 18.66
N GLY A 864 26.75 17.87 19.51
CA GLY A 864 26.81 18.58 20.77
C GLY A 864 26.45 17.67 21.94
N LYS A 865 25.52 18.11 22.77
CA LYS A 865 25.07 17.29 23.88
C LYS A 865 24.33 16.05 23.37
N SER A 866 24.52 14.93 24.05
CA SER A 866 23.97 13.66 23.62
C SER A 866 22.56 13.41 24.15
N ASP A 867 22.00 14.33 24.92
CA ASP A 867 20.69 14.14 25.53
C ASP A 867 19.70 15.23 25.12
N ASN A 868 19.86 15.78 23.91
CA ASN A 868 18.99 16.85 23.45
C ASN A 868 19.04 16.90 21.92
N VAL A 869 18.35 17.88 21.37
CA VAL A 869 18.29 18.12 19.93
C VAL A 869 19.67 18.58 19.48
N PRO A 870 20.04 18.43 18.20
CA PRO A 870 21.33 18.93 17.74
C PRO A 870 21.56 20.39 18.13
N SER A 871 22.83 20.75 18.27
CA SER A 871 23.19 22.04 18.86
C SER A 871 22.81 23.19 17.92
N GLU A 872 22.68 24.36 18.52
CA GLU A 872 22.26 25.54 17.77
C GLU A 872 23.32 25.93 16.74
N GLU A 873 24.60 25.79 17.08
CA GLU A 873 25.66 26.12 16.13
C GLU A 873 25.60 25.21 14.91
N VAL A 874 25.41 23.90 15.13
CA VAL A 874 25.29 22.97 14.02
C VAL A 874 24.04 23.26 13.20
N VAL A 875 22.94 23.62 13.87
CA VAL A 875 21.71 23.95 13.17
C VAL A 875 21.93 25.17 12.27
N LYS A 876 22.60 26.19 12.79
CA LYS A 876 22.90 27.38 12.00
C LYS A 876 23.81 27.04 10.83
N LYS A 877 24.79 26.16 11.06
CA LYS A 877 25.72 25.79 10.00
C LYS A 877 25.01 25.05 8.87
N MET A 878 24.11 24.13 9.20
CA MET A 878 23.53 23.22 8.22
C MET A 878 22.08 23.53 7.88
N LYS A 879 21.57 24.69 8.29
CA LYS A 879 20.19 25.05 7.96
C LYS A 879 19.98 25.15 6.45
N ASN A 880 20.90 25.79 5.75
CA ASN A 880 20.76 25.92 4.31
C ASN A 880 20.82 24.56 3.62
N TYR A 881 21.75 23.71 4.05
CA TYR A 881 21.87 22.38 3.45
C TYR A 881 20.61 21.56 3.70
N TRP A 882 20.07 21.61 4.92
CA TRP A 882 18.85 20.87 5.22
C TRP A 882 17.66 21.42 4.44
N ARG A 883 17.58 22.74 4.28
CA ARG A 883 16.51 23.31 3.48
C ARG A 883 16.61 22.85 2.03
N GLN A 884 17.83 22.80 1.49
CA GLN A 884 18.03 22.30 0.14
C GLN A 884 17.61 20.83 0.03
N LEU A 885 17.97 20.02 1.03
CA LEU A 885 17.59 18.61 1.01
C LEU A 885 16.07 18.45 1.06
N LEU A 886 15.41 19.26 1.90
CA LEU A 886 13.95 19.20 1.96
C LEU A 886 13.32 19.60 0.63
N ASN A 887 13.86 20.65 0.00
CA ASN A 887 13.35 21.05 -1.30
C ASN A 887 13.62 19.98 -2.35
N ALA A 888 14.64 19.15 -2.14
CA ALA A 888 14.95 18.03 -3.02
C ALA A 888 14.20 16.77 -2.65
N LYS A 889 13.34 16.82 -1.63
CA LYS A 889 12.53 15.70 -1.18
C LYS A 889 13.40 14.54 -0.66
N LEU A 890 14.66 14.82 -0.32
CA LEU A 890 15.50 13.80 0.27
C LEU A 890 15.15 13.55 1.74
N ILE A 891 14.81 14.61 2.46
CA ILE A 891 14.34 14.51 3.84
C ILE A 891 12.92 15.06 3.90
N THR A 892 12.21 14.71 4.96
CA THR A 892 10.80 15.04 5.10
C THR A 892 10.60 16.27 5.97
N GLN A 893 9.37 16.78 5.96
CA GLN A 893 9.04 17.95 6.75
C GLN A 893 9.21 17.66 8.24
N ARG A 894 8.78 16.48 8.68
CA ARG A 894 8.96 16.10 10.09
C ARG A 894 10.44 16.03 10.45
N LYS A 895 11.26 15.45 9.58
CA LYS A 895 12.69 15.37 9.84
C LYS A 895 13.31 16.76 9.93
N PHE A 896 12.90 17.66 9.03
CA PHE A 896 13.41 19.03 9.08
C PHE A 896 13.00 19.71 10.38
N ASP A 897 11.74 19.54 10.80
CA ASP A 897 11.28 20.17 12.03
C ASP A 897 12.03 19.64 13.23
N ASN A 898 12.31 18.34 13.25
CA ASN A 898 13.09 17.79 14.35
C ASN A 898 14.50 18.34 14.34
N LEU A 899 15.12 18.44 13.16
CA LEU A 899 16.50 18.91 13.10
C LEU A 899 16.61 20.36 13.53
N THR A 900 15.68 21.22 13.12
CA THR A 900 15.74 22.64 13.45
C THR A 900 14.97 22.98 14.71
N LYS A 901 14.84 22.04 15.66
CA LYS A 901 14.14 22.33 16.90
C LYS A 901 14.97 23.17 17.86
N ALA A 902 16.29 23.20 17.68
CA ALA A 902 17.13 24.02 18.55
C ALA A 902 16.78 25.49 18.41
N GLU A 903 16.53 25.94 17.18
CA GLU A 903 16.12 27.32 16.97
C GLU A 903 14.78 27.60 17.64
N ARG A 904 13.85 26.65 17.54
CA ARG A 904 12.55 26.83 18.19
C ARG A 904 12.68 26.82 19.70
N GLY A 905 13.70 26.18 20.24
CA GLY A 905 13.91 26.17 21.67
C GLY A 905 14.46 24.87 22.20
N GLY A 906 14.54 23.86 21.36
CA GLY A 906 15.07 22.58 21.77
C GLY A 906 14.06 21.77 22.57
N LEU A 907 14.56 20.70 23.17
CA LEU A 907 13.73 19.77 23.93
C LEU A 907 13.51 20.32 25.34
N SER A 908 12.31 20.83 25.59
CA SER A 908 11.99 21.38 26.90
C SER A 908 11.76 20.24 27.90
N GLU A 909 11.68 20.62 29.18
CA GLU A 909 11.47 19.63 30.23
C GLU A 909 10.10 18.98 30.11
N LEU A 910 9.08 19.77 29.77
CA LEU A 910 7.76 19.20 29.55
C LEU A 910 7.77 18.22 28.39
N ASP A 911 8.49 18.55 27.33
CA ASP A 911 8.61 17.63 26.19
C ASP A 911 9.29 16.34 26.59
N LYS A 912 10.37 16.43 27.39
CA LYS A 912 11.05 15.24 27.86
C LYS A 912 10.12 14.38 28.72
N ALA A 913 9.35 15.03 29.60
CA ALA A 913 8.42 14.30 30.44
C ALA A 913 7.36 13.60 29.60
N GLY A 914 6.84 14.28 28.58
CA GLY A 914 5.88 13.66 27.70
C GLY A 914 6.46 12.47 26.95
N PHE A 915 7.70 12.60 26.47
CA PHE A 915 8.34 11.49 25.78
C PHE A 915 8.53 10.29 26.71
N ILE A 916 8.92 10.55 27.96
CA ILE A 916 9.07 9.45 28.90
C ILE A 916 7.73 8.79 29.19
N LYS A 917 6.69 9.60 29.39
CA LYS A 917 5.39 9.05 29.73
C LYS A 917 4.82 8.22 28.58
N ARG A 918 4.96 8.69 27.35
CA ARG A 918 4.35 7.99 26.23
C ARG A 918 5.05 6.68 25.89
N GLN A 919 6.21 6.39 26.49
CA GLN A 919 6.85 5.10 26.27
C GLN A 919 6.14 3.96 26.98
N LEU A 920 5.33 4.25 27.99
CA LEU A 920 4.65 3.22 28.74
C LEU A 920 3.14 3.19 28.56
N VAL A 921 2.51 4.33 28.28
CA VAL A 921 1.07 4.43 28.20
C VAL A 921 0.64 4.24 26.75
N GLU A 922 -0.17 3.22 26.50
CA GLU A 922 -0.68 2.96 25.16
C GLU A 922 -1.73 4.00 24.79
N THR A 923 -1.64 4.51 23.56
CA THR A 923 -2.57 5.52 23.07
C THR A 923 -3.01 5.25 21.64
N ARG A 924 -2.80 4.05 21.11
CA ARG A 924 -3.10 3.78 19.72
C ARG A 924 -4.59 3.50 19.55
N GLN A 925 -5.15 4.06 18.47
CA GLN A 925 -6.58 3.90 18.23
C GLN A 925 -6.95 2.45 18.00
N ILE A 926 -6.04 1.67 17.41
CA ILE A 926 -6.33 0.25 17.19
C ILE A 926 -6.50 -0.46 18.53
N THR A 927 -5.62 -0.18 19.50
CA THR A 927 -5.75 -0.84 20.79
C THR A 927 -6.94 -0.30 21.55
N LYS A 928 -7.31 0.96 21.30
CA LYS A 928 -8.53 1.51 21.88
C LYS A 928 -9.70 0.67 21.41
N HIS A 929 -9.91 0.60 20.10
CA HIS A 929 -10.94 -0.26 19.52
C HIS A 929 -10.95 -1.66 20.13
N VAL A 930 -9.81 -2.33 20.13
CA VAL A 930 -9.77 -3.70 20.66
C VAL A 930 -10.31 -3.74 22.09
N ALA A 931 -9.83 -2.83 22.92
CA ALA A 931 -10.26 -2.79 24.32
C ALA A 931 -11.76 -2.52 24.41
N GLN A 932 -12.26 -1.62 23.58
CA GLN A 932 -13.68 -1.31 23.61
C GLN A 932 -14.52 -2.51 23.23
N ILE A 933 -14.08 -3.27 22.23
CA ILE A 933 -14.83 -4.45 21.82
C ILE A 933 -14.88 -5.47 22.94
N LEU A 934 -13.73 -5.74 23.57
CA LEU A 934 -13.73 -6.70 24.67
C LEU A 934 -14.58 -6.21 25.83
N ASP A 935 -14.51 -4.91 26.13
CA ASP A 935 -15.30 -4.37 27.23
C ASP A 935 -16.80 -4.49 26.96
N SER A 936 -17.23 -4.18 25.74
CA SER A 936 -18.63 -4.30 25.39
C SER A 936 -19.09 -5.75 25.46
N ARG A 937 -18.25 -6.68 25.02
CA ARG A 937 -18.60 -8.09 25.10
C ARG A 937 -18.72 -8.54 26.55
N MET A 938 -17.81 -8.11 27.42
CA MET A 938 -17.75 -8.63 28.78
C MET A 938 -18.79 -7.97 29.69
N ASN A 939 -18.73 -6.65 29.84
CA ASN A 939 -19.63 -5.93 30.74
C ASN A 939 -20.90 -5.56 29.99
N THR A 940 -22.03 -6.09 30.45
CA THR A 940 -23.32 -5.85 29.79
C THR A 940 -24.42 -5.38 30.72
N LYS A 941 -24.34 -5.61 32.02
CA LYS A 941 -25.42 -5.23 32.90
C LYS A 941 -25.44 -3.72 33.12
N TYR A 942 -26.62 -3.22 33.50
CA TYR A 942 -26.83 -1.80 33.77
C TYR A 942 -27.45 -1.64 35.15
N ASP A 943 -27.17 -0.48 35.76
CA ASP A 943 -27.69 -0.18 37.08
C ASP A 943 -29.08 0.45 36.96
N GLU A 944 -29.63 0.89 38.09
CA GLU A 944 -30.93 1.55 38.09
C GLU A 944 -30.86 2.86 37.34
N ASN A 945 -29.76 3.60 37.49
CA ASN A 945 -29.56 4.87 36.81
C ASN A 945 -28.89 4.69 35.45
N ASP A 946 -29.03 3.51 34.85
CA ASP A 946 -28.48 3.21 33.52
C ASP A 946 -26.96 3.40 33.50
N LYS A 947 -26.30 3.08 34.61
CA LYS A 947 -24.85 3.13 34.70
C LYS A 947 -24.30 1.73 34.54
N LEU A 948 -23.48 1.53 33.53
CA LEU A 948 -22.94 0.22 33.23
C LEU A 948 -22.02 -0.24 34.35
N ILE A 949 -22.13 -1.51 34.73
CA ILE A 949 -21.33 -2.08 35.80
C ILE A 949 -20.04 -2.62 35.21
N ARG A 950 -18.90 -2.14 35.70
CA ARG A 950 -17.61 -2.58 35.22
C ARG A 950 -17.21 -3.88 35.94
N GLU A 951 -17.89 -4.96 35.56
CA GLU A 951 -17.52 -6.26 36.12
C GLU A 951 -16.12 -6.66 35.69
N VAL A 952 -15.78 -6.43 34.43
CA VAL A 952 -14.49 -6.79 33.87
C VAL A 952 -13.76 -5.50 33.49
N LYS A 953 -12.55 -5.35 34.01
CA LYS A 953 -11.72 -4.18 33.75
C LYS A 953 -10.67 -4.54 32.72
N VAL A 954 -10.64 -3.81 31.61
CA VAL A 954 -9.70 -4.09 30.52
C VAL A 954 -8.50 -3.17 30.67
N ILE A 955 -7.33 -3.77 30.86
CA ILE A 955 -6.08 -3.03 31.06
C ILE A 955 -5.21 -3.22 29.83
N THR A 956 -4.67 -2.13 29.32
CA THR A 956 -3.82 -2.16 28.14
C THR A 956 -2.43 -1.68 28.51
N LEU A 957 -1.41 -2.45 28.13
CA LEU A 957 -0.04 -2.10 28.42
C LEU A 957 0.76 -2.08 27.13
N LYS A 958 1.89 -1.39 27.17
CA LYS A 958 2.84 -1.43 26.07
C LYS A 958 3.87 -2.54 26.32
N SER A 959 4.57 -2.92 25.26
CA SER A 959 5.57 -3.96 25.41
C SER A 959 6.77 -3.51 26.24
N LYS A 960 6.93 -2.21 26.46
CA LYS A 960 8.09 -1.73 27.20
C LYS A 960 8.08 -2.24 28.64
N LEU A 961 6.91 -2.25 29.29
CA LEU A 961 6.87 -2.68 30.68
C LEU A 961 7.30 -4.13 30.82
N VAL A 962 6.76 -5.01 29.97
CA VAL A 962 7.10 -6.42 30.06
C VAL A 962 8.55 -6.66 29.67
N SER A 963 9.03 -5.96 28.63
CA SER A 963 10.42 -6.13 28.22
C SER A 963 11.38 -5.68 29.31
N ASP A 964 11.08 -4.57 29.97
CA ASP A 964 11.90 -4.12 31.09
C ASP A 964 11.84 -5.11 32.24
N PHE A 965 10.66 -5.67 32.50
CA PHE A 965 10.54 -6.68 33.55
C PHE A 965 11.43 -7.87 33.25
N ARG A 966 11.41 -8.33 32.00
CA ARG A 966 12.23 -9.47 31.61
C ARG A 966 13.72 -9.15 31.75
N LYS A 967 14.14 -7.98 31.28
CA LYS A 967 15.56 -7.64 31.37
C LYS A 967 16.00 -7.46 32.81
N ASP A 968 15.13 -6.89 33.65
CA ASP A 968 15.52 -6.61 35.02
C ASP A 968 15.63 -7.88 35.85
N PHE A 969 14.69 -8.81 35.67
CA PHE A 969 14.63 -9.96 36.56
C PHE A 969 15.02 -11.27 35.87
N GLN A 970 15.92 -11.20 34.89
CA GLN A 970 16.54 -12.39 34.31
C GLN A 970 15.53 -13.33 33.67
N PHE A 971 14.38 -12.85 33.24
CA PHE A 971 13.45 -13.68 32.47
C PHE A 971 13.62 -13.45 30.97
N TYR A 972 14.83 -13.72 30.51
CA TYR A 972 15.22 -13.41 29.14
C TYR A 972 14.38 -14.16 28.12
N LYS A 973 14.12 -13.51 26.99
CA LYS A 973 13.32 -14.06 25.90
C LYS A 973 14.19 -14.28 24.69
N VAL A 974 14.14 -15.49 24.13
CA VAL A 974 14.81 -15.83 22.89
C VAL A 974 13.75 -16.34 21.92
N ARG A 975 13.64 -15.68 20.77
CA ARG A 975 12.58 -16.02 19.81
C ARG A 975 12.87 -17.28 19.00
N GLU A 976 14.12 -17.71 18.92
CA GLU A 976 14.47 -18.85 18.08
C GLU A 976 14.29 -20.21 18.73
N ILE A 977 14.06 -20.27 20.04
CA ILE A 977 13.93 -21.57 20.70
C ILE A 977 12.64 -22.27 20.26
N ASN A 978 11.50 -21.66 20.55
CA ASN A 978 10.21 -22.24 20.18
C ASN A 978 9.18 -21.13 20.19
N ASN A 979 7.91 -21.52 20.07
CA ASN A 979 6.80 -20.58 20.01
C ASN A 979 6.17 -20.31 21.37
N TYR A 980 6.78 -20.82 22.45
CA TYR A 980 6.23 -20.61 23.78
C TYR A 980 6.30 -19.16 24.23
N HIS A 981 7.10 -18.32 23.57
CA HIS A 981 7.26 -16.96 24.06
C HIS A 981 6.00 -16.15 23.91
N HIS A 982 5.11 -16.50 22.98
CA HIS A 982 3.82 -15.82 22.90
C HIS A 982 3.01 -16.03 24.17
N ALA A 983 2.89 -17.28 24.60
CA ALA A 983 2.17 -17.57 25.83
C ALA A 983 2.85 -16.95 27.04
N HIS A 984 4.19 -17.01 27.09
CA HIS A 984 4.90 -16.41 28.21
C HIS A 984 4.70 -14.90 28.25
N ASP A 985 4.69 -14.24 27.09
CA ASP A 985 4.42 -12.81 27.06
C ASP A 985 3.02 -12.50 27.54
N ALA A 986 2.04 -13.30 27.14
CA ALA A 986 0.68 -13.07 27.62
C ALA A 986 0.61 -13.23 29.13
N TYR A 987 1.25 -14.25 29.67
CA TYR A 987 1.22 -14.45 31.11
C TYR A 987 1.89 -13.30 31.84
N LEU A 988 3.04 -12.83 31.35
CA LEU A 988 3.71 -11.71 31.99
C LEU A 988 2.87 -10.44 31.88
N ASN A 989 2.15 -10.26 30.77
CA ASN A 989 1.24 -9.13 30.66
C ASN A 989 0.19 -9.18 31.75
N ALA A 990 -0.40 -10.36 31.96
CA ALA A 990 -1.41 -10.50 33.01
C ALA A 990 -0.83 -10.16 34.37
N VAL A 991 0.34 -10.72 34.68
CA VAL A 991 0.93 -10.52 36.00
C VAL A 991 1.24 -9.04 36.23
N VAL A 992 1.91 -8.42 35.27
CA VAL A 992 2.33 -7.03 35.46
C VAL A 992 1.13 -6.11 35.53
N GLY A 993 0.14 -6.28 34.65
CA GLY A 993 -1.01 -5.40 34.67
C GLY A 993 -1.82 -5.51 35.95
N THR A 994 -2.09 -6.75 36.39
CA THR A 994 -2.86 -6.91 37.62
C THR A 994 -2.11 -6.34 38.82
N ALA A 995 -0.80 -6.62 38.91
CA ALA A 995 -0.04 -6.12 40.04
C ALA A 995 0.00 -4.59 40.03
N LEU A 996 0.18 -3.99 38.85
CA LEU A 996 0.26 -2.54 38.78
C LEU A 996 -1.05 -1.89 39.20
N ILE A 997 -2.18 -2.39 38.70
CA ILE A 997 -3.42 -1.72 39.08
C ILE A 997 -3.80 -2.02 40.51
N LYS A 998 -3.27 -3.09 41.11
CA LYS A 998 -3.47 -3.25 42.55
C LYS A 998 -2.63 -2.25 43.32
N LYS A 999 -1.37 -2.05 42.94
CA LYS A 999 -0.49 -1.18 43.74
C LYS A 999 -0.86 0.28 43.59
N TYR A 1000 -1.18 0.73 42.38
CA TYR A 1000 -1.54 2.12 42.13
C TYR A 1000 -2.95 2.17 41.57
N PRO A 1001 -3.97 2.17 42.44
CA PRO A 1001 -5.35 2.29 41.94
C PRO A 1001 -5.63 3.60 41.26
N LYS A 1002 -4.84 4.65 41.52
CA LYS A 1002 -5.09 5.93 40.86
C LYS A 1002 -4.58 5.95 39.43
N LEU A 1003 -3.86 4.92 39.01
CA LEU A 1003 -3.38 4.81 37.64
C LEU A 1003 -4.40 4.17 36.72
N GLU A 1004 -5.59 3.88 37.24
CA GLU A 1004 -6.62 3.25 36.43
C GLU A 1004 -7.06 4.15 35.28
N SER A 1005 -6.90 5.47 35.43
CA SER A 1005 -7.34 6.38 34.39
C SER A 1005 -6.57 6.17 33.09
N GLU A 1006 -5.25 5.96 33.19
CA GLU A 1006 -4.42 5.83 31.99
C GLU A 1006 -4.27 4.39 31.52
N PHE A 1007 -4.67 3.40 32.30
CA PHE A 1007 -4.53 2.01 31.89
C PHE A 1007 -5.85 1.31 31.69
N VAL A 1008 -6.75 1.36 32.67
CA VAL A 1008 -8.01 0.65 32.58
C VAL A 1008 -8.93 1.36 31.63
N TYR A 1009 -9.50 0.62 30.68
CA TYR A 1009 -10.47 1.22 29.77
C TYR A 1009 -11.72 1.62 30.54
N GLY A 1010 -12.20 2.82 30.27
CA GLY A 1010 -13.38 3.33 30.94
C GLY A 1010 -13.67 4.78 30.60
N LYS A 1030 5.74 20.65 38.27
CA LYS A 1030 4.91 19.60 37.71
C LYS A 1030 5.69 18.75 36.72
N ALA A 1031 6.53 19.40 35.92
CA ALA A 1031 7.34 18.68 34.95
C ALA A 1031 8.31 17.74 35.64
N THR A 1032 8.95 18.20 36.72
CA THR A 1032 9.86 17.33 37.46
C THR A 1032 9.08 16.23 38.17
N ALA A 1033 7.93 16.56 38.75
CA ALA A 1033 7.15 15.56 39.47
C ALA A 1033 6.65 14.47 38.53
N LYS A 1034 6.20 14.85 37.33
CA LYS A 1034 5.73 13.86 36.38
C LYS A 1034 6.88 13.05 35.79
N TYR A 1035 8.04 13.68 35.62
CA TYR A 1035 9.18 12.97 35.04
C TYR A 1035 9.62 11.82 35.93
N PHE A 1036 9.85 12.09 37.22
CA PHE A 1036 10.37 11.06 38.10
C PHE A 1036 9.30 10.08 38.56
N PHE A 1037 8.02 10.40 38.36
CA PHE A 1037 6.97 9.45 38.71
C PHE A 1037 6.97 8.26 37.76
N TYR A 1038 7.06 8.53 36.45
CA TYR A 1038 7.04 7.47 35.47
C TYR A 1038 8.42 6.82 35.28
N SER A 1039 9.47 7.44 35.82
CA SER A 1039 10.78 6.80 35.77
C SER A 1039 10.88 5.66 36.77
N ASN A 1040 10.19 5.77 37.90
CA ASN A 1040 10.21 4.74 38.95
C ASN A 1040 8.86 4.07 39.14
N ILE A 1041 8.01 4.05 38.11
CA ILE A 1041 6.69 3.47 38.27
C ILE A 1041 6.79 1.97 38.51
N MET A 1042 7.82 1.32 37.96
CA MET A 1042 8.01 -0.11 38.10
C MET A 1042 9.04 -0.45 39.18
N ASN A 1043 9.39 0.51 40.03
CA ASN A 1043 10.41 0.27 41.03
C ASN A 1043 9.90 -0.51 42.24
N PHE A 1044 8.60 -0.75 42.36
CA PHE A 1044 8.14 -1.53 43.49
C PHE A 1044 8.33 -3.02 43.28
N PHE A 1045 8.66 -3.46 42.07
CA PHE A 1045 8.96 -4.88 41.86
C PHE A 1045 10.33 -5.22 42.43
N LYS A 1046 11.29 -4.30 42.30
CA LYS A 1046 12.67 -4.60 42.61
C LYS A 1046 12.95 -4.44 44.10
N THR A 1047 13.94 -5.19 44.59
CA THR A 1047 14.31 -5.12 45.99
C THR A 1047 15.11 -3.86 46.32
N GLU A 1048 16.02 -3.46 45.43
CA GLU A 1048 16.88 -2.30 45.66
C GLU A 1048 16.71 -1.28 44.56
N ILE A 1049 16.84 0.00 44.93
CA ILE A 1049 16.71 1.11 44.00
C ILE A 1049 18.01 1.90 44.00
N THR A 1050 18.49 2.25 42.81
CA THR A 1050 19.73 3.01 42.63
C THR A 1050 20.90 2.34 43.33
N ILE A 1056 21.09 3.92 47.25
CA ILE A 1056 20.67 2.56 47.55
C ILE A 1056 19.48 2.57 48.50
N ARG A 1057 18.31 2.19 47.99
CA ARG A 1057 17.09 2.15 48.77
C ARG A 1057 16.74 0.70 49.06
N LYS A 1058 16.58 0.37 50.35
CA LYS A 1058 16.25 -1.00 50.78
C LYS A 1058 14.74 -1.14 50.82
N ARG A 1059 14.14 -1.46 49.67
CA ARG A 1059 12.69 -1.57 49.60
C ARG A 1059 12.20 -2.77 50.42
N PRO A 1060 11.07 -2.64 51.10
CA PRO A 1060 10.59 -3.73 51.96
C PRO A 1060 10.32 -5.02 51.19
N LEU A 1061 10.47 -6.15 51.89
CA LEU A 1061 10.30 -7.45 51.26
C LEU A 1061 8.87 -7.67 50.78
N ILE A 1062 7.87 -7.32 51.59
CA ILE A 1062 6.47 -7.46 51.22
C ILE A 1062 5.96 -6.11 50.76
N GLU A 1063 5.46 -6.06 49.54
CA GLU A 1063 4.93 -4.82 49.00
C GLU A 1063 3.44 -4.77 49.24
N THR A 1064 2.97 -3.67 49.82
CA THR A 1064 1.57 -3.50 50.14
C THR A 1064 1.00 -2.30 49.39
N ASN A 1065 -0.32 -2.32 49.21
CA ASN A 1065 -0.97 -1.25 48.47
C ASN A 1065 -0.77 0.09 49.17
N GLY A 1066 -0.88 0.11 50.48
CA GLY A 1066 -0.92 1.36 51.19
C GLY A 1066 -2.34 1.90 51.20
N GLU A 1067 -2.81 2.32 52.37
CA GLU A 1067 -4.19 2.74 52.64
C GLU A 1067 -5.16 1.57 52.56
N THR A 1068 -4.70 0.38 52.19
CA THR A 1068 -5.53 -0.81 52.14
C THR A 1068 -4.68 -2.02 52.50
N GLY A 1069 -5.32 -3.06 53.00
CA GLY A 1069 -4.62 -4.27 53.38
C GLY A 1069 -4.45 -5.26 52.25
N GLU A 1070 -3.87 -4.82 51.15
CA GLU A 1070 -3.67 -5.66 49.97
C GLU A 1070 -2.18 -5.90 49.74
N ILE A 1071 -1.81 -7.16 49.59
CA ILE A 1071 -0.43 -7.54 49.27
C ILE A 1071 -0.32 -7.64 47.76
N VAL A 1072 0.41 -6.72 47.14
CA VAL A 1072 0.51 -6.72 45.69
C VAL A 1072 1.70 -7.53 45.17
N TRP A 1073 2.71 -7.76 45.99
CA TRP A 1073 3.86 -8.53 45.54
C TRP A 1073 4.59 -9.08 46.76
N ASP A 1074 5.33 -10.15 46.54
CA ASP A 1074 6.16 -10.75 47.59
C ASP A 1074 7.39 -11.30 46.90
N LYS A 1075 8.51 -10.59 47.01
CA LYS A 1075 9.72 -10.97 46.30
C LYS A 1075 10.24 -12.33 46.74
N GLY A 1076 9.86 -12.80 47.92
CA GLY A 1076 10.33 -14.10 48.37
C GLY A 1076 9.80 -15.25 47.55
N ARG A 1077 8.51 -15.22 47.20
CA ARG A 1077 7.86 -16.37 46.59
C ARG A 1077 7.22 -16.10 45.23
N ASP A 1078 6.83 -14.86 44.92
CA ASP A 1078 6.20 -14.61 43.63
C ASP A 1078 7.20 -14.75 42.49
N PHE A 1079 8.46 -14.40 42.73
CA PHE A 1079 9.46 -14.60 41.68
C PHE A 1079 9.63 -16.10 41.41
N ALA A 1080 9.60 -16.91 42.46
CA ALA A 1080 9.66 -18.35 42.27
C ALA A 1080 8.46 -18.85 41.48
N THR A 1081 7.27 -18.30 41.77
CA THR A 1081 6.08 -18.70 41.01
C THR A 1081 6.21 -18.34 39.54
N VAL A 1082 6.70 -17.14 39.24
CA VAL A 1082 6.86 -16.75 37.85
C VAL A 1082 7.87 -17.65 37.15
N ARG A 1083 8.98 -17.94 37.82
CA ARG A 1083 9.97 -18.83 37.22
C ARG A 1083 9.38 -20.20 36.97
N LYS A 1084 8.60 -20.72 37.92
CA LYS A 1084 8.00 -22.05 37.74
C LYS A 1084 7.03 -22.05 36.57
N VAL A 1085 6.23 -20.99 36.43
CA VAL A 1085 5.30 -20.94 35.32
C VAL A 1085 6.03 -20.87 33.99
N LEU A 1086 7.12 -20.11 33.92
CA LEU A 1086 7.84 -20.00 32.66
C LEU A 1086 8.56 -21.29 32.28
N SER A 1087 8.78 -22.21 33.22
CA SER A 1087 9.51 -23.43 32.95
C SER A 1087 8.61 -24.63 32.71
N MET A 1088 7.29 -24.45 32.64
CA MET A 1088 6.41 -25.57 32.40
C MET A 1088 6.58 -26.07 30.97
N PRO A 1089 6.64 -27.39 30.76
CA PRO A 1089 6.83 -27.91 29.41
C PRO A 1089 5.57 -28.02 28.57
N GLN A 1090 4.38 -27.92 29.16
CA GLN A 1090 3.14 -28.06 28.43
C GLN A 1090 2.50 -26.69 28.20
N VAL A 1091 2.35 -26.31 26.93
CA VAL A 1091 1.70 -25.06 26.56
C VAL A 1091 0.92 -25.31 25.27
N ASN A 1092 -0.35 -24.91 25.25
CA ASN A 1092 -1.24 -25.22 24.13
C ASN A 1092 -0.90 -24.33 22.94
N ILE A 1093 -0.09 -24.86 22.03
CA ILE A 1093 0.23 -24.19 20.78
C ILE A 1093 -0.62 -24.80 19.68
N VAL A 1094 -1.37 -23.96 18.98
CA VAL A 1094 -2.30 -24.40 17.97
C VAL A 1094 -2.00 -23.66 16.67
N LYS A 1095 -1.84 -24.41 15.59
CA LYS A 1095 -1.68 -23.81 14.27
C LYS A 1095 -3.04 -23.82 13.59
N LYS A 1096 -3.54 -22.63 13.27
CA LYS A 1096 -4.91 -22.50 12.79
C LYS A 1096 -5.03 -23.13 11.40
N THR A 1097 -5.83 -24.18 11.30
CA THR A 1097 -6.06 -24.84 10.02
C THR A 1097 -6.88 -23.95 9.10
N GLU A 1098 -6.52 -23.95 7.82
CA GLU A 1098 -7.18 -23.10 6.85
C GLU A 1098 -7.39 -23.86 5.55
N VAL A 1099 -8.38 -23.41 4.79
CA VAL A 1099 -8.64 -23.91 3.44
C VAL A 1099 -8.03 -22.91 2.48
N GLN A 1100 -7.12 -23.38 1.64
CA GLN A 1100 -6.40 -22.49 0.74
C GLN A 1100 -7.33 -21.89 -0.30
N THR A 1101 -7.19 -20.59 -0.53
CA THR A 1101 -7.94 -19.89 -1.56
C THR A 1101 -6.99 -18.97 -2.31
N GLY A 1102 -7.35 -18.65 -3.54
CA GLY A 1102 -6.54 -17.75 -4.34
C GLY A 1102 -6.39 -18.17 -5.78
N GLY A 1103 -5.22 -17.91 -6.36
CA GLY A 1103 -5.00 -18.29 -7.73
C GLY A 1103 -4.99 -19.80 -7.89
N PHE A 1104 -5.45 -20.25 -9.06
CA PHE A 1104 -5.54 -21.68 -9.30
C PHE A 1104 -4.17 -22.33 -9.26
N SER A 1105 -3.18 -21.69 -9.86
CA SER A 1105 -1.84 -22.26 -9.98
C SER A 1105 -0.87 -21.15 -10.32
N LYS A 1106 0.35 -21.53 -10.68
CA LYS A 1106 1.34 -20.55 -11.13
C LYS A 1106 0.90 -19.95 -12.46
N GLU A 1107 1.03 -18.64 -12.59
CA GLU A 1107 0.52 -17.96 -13.78
C GLU A 1107 1.39 -18.14 -15.02
N SER A 1108 2.61 -18.63 -14.89
CA SER A 1108 3.47 -18.81 -16.05
C SER A 1108 2.92 -19.89 -16.97
N ILE A 1109 2.92 -19.61 -18.27
CA ILE A 1109 2.43 -20.56 -19.27
C ILE A 1109 3.64 -21.30 -19.82
N LEU A 1110 3.71 -22.59 -19.55
CA LEU A 1110 4.83 -23.43 -19.95
C LEU A 1110 4.68 -23.90 -21.40
N PRO A 1111 5.78 -24.21 -22.07
CA PRO A 1111 5.69 -24.78 -23.42
C PRO A 1111 5.17 -26.20 -23.40
N LYS A 1112 4.81 -26.68 -24.59
CA LYS A 1112 4.24 -28.00 -24.75
C LYS A 1112 5.23 -29.08 -24.34
N ARG A 1113 4.75 -30.07 -23.60
CA ARG A 1113 5.53 -31.23 -23.23
C ARG A 1113 4.57 -32.36 -22.88
N ASN A 1114 5.03 -33.60 -23.02
CA ASN A 1114 4.19 -34.76 -22.76
C ASN A 1114 4.23 -35.12 -21.28
N SER A 1115 3.52 -34.32 -20.50
CA SER A 1115 3.39 -34.52 -19.07
C SER A 1115 1.93 -34.40 -18.68
N ASP A 1116 1.54 -35.17 -17.67
CA ASP A 1116 0.17 -35.11 -17.18
C ASP A 1116 -0.06 -33.95 -16.23
N LYS A 1117 1.01 -33.29 -15.80
CA LYS A 1117 0.89 -32.19 -14.85
C LYS A 1117 0.41 -30.90 -15.50
N LEU A 1118 0.50 -30.79 -16.82
CA LEU A 1118 0.05 -29.58 -17.50
C LEU A 1118 -1.46 -29.45 -17.41
N ILE A 1119 -1.92 -28.20 -17.32
CA ILE A 1119 -3.34 -27.88 -17.22
C ILE A 1119 -3.74 -27.08 -18.45
N ALA A 1120 -4.82 -27.49 -19.10
CA ALA A 1120 -5.24 -26.84 -20.33
C ALA A 1120 -5.66 -25.40 -20.05
N ARG A 1121 -5.21 -24.49 -20.91
CA ARG A 1121 -5.58 -23.09 -20.75
C ARG A 1121 -7.01 -22.83 -21.18
N LYS A 1122 -7.51 -23.61 -22.14
CA LYS A 1122 -8.90 -23.57 -22.56
C LYS A 1122 -9.40 -25.00 -22.65
N LYS A 1123 -10.72 -25.16 -22.78
CA LYS A 1123 -11.28 -26.51 -22.78
C LYS A 1123 -10.80 -27.31 -23.98
N ASP A 1124 -10.71 -26.68 -25.14
CA ASP A 1124 -10.36 -27.40 -26.36
C ASP A 1124 -8.87 -27.38 -26.67
N TRP A 1125 -8.04 -26.79 -25.83
CA TRP A 1125 -6.61 -26.71 -26.10
C TRP A 1125 -5.92 -27.82 -25.33
N ASP A 1126 -5.49 -28.84 -26.05
CA ASP A 1126 -4.79 -29.94 -25.42
C ASP A 1126 -3.44 -29.48 -24.92
N PRO A 1127 -3.11 -29.70 -23.64
CA PRO A 1127 -1.79 -29.27 -23.16
C PRO A 1127 -0.63 -29.89 -23.90
N LYS A 1128 -0.75 -31.15 -24.32
CA LYS A 1128 0.36 -31.79 -25.01
C LYS A 1128 0.66 -31.17 -26.36
N LYS A 1129 -0.25 -30.34 -26.88
CA LYS A 1129 -0.04 -29.67 -28.16
C LYS A 1129 -0.01 -28.16 -28.07
N TYR A 1130 -0.48 -27.57 -26.98
CA TYR A 1130 -0.52 -26.12 -26.85
C TYR A 1130 0.17 -25.55 -25.62
N GLY A 1131 0.64 -26.38 -24.69
CA GLY A 1131 1.18 -25.85 -23.46
C GLY A 1131 0.08 -25.48 -22.48
N GLY A 1132 0.49 -25.09 -21.27
CA GLY A 1132 -0.47 -24.71 -20.27
C GLY A 1132 0.19 -24.49 -18.93
N PHE A 1133 -0.64 -24.27 -17.92
CA PHE A 1133 -0.16 -23.99 -16.57
C PHE A 1133 0.25 -25.29 -15.87
N ASP A 1134 0.74 -25.15 -14.64
CA ASP A 1134 1.09 -26.29 -13.80
C ASP A 1134 1.20 -25.80 -12.36
N SER A 1135 1.52 -26.72 -11.45
CA SER A 1135 1.65 -26.45 -10.02
C SER A 1135 0.37 -25.90 -9.45
N PRO A 1136 -0.71 -26.68 -9.43
CA PRO A 1136 -1.96 -26.20 -8.84
C PRO A 1136 -1.85 -26.09 -7.33
N THR A 1137 -2.66 -25.20 -6.78
CA THR A 1137 -2.75 -25.03 -5.33
C THR A 1137 -3.86 -25.90 -4.79
N VAL A 1138 -3.54 -26.71 -3.80
CA VAL A 1138 -4.49 -27.68 -3.25
C VAL A 1138 -5.31 -26.99 -2.18
N ALA A 1139 -6.64 -26.94 -2.37
CA ALA A 1139 -7.49 -26.32 -1.37
C ALA A 1139 -7.49 -27.12 -0.08
N TYR A 1140 -7.76 -28.41 -0.16
CA TYR A 1140 -7.72 -29.28 1.00
C TYR A 1140 -7.68 -30.72 0.54
N SER A 1141 -7.05 -31.56 1.34
CA SER A 1141 -6.96 -32.97 1.04
C SER A 1141 -8.20 -33.69 1.54
N VAL A 1142 -8.56 -34.76 0.86
CA VAL A 1142 -9.73 -35.56 1.20
C VAL A 1142 -9.28 -37.00 1.36
N LEU A 1143 -9.54 -37.58 2.52
CA LEU A 1143 -9.22 -38.98 2.75
C LEU A 1143 -10.31 -39.86 2.16
N VAL A 1144 -9.94 -40.71 1.21
CA VAL A 1144 -10.87 -41.59 0.52
C VAL A 1144 -10.40 -43.03 0.72
N VAL A 1145 -11.30 -43.89 1.16
CA VAL A 1145 -11.04 -45.31 1.30
C VAL A 1145 -11.85 -46.02 0.23
N ALA A 1146 -11.18 -46.56 -0.77
CA ALA A 1146 -11.86 -47.13 -1.93
C ALA A 1146 -11.00 -48.24 -2.50
N LYS A 1147 -11.34 -48.65 -3.73
CA LYS A 1147 -10.61 -49.67 -4.46
C LYS A 1147 -10.26 -49.15 -5.84
N VAL A 1148 -9.10 -49.57 -6.34
CA VAL A 1148 -8.61 -49.10 -7.64
C VAL A 1148 -8.35 -50.31 -8.51
N GLU A 1149 -8.33 -50.08 -9.82
CA GLU A 1149 -8.04 -51.11 -10.80
C GLU A 1149 -6.54 -51.15 -11.03
N LYS A 1150 -5.90 -52.25 -10.67
CA LYS A 1150 -4.47 -52.40 -10.80
C LYS A 1150 -4.15 -53.59 -11.70
N GLY A 1151 -3.23 -53.40 -12.63
CA GLY A 1151 -2.81 -54.46 -13.52
C GLY A 1151 -3.74 -54.62 -14.71
N LYS A 1152 -3.35 -55.55 -15.58
CA LYS A 1152 -4.15 -55.83 -16.77
C LYS A 1152 -5.53 -56.35 -16.39
N SER A 1153 -5.59 -57.23 -15.37
CA SER A 1153 -6.86 -57.75 -14.91
C SER A 1153 -7.73 -56.70 -14.26
N LYS A 1154 -7.18 -55.53 -13.94
CA LYS A 1154 -7.93 -54.44 -13.31
C LYS A 1154 -8.58 -54.91 -12.01
N LYS A 1155 -7.84 -55.68 -11.23
CA LYS A 1155 -8.36 -56.14 -9.95
C LYS A 1155 -8.54 -54.98 -8.99
N LEU A 1156 -9.57 -55.06 -8.17
CA LEU A 1156 -9.92 -54.00 -7.23
C LEU A 1156 -9.15 -54.20 -5.93
N LYS A 1157 -8.13 -53.37 -5.73
CA LYS A 1157 -7.35 -53.40 -4.50
C LYS A 1157 -7.81 -52.28 -3.58
N SER A 1158 -8.16 -52.62 -2.35
CA SER A 1158 -8.56 -51.60 -1.40
C SER A 1158 -7.40 -50.65 -1.13
N VAL A 1159 -7.67 -49.35 -1.24
CA VAL A 1159 -6.63 -48.34 -1.08
C VAL A 1159 -7.15 -47.24 -0.17
N LYS A 1160 -6.29 -46.78 0.72
CA LYS A 1160 -6.52 -45.60 1.55
C LYS A 1160 -5.49 -44.57 1.17
N GLU A 1161 -5.93 -43.38 0.78
CA GLU A 1161 -4.98 -42.38 0.32
C GLU A 1161 -5.61 -41.00 0.44
N LEU A 1162 -4.77 -39.99 0.30
CA LEU A 1162 -5.19 -38.59 0.36
C LEU A 1162 -5.24 -38.04 -1.05
N LEU A 1163 -6.32 -37.35 -1.37
CA LEU A 1163 -6.49 -36.74 -2.68
C LEU A 1163 -6.51 -35.23 -2.53
N GLY A 1164 -5.66 -34.55 -3.27
CA GLY A 1164 -5.60 -33.11 -3.20
C GLY A 1164 -6.62 -32.44 -4.08
N ILE A 1165 -7.67 -31.89 -3.49
CA ILE A 1165 -8.70 -31.19 -4.25
C ILE A 1165 -8.20 -29.78 -4.50
N THR A 1166 -7.74 -29.51 -5.73
CA THR A 1166 -7.18 -28.22 -6.05
C THR A 1166 -8.27 -27.16 -6.08
N ILE A 1167 -7.86 -25.90 -6.15
CA ILE A 1167 -8.80 -24.80 -6.08
C ILE A 1167 -9.72 -24.79 -7.29
N MET A 1168 -9.20 -25.14 -8.46
CA MET A 1168 -10.02 -25.10 -9.67
C MET A 1168 -11.17 -26.08 -9.60
N GLU A 1169 -10.92 -27.29 -9.08
CA GLU A 1169 -11.91 -28.35 -9.07
C GLU A 1169 -12.60 -28.50 -7.74
N ARG A 1170 -12.45 -27.52 -6.83
CA ARG A 1170 -13.12 -27.61 -5.54
C ARG A 1170 -14.63 -27.55 -5.70
N SER A 1171 -15.14 -26.62 -6.51
CA SER A 1171 -16.57 -26.53 -6.70
C SER A 1171 -17.11 -27.78 -7.37
N SER A 1172 -16.38 -28.32 -8.35
CA SER A 1172 -16.81 -29.54 -9.01
C SER A 1172 -16.85 -30.70 -8.03
N PHE A 1173 -15.86 -30.80 -7.14
CA PHE A 1173 -15.88 -31.86 -6.15
C PHE A 1173 -17.02 -31.70 -5.17
N GLU A 1174 -17.23 -30.50 -4.66
CA GLU A 1174 -18.26 -30.32 -3.64
C GLU A 1174 -19.66 -30.48 -4.22
N LYS A 1175 -19.82 -30.22 -5.51
CA LYS A 1175 -21.12 -30.44 -6.13
C LYS A 1175 -21.51 -31.91 -6.11
N ASN A 1176 -20.57 -32.81 -6.41
CA ASN A 1176 -20.87 -34.24 -6.45
C ASN A 1176 -19.60 -35.03 -6.14
N PRO A 1177 -19.32 -35.28 -4.87
CA PRO A 1177 -18.10 -36.01 -4.51
C PRO A 1177 -18.02 -37.39 -5.10
N ILE A 1178 -19.14 -38.12 -5.18
CA ILE A 1178 -19.11 -39.48 -5.70
C ILE A 1178 -18.65 -39.49 -7.14
N ASP A 1179 -19.25 -38.65 -7.98
CA ASP A 1179 -18.87 -38.62 -9.37
C ASP A 1179 -17.44 -38.11 -9.54
N PHE A 1180 -17.06 -37.11 -8.74
CA PHE A 1180 -15.70 -36.60 -8.84
C PHE A 1180 -14.68 -37.69 -8.52
N LEU A 1181 -14.95 -38.48 -7.48
CA LEU A 1181 -13.98 -39.51 -7.09
C LEU A 1181 -13.99 -40.67 -8.06
N GLU A 1182 -15.16 -41.03 -8.60
CA GLU A 1182 -15.22 -42.12 -9.57
C GLU A 1182 -14.49 -41.76 -10.85
N ALA A 1183 -14.60 -40.50 -11.29
CA ALA A 1183 -13.91 -40.11 -12.51
C ALA A 1183 -12.39 -40.18 -12.35
N LYS A 1184 -11.89 -39.97 -11.14
CA LYS A 1184 -10.46 -40.00 -10.91
C LYS A 1184 -9.88 -41.41 -11.00
N GLY A 1185 -10.72 -42.43 -10.94
CA GLY A 1185 -10.28 -43.81 -11.03
C GLY A 1185 -10.62 -44.68 -9.83
N TYR A 1186 -11.11 -44.12 -8.73
CA TYR A 1186 -11.45 -44.89 -7.56
C TYR A 1186 -12.87 -45.43 -7.66
N LYS A 1187 -13.06 -46.65 -7.20
CA LYS A 1187 -14.37 -47.30 -7.21
C LYS A 1187 -14.80 -47.65 -5.79
N GLU A 1188 -16.10 -47.58 -5.56
CA GLU A 1188 -16.71 -47.97 -4.29
C GLU A 1188 -16.16 -47.17 -3.12
N VAL A 1189 -16.14 -45.84 -3.27
CA VAL A 1189 -15.72 -44.96 -2.19
C VAL A 1189 -16.83 -44.92 -1.14
N LYS A 1190 -16.53 -44.42 0.05
CA LYS A 1190 -17.49 -44.32 1.13
C LYS A 1190 -17.70 -42.85 1.47
N LYS A 1191 -18.93 -42.36 1.25
CA LYS A 1191 -19.21 -40.96 1.54
C LYS A 1191 -19.02 -40.67 3.02
N ASP A 1192 -19.47 -41.57 3.88
CA ASP A 1192 -19.29 -41.37 5.32
C ASP A 1192 -17.82 -41.39 5.71
N LEU A 1193 -17.03 -42.26 5.11
CA LEU A 1193 -15.62 -42.39 5.46
C LEU A 1193 -14.76 -41.29 4.87
N ILE A 1194 -15.28 -40.54 3.89
CA ILE A 1194 -14.56 -39.38 3.37
C ILE A 1194 -14.36 -38.37 4.48
N ILE A 1195 -13.13 -37.91 4.66
CA ILE A 1195 -12.77 -36.95 5.69
C ILE A 1195 -12.11 -35.75 5.01
N LYS A 1196 -12.60 -34.56 5.32
CA LYS A 1196 -12.04 -33.33 4.80
C LYS A 1196 -10.87 -32.89 5.69
N LEU A 1197 -9.71 -32.70 5.07
CA LEU A 1197 -8.48 -32.40 5.81
C LEU A 1197 -7.86 -31.11 5.29
N PRO A 1198 -8.16 -29.98 5.90
CA PRO A 1198 -7.54 -28.73 5.44
C PRO A 1198 -6.06 -28.67 5.76
N LYS A 1199 -5.43 -27.55 5.44
CA LYS A 1199 -4.01 -27.38 5.71
C LYS A 1199 -3.76 -27.35 7.21
N TYR A 1200 -2.54 -27.72 7.59
CA TYR A 1200 -2.11 -27.70 8.99
C TYR A 1200 -2.91 -28.65 9.86
N SER A 1201 -3.49 -29.69 9.28
CA SER A 1201 -4.13 -30.72 10.08
C SER A 1201 -3.09 -31.50 10.86
N LEU A 1202 -3.38 -31.79 12.12
CA LEU A 1202 -2.42 -32.37 13.04
C LEU A 1202 -2.60 -33.88 13.14
N PHE A 1203 -1.49 -34.60 13.13
CA PHE A 1203 -1.49 -36.05 13.28
C PHE A 1203 -0.51 -36.43 14.39
N GLU A 1204 -0.91 -37.38 15.22
CA GLU A 1204 -0.11 -37.90 16.31
C GLU A 1204 0.27 -39.34 15.97
N LEU A 1205 1.56 -39.62 15.83
CA LEU A 1205 1.98 -40.91 15.30
C LEU A 1205 2.55 -41.85 16.35
N GLU A 1206 3.64 -41.47 17.01
CA GLU A 1206 4.27 -42.33 18.01
C GLU A 1206 5.37 -41.55 18.70
N ASN A 1207 5.62 -41.90 19.97
CA ASN A 1207 6.58 -41.19 20.80
C ASN A 1207 6.27 -39.71 20.84
N GLY A 1208 5.00 -39.36 20.69
CA GLY A 1208 4.62 -37.97 20.67
C GLY A 1208 4.98 -37.25 19.41
N ARG A 1209 5.42 -37.95 18.37
CA ARG A 1209 5.80 -37.30 17.13
C ARG A 1209 4.56 -36.76 16.44
N LYS A 1210 4.63 -35.50 16.02
CA LYS A 1210 3.48 -34.84 15.41
C LYS A 1210 3.86 -34.33 14.03
N ARG A 1211 2.98 -34.53 13.06
CA ARG A 1211 3.15 -34.04 11.71
C ARG A 1211 1.95 -33.19 11.32
N MET A 1212 2.18 -32.09 10.62
CA MET A 1212 1.12 -31.21 10.16
C MET A 1212 1.03 -31.29 8.65
N LEU A 1213 -0.19 -31.38 8.13
CA LEU A 1213 -0.41 -31.58 6.71
C LEU A 1213 -0.09 -30.31 5.95
N ALA A 1214 1.04 -30.32 5.23
CA ALA A 1214 1.36 -29.20 4.36
C ALA A 1214 0.55 -29.23 3.07
N SER A 1215 0.34 -30.40 2.52
CA SER A 1215 -0.46 -30.60 1.31
C SER A 1215 -0.76 -32.08 1.20
N ALA A 1216 -1.31 -32.50 0.06
CA ALA A 1216 -1.60 -33.90 -0.11
C ALA A 1216 -0.35 -34.76 -0.24
N GLY A 1217 0.81 -34.16 -0.42
CA GLY A 1217 2.03 -34.93 -0.56
C GLY A 1217 3.21 -34.39 0.23
N GLU A 1218 2.93 -33.57 1.23
CA GLU A 1218 3.98 -32.99 2.06
C GLU A 1218 3.47 -32.86 3.48
N LEU A 1219 4.41 -32.84 4.42
CA LEU A 1219 4.10 -32.74 5.84
C LEU A 1219 5.01 -31.70 6.46
N GLN A 1220 4.65 -31.25 7.65
CA GLN A 1220 5.44 -30.27 8.37
C GLN A 1220 5.68 -30.76 9.79
N LYS A 1221 6.75 -30.26 10.40
CA LYS A 1221 7.00 -30.58 11.79
C LYS A 1221 5.90 -30.00 12.66
N GLY A 1222 5.61 -30.68 13.76
CA GLY A 1222 4.54 -30.24 14.63
C GLY A 1222 4.85 -30.35 16.12
N ASN A 1223 6.12 -30.31 16.47
CA ASN A 1223 6.56 -30.46 17.85
C ASN A 1223 7.38 -29.26 18.27
N GLU A 1224 7.26 -28.90 19.55
CA GLU A 1224 7.96 -27.75 20.11
C GLU A 1224 8.95 -28.22 21.16
N LEU A 1225 10.18 -27.73 21.09
CA LEU A 1225 11.20 -28.10 22.07
C LEU A 1225 11.05 -27.24 23.31
N ALA A 1226 10.89 -27.88 24.47
CA ALA A 1226 10.74 -27.18 25.73
C ALA A 1226 12.10 -27.15 26.43
N LEU A 1227 12.97 -26.29 25.93
CA LEU A 1227 14.31 -26.19 26.49
C LEU A 1227 14.26 -25.54 27.88
N PRO A 1228 15.08 -25.99 28.82
CA PRO A 1228 15.07 -25.40 30.16
C PRO A 1228 15.43 -23.92 30.14
N SER A 1229 14.81 -23.18 31.06
CA SER A 1229 15.06 -21.75 31.14
C SER A 1229 16.50 -21.44 31.47
N LYS A 1230 17.20 -22.34 32.18
CA LYS A 1230 18.62 -22.11 32.40
C LYS A 1230 19.38 -22.07 31.09
N TYR A 1231 19.08 -22.99 30.18
CA TYR A 1231 19.73 -22.97 28.87
C TYR A 1231 19.33 -21.73 28.08
N VAL A 1232 18.06 -21.32 28.18
CA VAL A 1232 17.63 -20.12 27.45
C VAL A 1232 18.40 -18.90 27.95
N ASN A 1233 18.50 -18.76 29.27
CA ASN A 1233 19.19 -17.61 29.83
C ASN A 1233 20.66 -17.64 29.46
N PHE A 1234 21.28 -18.82 29.49
CA PHE A 1234 22.68 -18.88 29.09
C PHE A 1234 22.85 -18.45 27.65
N LEU A 1235 21.96 -18.90 26.76
CA LEU A 1235 22.09 -18.52 25.37
C LEU A 1235 21.93 -17.02 25.18
N TYR A 1236 20.95 -16.42 25.86
CA TYR A 1236 20.79 -14.97 25.76
C TYR A 1236 22.04 -14.24 26.22
N LEU A 1237 22.54 -14.60 27.40
CA LEU A 1237 23.69 -13.88 27.95
C LEU A 1237 24.93 -14.07 27.09
N ALA A 1238 25.16 -15.28 26.58
CA ALA A 1238 26.35 -15.49 25.77
C ALA A 1238 26.23 -14.83 24.40
N SER A 1239 25.04 -14.84 23.82
CA SER A 1239 24.86 -14.27 22.49
C SER A 1239 24.80 -12.76 22.49
N HIS A 1240 24.59 -12.13 23.64
CA HIS A 1240 24.53 -10.67 23.70
C HIS A 1240 23.39 -10.15 22.84
N TYR A 1241 22.18 -10.58 23.18
CA TYR A 1241 21.01 -10.06 22.48
C TYR A 1241 20.91 -8.56 22.68
N GLU A 1242 20.70 -7.83 21.59
CA GLU A 1242 20.62 -6.37 21.60
C GLU A 1242 21.87 -5.76 22.23
N LYS A 1243 23.03 -6.35 21.92
CA LYS A 1243 24.35 -5.90 22.41
C LYS A 1243 24.29 -5.92 23.94
N LEU A 1244 24.91 -4.96 24.61
CA LEU A 1244 24.93 -4.87 26.06
C LEU A 1244 24.26 -3.58 26.50
N LYS A 1245 23.32 -3.68 27.42
CA LYS A 1245 22.58 -2.53 27.94
C LYS A 1245 22.57 -2.56 29.46
N GLY A 1246 23.73 -2.84 30.07
CA GLY A 1246 23.84 -2.91 31.50
C GLY A 1246 25.03 -2.10 31.99
N SER A 1247 25.07 -1.89 33.30
CA SER A 1247 26.15 -1.16 33.92
C SER A 1247 27.45 -1.96 33.82
N PRO A 1248 28.60 -1.28 33.80
CA PRO A 1248 29.87 -2.01 33.71
C PRO A 1248 30.09 -2.98 34.86
N GLU A 1249 29.61 -2.64 36.06
CA GLU A 1249 29.70 -3.57 37.18
C GLU A 1249 28.83 -4.80 36.92
N ASP A 1250 27.61 -4.60 36.43
CA ASP A 1250 26.74 -5.72 36.16
C ASP A 1250 27.14 -6.46 34.89
N ASN A 1251 27.72 -5.76 33.93
CA ASN A 1251 28.16 -6.41 32.70
C ASN A 1251 29.29 -7.38 32.99
N GLU A 1252 30.19 -7.03 33.91
CA GLU A 1252 31.35 -7.86 34.19
C GLU A 1252 30.94 -9.20 34.78
N GLN A 1253 29.99 -9.21 35.71
CA GLN A 1253 29.63 -10.46 36.38
C GLN A 1253 28.92 -11.43 35.44
N LYS A 1254 28.15 -10.92 34.49
CA LYS A 1254 27.48 -11.81 33.53
C LYS A 1254 28.48 -12.50 32.62
N GLN A 1255 29.53 -11.79 32.23
CA GLN A 1255 30.60 -12.40 31.45
C GLN A 1255 31.25 -13.53 32.24
N LEU A 1256 31.49 -13.32 33.53
CA LEU A 1256 32.05 -14.39 34.35
C LEU A 1256 31.08 -15.56 34.48
N PHE A 1257 29.78 -15.27 34.56
CA PHE A 1257 28.79 -16.34 34.60
C PHE A 1257 28.84 -17.19 33.35
N VAL A 1258 28.93 -16.56 32.18
CA VAL A 1258 29.05 -17.33 30.94
C VAL A 1258 30.35 -18.13 30.93
N GLU A 1259 31.44 -17.52 31.39
CA GLU A 1259 32.71 -18.22 31.41
C GLU A 1259 32.64 -19.48 32.27
N GLN A 1260 31.97 -19.39 33.43
CA GLN A 1260 31.81 -20.57 34.26
C GLN A 1260 30.84 -21.57 33.66
N HIS A 1261 29.86 -21.11 32.90
CA HIS A 1261 28.86 -21.97 32.27
C HIS A 1261 29.21 -22.27 30.82
N LYS A 1262 30.49 -22.32 30.50
CA LYS A 1262 30.92 -22.77 29.17
C LYS A 1262 30.27 -24.09 28.78
N HIS A 1263 30.16 -25.01 29.73
CA HIS A 1263 29.73 -26.37 29.41
C HIS A 1263 28.26 -26.49 29.02
N TYR A 1264 27.47 -25.43 29.13
CA TYR A 1264 26.07 -25.50 28.74
C TYR A 1264 25.90 -25.69 27.23
N LEU A 1265 26.92 -25.37 26.44
CA LEU A 1265 26.81 -25.56 25.00
C LEU A 1265 26.66 -27.02 24.64
N ASP A 1266 27.45 -27.89 25.27
CA ASP A 1266 27.37 -29.32 24.98
C ASP A 1266 26.00 -29.86 25.35
N GLU A 1267 25.45 -29.43 26.48
CA GLU A 1267 24.12 -29.89 26.86
C GLU A 1267 23.05 -29.36 25.90
N ILE A 1268 23.19 -28.14 25.42
CA ILE A 1268 22.21 -27.65 24.43
C ILE A 1268 22.27 -28.51 23.17
N ILE A 1269 23.47 -28.83 22.71
CA ILE A 1269 23.62 -29.71 21.55
C ILE A 1269 23.01 -31.07 21.85
N GLU A 1270 23.24 -31.58 23.05
CA GLU A 1270 22.70 -32.90 23.40
C GLU A 1270 21.18 -32.89 23.41
N GLN A 1271 20.57 -31.83 23.93
CA GLN A 1271 19.13 -31.72 23.92
C GLN A 1271 18.60 -31.67 22.50
N ILE A 1272 19.23 -30.88 21.64
CA ILE A 1272 18.78 -30.81 20.24
C ILE A 1272 18.92 -32.17 19.57
N SER A 1273 20.03 -32.87 19.80
CA SER A 1273 20.24 -34.14 19.13
C SER A 1273 19.21 -35.17 19.58
N GLU A 1274 18.95 -35.28 20.87
CA GLU A 1274 17.98 -36.28 21.30
C GLU A 1274 16.56 -35.90 20.86
N PHE A 1275 16.24 -34.62 20.86
CA PHE A 1275 14.94 -34.22 20.33
C PHE A 1275 14.80 -34.57 18.86
N SER A 1276 15.85 -34.35 18.07
CA SER A 1276 15.80 -34.69 16.66
C SER A 1276 15.66 -36.20 16.47
N LYS A 1277 16.38 -36.98 17.26
CA LYS A 1277 16.28 -38.42 17.16
C LYS A 1277 14.88 -38.90 17.51
N ARG A 1278 14.24 -38.27 18.50
CA ARG A 1278 12.90 -38.71 18.87
C ARG A 1278 11.85 -38.25 17.87
N VAL A 1279 12.00 -37.06 17.28
CA VAL A 1279 10.92 -36.47 16.50
C VAL A 1279 11.33 -36.12 15.08
N ILE A 1280 12.35 -35.28 14.92
CA ILE A 1280 12.66 -34.73 13.60
C ILE A 1280 13.03 -35.84 12.62
N LEU A 1281 13.86 -36.79 13.05
CA LEU A 1281 14.27 -37.92 12.22
C LEU A 1281 14.95 -37.46 10.93
N ALA A 1282 15.83 -36.49 11.03
CA ALA A 1282 16.65 -36.02 9.91
C ALA A 1282 18.08 -36.46 10.20
N ASP A 1283 18.41 -37.70 9.81
CA ASP A 1283 19.67 -38.32 10.19
C ASP A 1283 20.86 -37.62 9.54
N ALA A 1284 20.80 -37.40 8.23
CA ALA A 1284 21.93 -36.77 7.54
C ALA A 1284 22.16 -35.36 8.05
N ASN A 1285 21.10 -34.59 8.23
CA ASN A 1285 21.25 -33.23 8.75
C ASN A 1285 21.80 -33.25 10.16
N LEU A 1286 21.37 -34.21 10.99
CA LEU A 1286 21.89 -34.29 12.35
C LEU A 1286 23.38 -34.59 12.34
N ASP A 1287 23.82 -35.51 11.48
CA ASP A 1287 25.25 -35.80 11.40
C ASP A 1287 26.03 -34.59 10.92
N LYS A 1288 25.51 -33.86 9.92
CA LYS A 1288 26.23 -32.67 9.46
C LYS A 1288 26.33 -31.63 10.57
N VAL A 1289 25.24 -31.42 11.32
CA VAL A 1289 25.26 -30.45 12.40
C VAL A 1289 26.28 -30.84 13.46
N LEU A 1290 26.30 -32.11 13.85
CA LEU A 1290 27.24 -32.56 14.87
C LEU A 1290 28.68 -32.42 14.38
N SER A 1291 28.93 -32.76 13.11
CA SER A 1291 30.29 -32.61 12.59
C SER A 1291 30.72 -31.15 12.58
N ALA A 1292 29.81 -30.24 12.21
CA ALA A 1292 30.15 -28.83 12.24
C ALA A 1292 30.44 -28.37 13.65
N TYR A 1293 29.63 -28.81 14.62
CA TYR A 1293 29.87 -28.41 16.00
C TYR A 1293 31.23 -28.91 16.50
N ASN A 1294 31.58 -30.15 16.14
CA ASN A 1294 32.89 -30.67 16.55
C ASN A 1294 34.02 -29.90 15.90
N LYS A 1295 33.86 -29.51 14.63
CA LYS A 1295 34.96 -28.83 13.95
C LYS A 1295 35.11 -27.39 14.41
N HIS A 1296 34.05 -26.75 14.88
CA HIS A 1296 34.11 -25.36 15.33
C HIS A 1296 34.04 -25.23 16.85
N ARG A 1297 34.73 -26.12 17.57
CA ARG A 1297 34.63 -26.12 19.02
C ARG A 1297 35.52 -25.08 19.68
N ASP A 1298 36.62 -24.69 19.03
CA ASP A 1298 37.60 -23.81 19.67
C ASP A 1298 37.25 -22.33 19.61
N LYS A 1299 36.26 -21.92 18.82
CA LYS A 1299 35.95 -20.52 18.68
C LYS A 1299 35.33 -19.94 19.95
N PRO A 1300 35.32 -18.61 20.08
CA PRO A 1300 34.80 -17.99 21.31
C PRO A 1300 33.36 -18.35 21.60
N ILE A 1301 33.02 -18.26 22.88
CA ILE A 1301 31.70 -18.64 23.36
C ILE A 1301 30.64 -17.77 22.72
N ARG A 1302 30.95 -16.49 22.52
CA ARG A 1302 29.99 -15.60 21.87
C ARG A 1302 29.61 -16.11 20.48
N GLU A 1303 30.61 -16.42 19.67
CA GLU A 1303 30.34 -16.89 18.31
C GLU A 1303 29.63 -18.23 18.32
N GLN A 1304 30.07 -19.14 19.20
CA GLN A 1304 29.43 -20.45 19.24
C GLN A 1304 27.96 -20.35 19.63
N ALA A 1305 27.64 -19.52 20.62
CA ALA A 1305 26.24 -19.35 21.01
C ALA A 1305 25.45 -18.68 19.90
N GLU A 1306 26.06 -17.70 19.24
CA GLU A 1306 25.39 -17.03 18.14
C GLU A 1306 25.02 -18.01 17.05
N ASN A 1307 25.90 -18.97 16.77
CA ASN A 1307 25.59 -19.97 15.75
C ASN A 1307 24.63 -21.04 16.27
N ILE A 1308 24.68 -21.37 17.56
CA ILE A 1308 23.79 -22.38 18.12
C ILE A 1308 22.36 -21.88 18.07
N ILE A 1309 22.15 -20.57 18.14
CA ILE A 1309 20.80 -20.04 17.96
C ILE A 1309 20.23 -20.50 16.63
N HIS A 1310 21.07 -20.61 15.59
CA HIS A 1310 20.59 -21.06 14.29
C HIS A 1310 20.18 -22.53 14.27
N LEU A 1311 20.77 -23.35 15.12
CA LEU A 1311 20.49 -24.78 15.06
C LEU A 1311 19.05 -25.11 15.43
N PHE A 1312 18.37 -24.22 16.12
CA PHE A 1312 16.99 -24.47 16.48
C PHE A 1312 16.05 -24.35 15.29
N THR A 1313 16.54 -23.88 14.15
CA THR A 1313 15.73 -23.96 12.94
C THR A 1313 15.50 -25.41 12.54
N LEU A 1314 16.45 -26.29 12.84
CA LEU A 1314 16.26 -27.72 12.58
C LEU A 1314 15.10 -28.28 13.39
N THR A 1315 15.05 -27.95 14.68
CA THR A 1315 14.00 -28.43 15.58
C THR A 1315 13.02 -27.30 15.84
N ASN A 1316 12.08 -27.12 14.91
CA ASN A 1316 11.09 -26.07 15.03
C ASN A 1316 9.74 -26.60 14.61
N LEU A 1317 8.73 -25.75 14.70
CA LEU A 1317 7.38 -26.07 14.26
C LEU A 1317 7.11 -25.35 12.96
N GLY A 1318 6.61 -26.07 11.97
CA GLY A 1318 6.33 -25.46 10.68
C GLY A 1318 7.13 -26.08 9.56
N ALA A 1319 7.16 -25.40 8.42
CA ALA A 1319 7.84 -25.93 7.25
C ALA A 1319 9.33 -26.01 7.48
N PRO A 1320 9.98 -27.08 7.03
CA PRO A 1320 11.44 -27.16 7.15
C PRO A 1320 12.11 -26.03 6.37
N ALA A 1321 13.19 -25.51 6.92
CA ALA A 1321 13.93 -24.42 6.29
C ALA A 1321 15.42 -24.67 6.40
N ALA A 1322 16.16 -24.11 5.46
CA ALA A 1322 17.62 -24.24 5.46
C ALA A 1322 18.24 -23.24 6.41
N PHE A 1323 19.24 -23.68 7.16
CA PHE A 1323 19.96 -22.80 8.07
C PHE A 1323 21.45 -22.87 7.80
N LYS A 1324 22.26 -22.27 8.67
CA LYS A 1324 23.70 -22.20 8.47
C LYS A 1324 24.39 -22.22 9.81
N TYR A 1325 25.31 -23.15 9.99
CA TYR A 1325 26.14 -23.21 11.19
C TYR A 1325 27.56 -22.87 10.76
N PHE A 1326 27.99 -21.64 11.05
CA PHE A 1326 29.30 -21.12 10.64
C PHE A 1326 29.33 -21.10 9.12
N ASP A 1327 30.33 -21.71 8.49
CA ASP A 1327 30.37 -21.80 7.03
C ASP A 1327 29.44 -22.88 6.51
N THR A 1328 29.28 -23.96 7.27
CA THR A 1328 28.50 -25.10 6.81
C THR A 1328 27.03 -24.71 6.68
N THR A 1329 26.45 -25.05 5.55
CA THR A 1329 25.03 -24.81 5.30
C THR A 1329 24.30 -26.14 5.22
N ILE A 1330 23.17 -26.22 5.90
CA ILE A 1330 22.36 -27.42 5.94
C ILE A 1330 21.05 -27.13 5.22
N ASP A 1331 20.75 -27.90 4.19
CA ASP A 1331 19.57 -27.68 3.39
C ASP A 1331 18.35 -28.26 4.08
N ARG A 1332 17.20 -28.20 3.41
CA ARG A 1332 15.96 -28.68 4.00
C ARG A 1332 15.87 -30.19 3.91
N LYS A 1333 15.31 -30.80 4.95
CA LYS A 1333 14.90 -32.20 4.93
C LYS A 1333 13.38 -32.21 4.88
N ARG A 1334 12.84 -32.19 3.67
CA ARG A 1334 11.40 -32.13 3.49
C ARG A 1334 10.79 -33.52 3.62
N TYR A 1335 9.62 -33.57 4.23
CA TYR A 1335 8.84 -34.80 4.38
C TYR A 1335 7.83 -34.83 3.25
N THR A 1336 8.15 -35.55 2.19
CA THR A 1336 7.36 -35.57 0.95
C THR A 1336 6.53 -36.83 0.82
N SER A 1337 5.97 -37.35 1.91
CA SER A 1337 5.17 -38.57 1.84
C SER A 1337 4.11 -38.55 2.92
N THR A 1338 2.84 -38.54 2.52
CA THR A 1338 1.73 -38.57 3.47
C THR A 1338 1.17 -39.96 3.65
N LYS A 1339 1.95 -41.00 3.36
CA LYS A 1339 1.45 -42.35 3.52
C LYS A 1339 1.44 -42.78 4.98
N GLU A 1340 2.41 -42.32 5.77
CA GLU A 1340 2.52 -42.75 7.15
C GLU A 1340 1.40 -42.22 8.03
N VAL A 1341 0.83 -41.06 7.68
CA VAL A 1341 -0.19 -40.46 8.52
C VAL A 1341 -1.54 -41.14 8.43
N LEU A 1342 -1.73 -42.06 7.49
CA LEU A 1342 -3.02 -42.72 7.35
C LEU A 1342 -3.31 -43.74 8.44
N ASP A 1343 -2.33 -44.05 9.30
CA ASP A 1343 -2.58 -44.94 10.43
C ASP A 1343 -2.36 -44.25 11.76
N ALA A 1344 -2.15 -42.94 11.77
CA ALA A 1344 -1.92 -42.18 12.98
C ALA A 1344 -3.24 -41.66 13.54
N THR A 1345 -3.15 -40.76 14.52
CA THR A 1345 -4.32 -40.20 15.17
C THR A 1345 -4.52 -38.76 14.71
N LEU A 1346 -5.69 -38.47 14.15
CA LEU A 1346 -6.01 -37.14 13.66
C LEU A 1346 -6.67 -36.34 14.78
N ILE A 1347 -6.07 -35.21 15.16
CA ILE A 1347 -6.54 -34.40 16.28
C ILE A 1347 -7.23 -33.16 15.74
N HIS A 1348 -8.48 -32.95 16.17
CA HIS A 1348 -9.23 -31.74 15.89
C HIS A 1348 -9.17 -30.83 17.11
N GLN A 1349 -8.41 -29.76 17.02
CA GLN A 1349 -8.18 -28.86 18.15
C GLN A 1349 -9.04 -27.62 18.03
N SER A 1350 -9.65 -27.20 19.13
CA SER A 1350 -10.42 -25.97 19.10
C SER A 1350 -9.47 -24.78 19.08
N ILE A 1351 -10.03 -23.56 19.20
CA ILE A 1351 -9.21 -22.37 19.07
C ILE A 1351 -8.20 -22.21 20.20
N THR A 1352 -8.37 -22.92 21.32
CA THR A 1352 -7.37 -22.89 22.36
C THR A 1352 -6.65 -24.21 22.52
N GLY A 1353 -7.12 -25.27 21.90
CA GLY A 1353 -6.49 -26.56 22.02
C GLY A 1353 -6.91 -27.35 23.22
N LEU A 1354 -7.74 -26.77 24.09
CA LEU A 1354 -8.20 -27.49 25.28
C LEU A 1354 -9.29 -28.51 24.93
N TYR A 1355 -10.05 -28.26 23.88
CA TYR A 1355 -11.09 -29.18 23.44
C TYR A 1355 -10.59 -29.92 22.22
N GLU A 1356 -10.63 -31.25 22.27
CA GLU A 1356 -10.09 -32.08 21.21
C GLU A 1356 -11.04 -33.18 20.83
N THR A 1357 -10.90 -33.67 19.60
CA THR A 1357 -11.63 -34.82 19.09
C THR A 1357 -10.63 -35.69 18.35
N ARG A 1358 -10.13 -36.75 18.99
CA ARG A 1358 -9.13 -37.62 18.39
C ARG A 1358 -9.80 -38.70 17.57
N ILE A 1359 -9.44 -38.79 16.29
CA ILE A 1359 -9.98 -39.79 15.38
C ILE A 1359 -8.83 -40.67 14.94
N ASP A 1360 -8.92 -41.97 15.24
CA ASP A 1360 -7.89 -42.93 14.86
C ASP A 1360 -8.17 -43.45 13.46
N LEU A 1361 -7.40 -43.01 12.47
CA LEU A 1361 -7.66 -43.39 11.10
C LEU A 1361 -7.24 -44.82 10.78
N SER A 1362 -6.52 -45.49 11.68
CA SER A 1362 -6.10 -46.86 11.40
C SER A 1362 -7.29 -47.80 11.30
N GLN A 1363 -8.31 -47.59 12.14
CA GLN A 1363 -9.43 -48.51 12.17
C GLN A 1363 -10.21 -48.51 10.87
N LEU A 1364 -10.57 -47.33 10.37
CA LEU A 1364 -11.39 -47.25 9.16
C LEU A 1364 -10.59 -47.44 7.89
#